data_2N3H
#
_entry.id   2N3H
#
_entity_poly.entity_id   1
_entity_poly.type   'polypeptide(L)'
_entity_poly.pdbx_seq_one_letter_code
;MDHVYKGQLQAYALQHNLELPVYANEREGPPHAPRFRCNVTFCGQTFQSSEFFPTLKSAEHAAAKIAVASLTPQSPEGID
VAYKNLLQEIAQKESSLLPFYATATSGPSHAPTFTSTVEFAGKVFSGEEAKTKKLAEMSAAKVAFMSIKNGNS
;
_entity_poly.pdbx_strand_id   A
#
# COMPACT_ATOMS: atom_id res chain seq x y z
N VAL A 81 9.84 12.10 -5.35
CA VAL A 81 9.62 11.82 -3.91
C VAL A 81 9.07 10.42 -3.74
N ALA A 82 8.76 10.05 -2.50
CA ALA A 82 8.23 8.73 -2.22
C ALA A 82 7.37 8.75 -0.95
N TYR A 83 6.06 8.89 -1.14
CA TYR A 83 5.14 8.92 -0.01
C TYR A 83 5.48 7.82 1.00
N LYS A 84 6.27 6.85 0.55
CA LYS A 84 6.67 5.74 1.42
C LYS A 84 7.53 6.27 2.58
N ASN A 85 8.42 7.22 2.27
CA ASN A 85 9.28 7.78 3.29
C ASN A 85 8.46 8.56 4.32
N LEU A 86 7.57 9.41 3.83
CA LEU A 86 6.75 10.22 4.71
C LEU A 86 5.89 9.33 5.61
N LEU A 87 5.33 8.28 5.03
CA LEU A 87 4.48 7.36 5.78
C LEU A 87 5.24 6.82 6.99
N GLN A 88 6.53 6.57 6.81
CA GLN A 88 7.36 6.06 7.90
C GLN A 88 7.58 7.15 8.95
N GLU A 89 7.74 8.38 8.49
CA GLU A 89 7.99 9.50 9.40
C GLU A 89 6.84 9.66 10.39
N ILE A 90 5.62 9.67 9.88
CA ILE A 90 4.45 9.80 10.73
C ILE A 90 4.32 8.60 11.66
N ALA A 91 4.76 7.44 11.18
CA ALA A 91 4.67 6.23 11.99
C ALA A 91 5.37 6.43 13.33
N GLN A 92 6.60 6.94 13.26
CA GLN A 92 7.37 7.17 14.48
C GLN A 92 6.75 8.27 15.31
N LYS A 93 6.45 9.40 14.68
CA LYS A 93 5.87 10.53 15.38
C LYS A 93 4.54 10.12 16.03
N GLU A 94 3.67 9.51 15.25
CA GLU A 94 2.37 9.08 15.76
C GLU A 94 2.54 7.91 16.72
N SER A 95 3.71 7.29 16.68
CA SER A 95 3.99 6.15 17.55
C SER A 95 3.36 4.88 16.98
N SER A 96 2.86 4.97 15.76
CA SER A 96 2.22 3.83 15.12
C SER A 96 3.27 2.84 14.60
N LEU A 97 2.84 1.62 14.33
CA LEU A 97 3.76 0.60 13.82
C LEU A 97 4.20 0.92 12.40
N LEU A 98 5.52 0.93 12.19
CA LEU A 98 6.07 1.22 10.88
C LEU A 98 5.32 0.44 9.80
N PRO A 99 4.73 1.14 8.86
CA PRO A 99 3.98 0.51 7.74
C PRO A 99 4.75 -0.61 7.06
N PHE A 100 4.03 -1.60 6.53
CA PHE A 100 4.67 -2.73 5.86
C PHE A 100 4.01 -2.99 4.51
N TYR A 101 4.83 -3.18 3.47
CA TYR A 101 4.29 -3.43 2.13
C TYR A 101 4.23 -4.92 1.83
N ALA A 102 3.20 -5.34 1.10
CA ALA A 102 3.05 -6.75 0.75
C ALA A 102 2.41 -6.91 -0.62
N THR A 103 2.78 -7.97 -1.33
CA THR A 103 2.22 -8.23 -2.65
C THR A 103 1.82 -9.67 -2.79
N ALA A 104 0.72 -9.92 -3.49
CA ALA A 104 0.24 -11.29 -3.68
C ALA A 104 0.17 -11.62 -5.16
N THR A 105 0.43 -12.89 -5.50
CA THR A 105 0.39 -13.33 -6.88
C THR A 105 -0.73 -14.34 -7.08
N SER A 106 -1.59 -14.08 -8.07
CA SER A 106 -2.69 -14.98 -8.36
C SER A 106 -3.30 -14.65 -9.73
N GLY A 107 -3.95 -15.64 -10.33
CA GLY A 107 -4.57 -15.44 -11.64
C GLY A 107 -4.13 -16.51 -12.63
N PRO A 108 -4.82 -16.61 -13.73
CA PRO A 108 -4.50 -17.60 -14.79
C PRO A 108 -3.10 -17.40 -15.39
N SER A 109 -2.50 -18.49 -15.88
CA SER A 109 -1.18 -18.41 -16.48
C SER A 109 -1.22 -17.55 -17.73
N HIS A 110 -2.40 -17.36 -18.29
CA HIS A 110 -2.57 -16.54 -19.48
C HIS A 110 -2.83 -15.10 -19.10
N ALA A 111 -3.62 -14.89 -18.05
CA ALA A 111 -3.93 -13.55 -17.58
C ALA A 111 -3.57 -13.41 -16.10
N PRO A 112 -2.32 -13.21 -15.81
CA PRO A 112 -1.84 -13.05 -14.41
C PRO A 112 -2.14 -11.66 -13.85
N THR A 113 -2.17 -11.56 -12.53
CA THR A 113 -2.45 -10.29 -11.88
C THR A 113 -1.87 -10.26 -10.47
N PHE A 114 -1.52 -9.07 -9.99
CA PHE A 114 -0.96 -8.94 -8.65
C PHE A 114 -1.61 -7.78 -7.92
N THR A 115 -1.74 -7.92 -6.61
CA THR A 115 -2.35 -6.88 -5.79
C THR A 115 -1.46 -6.56 -4.60
N SER A 116 -1.10 -5.29 -4.46
CA SER A 116 -0.24 -4.86 -3.36
C SER A 116 -1.09 -4.24 -2.25
N THR A 117 -0.92 -4.75 -1.03
CA THR A 117 -1.68 -4.26 0.11
C THR A 117 -0.74 -3.78 1.21
N VAL A 118 -1.05 -2.63 1.81
CA VAL A 118 -0.23 -2.08 2.87
C VAL A 118 -1.01 -2.05 4.17
N GLU A 119 -0.30 -2.22 5.29
CA GLU A 119 -0.93 -2.21 6.60
C GLU A 119 -0.23 -1.21 7.53
N PHE A 120 -1.03 -0.42 8.23
CA PHE A 120 -0.48 0.57 9.15
C PHE A 120 -1.58 1.13 10.04
N ALA A 121 -1.18 1.70 11.17
CA ALA A 121 -2.15 2.29 12.10
C ALA A 121 -3.21 1.27 12.47
N GLY A 122 -2.89 -0.01 12.29
CA GLY A 122 -3.83 -1.08 12.61
C GLY A 122 -4.91 -1.18 11.55
N LYS A 123 -4.62 -0.68 10.36
CA LYS A 123 -5.58 -0.71 9.26
C LYS A 123 -4.92 -1.23 8.00
N VAL A 124 -5.71 -1.84 7.12
CA VAL A 124 -5.18 -2.37 5.87
C VAL A 124 -5.86 -1.72 4.68
N PHE A 125 -5.06 -1.17 3.76
CA PHE A 125 -5.60 -0.53 2.57
C PHE A 125 -5.27 -1.34 1.33
N SER A 126 -6.30 -1.80 0.63
CA SER A 126 -6.10 -2.60 -0.57
C SER A 126 -5.84 -1.69 -1.77
N GLY A 127 -4.87 -2.09 -2.59
CA GLY A 127 -4.53 -1.32 -3.79
C GLY A 127 -5.45 -1.68 -4.94
N GLU A 128 -5.10 -1.22 -6.14
CA GLU A 128 -5.91 -1.50 -7.32
C GLU A 128 -5.32 -2.66 -8.11
N GLU A 129 -6.15 -3.61 -8.50
CA GLU A 129 -5.70 -4.75 -9.27
C GLU A 129 -4.96 -4.28 -10.52
N ALA A 130 -3.93 -5.03 -10.90
CA ALA A 130 -3.13 -4.68 -12.07
C ALA A 130 -2.20 -5.82 -12.44
N LYS A 131 -1.73 -5.82 -13.68
CA LYS A 131 -0.82 -6.86 -14.15
C LYS A 131 0.63 -6.44 -13.92
N THR A 132 0.87 -5.70 -12.85
CA THR A 132 2.22 -5.24 -12.54
C THR A 132 2.34 -4.90 -11.05
N LYS A 133 3.54 -5.08 -10.51
CA LYS A 133 3.78 -4.78 -9.10
C LYS A 133 3.97 -3.28 -8.87
N LYS A 134 4.55 -2.61 -9.86
CA LYS A 134 4.81 -1.19 -9.74
C LYS A 134 3.51 -0.42 -9.50
N LEU A 135 2.53 -0.64 -10.38
CA LEU A 135 1.25 0.04 -10.26
C LEU A 135 0.52 -0.39 -8.99
N ALA A 136 0.59 -1.68 -8.68
CA ALA A 136 -0.09 -2.20 -7.49
C ALA A 136 0.38 -1.45 -6.25
N GLU A 137 1.69 -1.43 -6.03
CA GLU A 137 2.25 -0.75 -4.87
C GLU A 137 1.84 0.72 -4.86
N MET A 138 1.85 1.34 -6.04
CA MET A 138 1.48 2.75 -6.16
C MET A 138 0.03 2.96 -5.74
N SER A 139 -0.84 2.06 -6.17
CA SER A 139 -2.26 2.16 -5.85
C SER A 139 -2.47 2.06 -4.34
N ALA A 140 -1.67 1.22 -3.70
CA ALA A 140 -1.79 1.03 -2.25
C ALA A 140 -1.38 2.30 -1.51
N ALA A 141 -0.25 2.86 -1.90
CA ALA A 141 0.25 4.07 -1.26
C ALA A 141 -0.61 5.28 -1.62
N LYS A 142 -1.26 5.19 -2.79
CA LYS A 142 -2.12 6.28 -3.24
C LYS A 142 -3.39 6.37 -2.39
N VAL A 143 -4.06 5.23 -2.21
CA VAL A 143 -5.29 5.20 -1.43
C VAL A 143 -5.00 5.46 0.04
N ALA A 144 -3.90 4.89 0.53
CA ALA A 144 -3.53 5.06 1.92
C ALA A 144 -3.25 6.52 2.25
N PHE A 145 -2.50 7.19 1.38
CA PHE A 145 -2.18 8.59 1.60
C PHE A 145 -3.45 9.43 1.63
N MET A 146 -4.38 9.13 0.73
CA MET A 146 -5.63 9.87 0.67
C MET A 146 -6.42 9.71 1.97
N SER A 147 -6.41 8.50 2.51
CA SER A 147 -7.14 8.22 3.74
C SER A 147 -6.50 8.94 4.92
N ILE A 148 -5.18 8.89 4.99
CA ILE A 148 -4.46 9.54 6.09
C ILE A 148 -4.80 11.01 6.16
N LYS A 149 -5.12 11.60 5.01
CA LYS A 149 -5.47 13.02 4.96
C LYS A 149 -6.72 13.30 5.78
N ASN A 150 -7.70 12.40 5.66
CA ASN A 150 -8.95 12.57 6.40
C ASN A 150 -8.83 11.98 7.81
N GLY A 151 -8.77 12.86 8.81
CA GLY A 151 -8.66 12.42 10.19
C GLY A 151 -8.60 13.62 11.13
N VAL A 81 10.48 11.78 -5.02
CA VAL A 81 9.53 11.75 -3.87
C VAL A 81 9.05 10.31 -3.65
N ALA A 82 8.75 9.97 -2.40
CA ALA A 82 8.29 8.64 -2.06
C ALA A 82 7.43 8.67 -0.81
N TYR A 83 6.13 8.73 -1.00
CA TYR A 83 5.18 8.75 0.12
C TYR A 83 5.55 7.68 1.13
N LYS A 84 6.38 6.74 0.69
CA LYS A 84 6.81 5.65 1.56
C LYS A 84 7.61 6.21 2.74
N ASN A 85 8.45 7.19 2.45
CA ASN A 85 9.27 7.80 3.50
C ASN A 85 8.41 8.54 4.52
N LEU A 86 7.46 9.33 4.03
CA LEU A 86 6.59 10.08 4.90
C LEU A 86 5.78 9.16 5.80
N LEU A 87 5.29 8.07 5.22
CA LEU A 87 4.50 7.09 5.99
C LEU A 87 5.31 6.60 7.17
N GLN A 88 6.61 6.47 6.98
CA GLN A 88 7.48 6.01 8.05
C GLN A 88 7.68 7.12 9.08
N GLU A 89 7.79 8.37 8.59
CA GLU A 89 8.00 9.50 9.48
C GLU A 89 6.83 9.69 10.44
N ILE A 90 5.62 9.72 9.88
CA ILE A 90 4.42 9.89 10.69
C ILE A 90 4.21 8.67 11.59
N ALA A 91 4.43 7.48 11.04
CA ALA A 91 4.28 6.25 11.81
C ALA A 91 5.16 6.28 13.06
N GLN A 92 6.42 6.62 12.87
CA GLN A 92 7.36 6.68 13.99
C GLN A 92 7.06 7.88 14.88
N LYS A 93 6.75 9.01 14.25
CA LYS A 93 6.45 10.23 15.02
C LYS A 93 5.24 10.02 15.91
N GLU A 94 4.17 9.49 15.34
CA GLU A 94 2.95 9.23 16.10
C GLU A 94 3.12 8.00 16.97
N SER A 95 4.35 7.50 17.05
CA SER A 95 4.64 6.31 17.86
C SER A 95 3.74 5.15 17.46
N SER A 96 3.00 5.34 16.36
CA SER A 96 2.10 4.30 15.87
C SER A 96 2.89 3.03 15.56
N LEU A 97 2.66 2.47 14.36
CA LEU A 97 3.34 1.26 13.94
C LEU A 97 3.84 1.40 12.52
N LEU A 98 5.14 1.19 12.32
CA LEU A 98 5.72 1.30 10.99
C LEU A 98 4.84 0.60 9.95
N PRO A 99 4.87 1.07 8.73
CA PRO A 99 4.06 0.48 7.62
C PRO A 99 4.52 -0.93 7.26
N PHE A 100 3.74 -1.60 6.42
CA PHE A 100 4.09 -2.95 5.99
C PHE A 100 3.69 -3.16 4.53
N TYR A 101 4.68 -3.35 3.67
CA TYR A 101 4.42 -3.57 2.25
C TYR A 101 4.38 -5.05 1.93
N ALA A 102 3.33 -5.48 1.24
CA ALA A 102 3.18 -6.88 0.87
C ALA A 102 2.46 -7.01 -0.47
N THR A 103 2.80 -8.05 -1.23
CA THR A 103 2.19 -8.28 -2.52
C THR A 103 1.83 -9.75 -2.69
N ALA A 104 0.74 -10.01 -3.41
CA ALA A 104 0.29 -11.38 -3.65
C ALA A 104 0.21 -11.65 -5.14
N THR A 105 0.52 -12.91 -5.53
CA THR A 105 0.48 -13.29 -6.94
C THR A 105 -0.61 -14.33 -7.17
N SER A 106 -1.48 -14.04 -8.12
CA SER A 106 -2.58 -14.95 -8.44
C SER A 106 -3.13 -14.64 -9.82
N GLY A 107 -3.89 -15.59 -10.37
CA GLY A 107 -4.49 -15.41 -11.69
C GLY A 107 -4.00 -16.50 -12.66
N PRO A 108 -4.69 -16.66 -13.75
CA PRO A 108 -4.33 -17.68 -14.79
C PRO A 108 -2.95 -17.42 -15.39
N SER A 109 -2.30 -18.49 -15.84
CA SER A 109 -0.99 -18.37 -16.44
C SER A 109 -1.06 -17.52 -17.71
N HIS A 110 -2.26 -17.39 -18.26
CA HIS A 110 -2.45 -16.60 -19.48
C HIS A 110 -2.74 -15.15 -19.14
N ALA A 111 -3.61 -14.95 -18.14
CA ALA A 111 -3.96 -13.59 -17.70
C ALA A 111 -3.70 -13.44 -16.20
N PRO A 112 -2.46 -13.28 -15.82
CA PRO A 112 -2.07 -13.13 -14.39
C PRO A 112 -2.36 -11.73 -13.85
N THR A 113 -2.35 -11.61 -12.52
CA THR A 113 -2.61 -10.31 -11.88
C THR A 113 -1.98 -10.27 -10.51
N PHE A 114 -1.62 -9.07 -10.07
CA PHE A 114 -0.99 -8.89 -8.76
C PHE A 114 -1.67 -7.75 -8.00
N THR A 115 -1.75 -7.90 -6.67
CA THR A 115 -2.36 -6.87 -5.85
C THR A 115 -1.48 -6.59 -4.63
N SER A 116 -1.17 -5.31 -4.41
CA SER A 116 -0.33 -4.93 -3.28
C SER A 116 -1.18 -4.36 -2.16
N THR A 117 -0.97 -4.86 -0.94
CA THR A 117 -1.72 -4.40 0.23
C THR A 117 -0.78 -3.81 1.25
N VAL A 118 -1.12 -2.64 1.77
CA VAL A 118 -0.31 -1.96 2.77
C VAL A 118 -1.03 -1.89 4.10
N GLU A 119 -0.28 -1.98 5.19
CA GLU A 119 -0.85 -1.93 6.52
C GLU A 119 -0.11 -0.93 7.40
N PHE A 120 -0.87 -0.18 8.19
CA PHE A 120 -0.27 0.81 9.08
C PHE A 120 -1.29 1.34 10.07
N ALA A 121 -0.83 1.92 11.17
CA ALA A 121 -1.72 2.48 12.18
C ALA A 121 -2.77 1.44 12.60
N GLY A 122 -2.44 0.16 12.39
CA GLY A 122 -3.35 -0.92 12.75
C GLY A 122 -4.50 -1.03 11.74
N LYS A 123 -4.28 -0.53 10.54
CA LYS A 123 -5.30 -0.57 9.49
C LYS A 123 -4.69 -1.08 8.19
N VAL A 124 -5.52 -1.73 7.37
CA VAL A 124 -5.05 -2.27 6.09
C VAL A 124 -5.77 -1.62 4.93
N PHE A 125 -5.02 -1.06 3.99
CA PHE A 125 -5.60 -0.40 2.83
C PHE A 125 -5.32 -1.23 1.58
N SER A 126 -6.38 -1.71 0.94
CA SER A 126 -6.24 -2.51 -0.26
C SER A 126 -6.01 -1.62 -1.48
N GLY A 127 -5.01 -1.97 -2.28
CA GLY A 127 -4.69 -1.20 -3.48
C GLY A 127 -5.57 -1.65 -4.64
N GLU A 128 -5.21 -1.21 -5.85
CA GLU A 128 -5.97 -1.56 -7.04
C GLU A 128 -5.40 -2.84 -7.66
N GLU A 129 -5.99 -3.26 -8.78
CA GLU A 129 -5.53 -4.46 -9.49
C GLU A 129 -4.89 -4.07 -10.82
N ALA A 130 -3.87 -4.83 -11.21
CA ALA A 130 -3.17 -4.57 -12.46
C ALA A 130 -2.22 -5.71 -12.79
N LYS A 131 -1.79 -5.75 -14.04
CA LYS A 131 -0.85 -6.79 -14.49
C LYS A 131 0.58 -6.36 -14.22
N THR A 132 0.79 -5.67 -13.11
CA THR A 132 2.13 -5.20 -12.74
C THR A 132 2.21 -4.94 -11.24
N LYS A 133 3.40 -5.12 -10.68
CA LYS A 133 3.62 -4.88 -9.25
C LYS A 133 3.83 -3.40 -8.97
N LYS A 134 4.47 -2.71 -9.91
CA LYS A 134 4.75 -1.29 -9.74
C LYS A 134 3.47 -0.50 -9.50
N LEU A 135 2.51 -0.65 -10.41
CA LEU A 135 1.25 0.05 -10.28
C LEU A 135 0.51 -0.40 -9.02
N ALA A 136 0.59 -1.69 -8.73
CA ALA A 136 -0.09 -2.22 -7.55
C ALA A 136 0.38 -1.53 -6.29
N GLU A 137 1.70 -1.52 -6.06
CA GLU A 137 2.26 -0.89 -4.88
C GLU A 137 1.88 0.60 -4.84
N MET A 138 1.97 1.25 -5.99
CA MET A 138 1.63 2.66 -6.07
C MET A 138 0.16 2.89 -5.70
N SER A 139 -0.71 2.01 -6.16
CA SER A 139 -2.13 2.12 -5.87
C SER A 139 -2.37 2.10 -4.37
N ALA A 140 -1.64 1.24 -3.66
CA ALA A 140 -1.79 1.12 -2.22
C ALA A 140 -1.38 2.42 -1.52
N ALA A 141 -0.28 3.01 -1.97
CA ALA A 141 0.21 4.25 -1.39
C ALA A 141 -0.72 5.41 -1.72
N LYS A 142 -1.39 5.31 -2.86
CA LYS A 142 -2.31 6.37 -3.27
C LYS A 142 -3.58 6.38 -2.43
N VAL A 143 -4.19 5.21 -2.28
CA VAL A 143 -5.41 5.09 -1.50
C VAL A 143 -5.14 5.36 -0.02
N ALA A 144 -4.04 4.81 0.48
CA ALA A 144 -3.67 4.98 1.88
C ALA A 144 -3.40 6.45 2.18
N PHE A 145 -2.63 7.10 1.33
CA PHE A 145 -2.30 8.51 1.52
C PHE A 145 -3.56 9.36 1.53
N MET A 146 -4.47 9.07 0.61
CA MET A 146 -5.72 9.82 0.52
C MET A 146 -6.52 9.69 1.81
N SER A 147 -6.50 8.50 2.42
CA SER A 147 -7.23 8.27 3.66
C SER A 147 -6.56 9.00 4.83
N ILE A 148 -5.25 8.90 4.89
CA ILE A 148 -4.49 9.55 5.97
C ILE A 148 -4.80 11.04 6.01
N LYS A 149 -5.09 11.62 4.86
CA LYS A 149 -5.40 13.03 4.77
C LYS A 149 -6.65 13.36 5.59
N ASN A 150 -7.66 12.52 5.48
CA ASN A 150 -8.91 12.72 6.22
C ASN A 150 -8.82 12.10 7.60
N GLY A 151 -8.76 12.96 8.62
CA GLY A 151 -8.68 12.49 10.00
C GLY A 151 -8.10 13.57 10.91
N VAL A 81 10.04 12.18 -2.56
CA VAL A 81 9.47 11.67 -3.84
C VAL A 81 8.94 10.26 -3.64
N ALA A 82 8.65 9.90 -2.39
CA ALA A 82 8.15 8.58 -2.08
C ALA A 82 7.33 8.63 -0.80
N TYR A 83 6.03 8.72 -0.97
CA TYR A 83 5.11 8.76 0.17
C TYR A 83 5.47 7.68 1.18
N LYS A 84 6.27 6.72 0.73
CA LYS A 84 6.69 5.63 1.60
C LYS A 84 7.54 6.16 2.74
N ASN A 85 8.39 7.14 2.43
CA ASN A 85 9.25 7.73 3.44
C ASN A 85 8.43 8.50 4.47
N LEU A 86 7.51 9.32 3.98
CA LEU A 86 6.67 10.10 4.85
C LEU A 86 5.82 9.20 5.75
N LEU A 87 5.31 8.14 5.17
CA LEU A 87 4.47 7.21 5.91
C LEU A 87 5.23 6.70 7.14
N GLN A 88 6.53 6.51 6.97
CA GLN A 88 7.35 6.04 8.07
C GLN A 88 7.55 7.15 9.10
N GLU A 89 7.65 8.39 8.63
CA GLU A 89 7.85 9.51 9.53
C GLU A 89 6.70 9.64 10.52
N ILE A 90 5.48 9.57 10.00
CA ILE A 90 4.29 9.68 10.84
C ILE A 90 4.21 8.50 11.80
N ALA A 91 4.69 7.35 11.35
CA ALA A 91 4.65 6.15 12.18
C ALA A 91 5.36 6.39 13.51
N GLN A 92 6.56 6.95 13.45
CA GLN A 92 7.31 7.24 14.67
C GLN A 92 6.65 8.34 15.48
N LYS A 93 6.31 9.44 14.82
CA LYS A 93 5.68 10.57 15.50
C LYS A 93 4.37 10.13 16.16
N GLU A 94 3.52 9.49 15.39
CA GLU A 94 2.24 9.02 15.89
C GLU A 94 2.43 7.88 16.88
N SER A 95 3.64 7.32 16.90
CA SER A 95 3.95 6.21 17.81
C SER A 95 3.32 4.92 17.29
N SER A 96 2.82 4.96 16.07
CA SER A 96 2.17 3.79 15.47
C SER A 96 3.22 2.82 14.94
N LEU A 97 2.79 1.61 14.62
CA LEU A 97 3.72 0.59 14.12
C LEU A 97 4.12 0.91 12.68
N LEU A 98 5.41 0.81 12.41
CA LEU A 98 5.93 1.10 11.08
C LEU A 98 5.06 0.44 10.01
N PRO A 99 5.04 1.01 8.83
CA PRO A 99 4.23 0.47 7.68
C PRO A 99 4.66 -0.94 7.29
N PHE A 100 3.87 -1.58 6.43
CA PHE A 100 4.19 -2.93 5.97
C PHE A 100 3.74 -3.11 4.53
N TYR A 101 4.69 -3.37 3.65
CA TYR A 101 4.39 -3.57 2.23
C TYR A 101 4.42 -5.06 1.88
N ALA A 102 3.44 -5.50 1.11
CA ALA A 102 3.36 -6.90 0.72
C ALA A 102 2.79 -7.03 -0.69
N THR A 103 3.25 -8.04 -1.42
CA THR A 103 2.78 -8.28 -2.79
C THR A 103 2.25 -9.70 -2.94
N ALA A 104 1.05 -9.83 -3.50
CA ALA A 104 0.44 -11.14 -3.69
C ALA A 104 0.38 -11.48 -5.18
N THR A 105 0.66 -12.75 -5.52
CA THR A 105 0.62 -13.20 -6.90
C THR A 105 -0.44 -14.27 -7.09
N SER A 106 -1.37 -14.00 -8.00
CA SER A 106 -2.45 -14.94 -8.29
C SER A 106 -3.09 -14.62 -9.63
N GLY A 107 -3.83 -15.58 -10.18
CA GLY A 107 -4.51 -15.39 -11.46
C GLY A 107 -4.15 -16.49 -12.44
N PRO A 108 -4.89 -16.60 -13.51
CA PRO A 108 -4.65 -17.63 -14.57
C PRO A 108 -3.28 -17.46 -15.21
N SER A 109 -2.73 -18.57 -15.69
CA SER A 109 -1.43 -18.54 -16.34
C SER A 109 -1.49 -17.70 -17.61
N HIS A 110 -2.71 -17.45 -18.10
CA HIS A 110 -2.89 -16.65 -19.31
C HIS A 110 -3.09 -15.19 -18.96
N ALA A 111 -3.91 -14.93 -17.93
CA ALA A 111 -4.18 -13.56 -17.49
C ALA A 111 -3.86 -13.40 -16.01
N PRO A 112 -2.60 -13.27 -15.69
CA PRO A 112 -2.15 -13.10 -14.28
C PRO A 112 -2.40 -11.70 -13.75
N THR A 113 -2.36 -11.55 -12.43
CA THR A 113 -2.57 -10.25 -11.80
C THR A 113 -1.93 -10.22 -10.43
N PHE A 114 -1.52 -9.03 -10.01
CA PHE A 114 -0.88 -8.87 -8.71
C PHE A 114 -1.53 -7.72 -7.95
N THR A 115 -1.64 -7.86 -6.63
CA THR A 115 -2.25 -6.82 -5.81
C THR A 115 -1.34 -6.50 -4.62
N SER A 116 -1.00 -5.22 -4.48
CA SER A 116 -0.13 -4.79 -3.38
C SER A 116 -0.99 -4.25 -2.24
N THR A 117 -0.82 -4.85 -1.06
CA THR A 117 -1.58 -4.42 0.13
C THR A 117 -0.64 -3.84 1.17
N VAL A 118 -0.99 -2.66 1.68
CA VAL A 118 -0.18 -1.99 2.69
C VAL A 118 -0.94 -1.94 4.00
N GLU A 119 -0.19 -2.08 5.11
CA GLU A 119 -0.80 -2.04 6.44
C GLU A 119 -0.08 -1.04 7.33
N PHE A 120 -0.86 -0.25 8.05
CA PHE A 120 -0.28 0.75 8.95
C PHE A 120 -1.35 1.32 9.89
N ALA A 121 -0.91 1.87 11.02
CA ALA A 121 -1.85 2.45 11.98
C ALA A 121 -2.91 1.42 12.38
N GLY A 122 -2.59 0.14 12.19
CA GLY A 122 -3.51 -0.92 12.55
C GLY A 122 -4.62 -1.03 11.51
N LYS A 123 -4.36 -0.54 10.31
CA LYS A 123 -5.33 -0.60 9.22
C LYS A 123 -4.70 -1.12 7.95
N VAL A 124 -5.50 -1.73 7.09
CA VAL A 124 -5.00 -2.29 5.83
C VAL A 124 -5.74 -1.67 4.66
N PHE A 125 -4.98 -1.15 3.69
CA PHE A 125 -5.56 -0.54 2.50
C PHE A 125 -5.24 -1.37 1.27
N SER A 126 -6.28 -1.84 0.59
CA SER A 126 -6.10 -2.65 -0.61
C SER A 126 -5.82 -1.75 -1.82
N GLY A 127 -4.86 -2.14 -2.63
CA GLY A 127 -4.50 -1.37 -3.82
C GLY A 127 -5.42 -1.74 -4.98
N GLU A 128 -5.09 -1.26 -6.18
CA GLU A 128 -5.87 -1.55 -7.36
C GLU A 128 -5.24 -2.69 -8.16
N GLU A 129 -6.08 -3.63 -8.59
CA GLU A 129 -5.60 -4.76 -9.37
C GLU A 129 -4.88 -4.26 -10.63
N ALA A 130 -3.86 -5.01 -11.05
CA ALA A 130 -3.10 -4.63 -12.23
C ALA A 130 -2.16 -5.76 -12.64
N LYS A 131 -1.72 -5.74 -13.89
CA LYS A 131 -0.81 -6.77 -14.40
C LYS A 131 0.64 -6.36 -14.17
N THR A 132 0.87 -5.67 -13.06
CA THR A 132 2.22 -5.23 -12.73
C THR A 132 2.34 -4.93 -11.24
N LYS A 133 3.54 -5.13 -10.69
CA LYS A 133 3.77 -4.86 -9.27
C LYS A 133 4.03 -3.39 -9.03
N LYS A 134 4.45 -2.68 -10.07
CA LYS A 134 4.74 -1.25 -9.95
C LYS A 134 3.46 -0.45 -9.73
N LEU A 135 2.49 -0.64 -10.63
CA LEU A 135 1.23 0.07 -10.52
C LEU A 135 0.49 -0.33 -9.25
N ALA A 136 0.52 -1.62 -8.95
CA ALA A 136 -0.18 -2.12 -7.77
C ALA A 136 0.31 -1.41 -6.51
N GLU A 137 1.63 -1.42 -6.30
CA GLU A 137 2.21 -0.77 -5.13
C GLU A 137 1.81 0.70 -5.09
N MET A 138 1.82 1.34 -6.25
CA MET A 138 1.48 2.76 -6.34
C MET A 138 0.03 2.99 -5.93
N SER A 139 -0.86 2.10 -6.35
CA SER A 139 -2.28 2.24 -6.01
C SER A 139 -2.49 2.13 -4.51
N ALA A 140 -1.78 1.21 -3.86
CA ALA A 140 -1.91 1.03 -2.42
C ALA A 140 -1.49 2.29 -1.67
N ALA A 141 -0.36 2.86 -2.08
CA ALA A 141 0.14 4.06 -1.45
C ALA A 141 -0.74 5.26 -1.79
N LYS A 142 -1.42 5.20 -2.92
CA LYS A 142 -2.30 6.29 -3.33
C LYS A 142 -3.54 6.38 -2.46
N VAL A 143 -4.21 5.25 -2.28
CA VAL A 143 -5.43 5.21 -1.47
C VAL A 143 -5.12 5.47 0.00
N ALA A 144 -4.00 4.91 0.47
CA ALA A 144 -3.61 5.07 1.86
C ALA A 144 -3.33 6.54 2.19
N PHE A 145 -2.58 7.20 1.33
CA PHE A 145 -2.24 8.60 1.53
C PHE A 145 -3.50 9.45 1.60
N MET A 146 -4.45 9.17 0.71
CA MET A 146 -5.69 9.93 0.68
C MET A 146 -6.46 9.75 1.97
N SER A 147 -6.46 8.52 2.49
CA SER A 147 -7.18 8.24 3.73
C SER A 147 -6.53 8.95 4.92
N ILE A 148 -5.20 8.93 4.95
CA ILE A 148 -4.48 9.57 6.05
C ILE A 148 -4.81 11.06 6.12
N LYS A 149 -5.11 11.65 4.97
CA LYS A 149 -5.44 13.07 4.92
C LYS A 149 -6.72 13.35 5.72
N ASN A 150 -7.69 12.46 5.60
CA ASN A 150 -8.95 12.64 6.31
C ASN A 150 -8.72 12.60 7.81
N GLY A 151 -7.86 11.70 8.26
CA GLY A 151 -7.56 11.57 9.68
C GLY A 151 -6.59 12.67 10.12
N VAL A 81 10.80 11.66 -4.49
CA VAL A 81 9.40 11.69 -3.99
C VAL A 81 8.91 10.25 -3.77
N ALA A 82 8.62 9.91 -2.51
CA ALA A 82 8.16 8.58 -2.17
C ALA A 82 7.32 8.64 -0.91
N TYR A 83 6.01 8.71 -1.08
CA TYR A 83 5.08 8.76 0.03
C TYR A 83 5.44 7.69 1.05
N LYS A 84 6.25 6.74 0.62
CA LYS A 84 6.67 5.65 1.50
C LYS A 84 7.49 6.21 2.66
N ASN A 85 8.37 7.16 2.33
CA ASN A 85 9.23 7.77 3.34
C ASN A 85 8.40 8.53 4.37
N LEU A 86 7.48 9.37 3.89
CA LEU A 86 6.63 10.15 4.76
C LEU A 86 5.78 9.26 5.64
N LEU A 87 5.28 8.17 5.06
CA LEU A 87 4.44 7.24 5.81
C LEU A 87 5.19 6.75 7.03
N GLN A 88 6.48 6.51 6.87
CA GLN A 88 7.30 6.04 7.97
C GLN A 88 7.47 7.15 9.02
N GLU A 89 7.57 8.40 8.55
CA GLU A 89 7.76 9.52 9.47
C GLU A 89 6.57 9.65 10.43
N ILE A 90 5.37 9.61 9.89
CA ILE A 90 4.17 9.73 10.71
C ILE A 90 4.04 8.53 11.64
N ALA A 91 4.46 7.36 11.17
CA ALA A 91 4.38 6.15 11.97
C ALA A 91 5.17 6.32 13.27
N GLN A 92 6.41 6.77 13.15
CA GLN A 92 7.26 6.96 14.32
C GLN A 92 6.72 8.07 15.20
N LYS A 93 6.39 9.21 14.58
CA LYS A 93 5.88 10.35 15.34
C LYS A 93 4.58 9.98 16.05
N GLU A 94 3.67 9.37 15.31
CA GLU A 94 2.38 8.98 15.88
C GLU A 94 2.56 7.80 16.82
N SER A 95 3.72 7.16 16.75
CA SER A 95 4.02 6.01 17.61
C SER A 95 3.36 4.75 17.07
N SER A 96 2.80 4.85 15.86
CA SER A 96 2.14 3.72 15.24
C SER A 96 3.16 2.74 14.66
N LEU A 97 2.71 1.54 14.35
CA LEU A 97 3.60 0.52 13.81
C LEU A 97 4.02 0.89 12.39
N LEU A 98 5.34 0.86 12.15
CA LEU A 98 5.86 1.20 10.84
C LEU A 98 5.04 0.52 9.74
N PRO A 99 4.92 1.13 8.59
CA PRO A 99 4.16 0.57 7.44
C PRO A 99 4.87 -0.64 6.83
N PHE A 100 4.09 -1.66 6.45
CA PHE A 100 4.67 -2.86 5.84
C PHE A 100 3.99 -3.11 4.52
N TYR A 101 4.78 -3.30 3.48
CA TYR A 101 4.22 -3.53 2.16
C TYR A 101 4.18 -5.02 1.84
N ALA A 102 3.16 -5.45 1.12
CA ALA A 102 3.02 -6.86 0.75
C ALA A 102 2.42 -6.98 -0.65
N THR A 103 2.86 -8.02 -1.38
CA THR A 103 2.37 -8.25 -2.74
C THR A 103 1.83 -9.67 -2.88
N ALA A 104 0.63 -9.80 -3.46
CA ALA A 104 0.01 -11.11 -3.65
C ALA A 104 -0.35 -11.31 -5.12
N THR A 105 -0.36 -12.56 -5.57
CA THR A 105 -0.70 -12.88 -6.94
C THR A 105 -2.05 -13.58 -7.01
N SER A 106 -2.88 -13.16 -7.95
CA SER A 106 -4.19 -13.76 -8.12
C SER A 106 -4.75 -13.45 -9.50
N GLY A 107 -5.77 -14.21 -9.91
CA GLY A 107 -6.38 -14.00 -11.22
C GLY A 107 -6.29 -15.25 -12.09
N PRO A 108 -6.73 -15.17 -13.32
CA PRO A 108 -6.68 -16.33 -14.27
C PRO A 108 -5.26 -16.78 -14.55
N SER A 109 -5.12 -18.06 -14.90
CA SER A 109 -3.82 -18.61 -15.22
C SER A 109 -3.29 -18.01 -16.52
N HIS A 110 -4.18 -17.38 -17.29
CA HIS A 110 -3.79 -16.76 -18.55
C HIS A 110 -3.40 -15.31 -18.33
N ALA A 111 -4.21 -14.61 -17.52
CA ALA A 111 -3.94 -13.20 -17.22
C ALA A 111 -3.86 -12.99 -15.70
N PRO A 112 -2.74 -13.34 -15.11
CA PRO A 112 -2.54 -13.19 -13.64
C PRO A 112 -2.14 -11.76 -13.26
N THR A 113 -2.85 -11.21 -12.28
CA THR A 113 -2.59 -9.85 -11.79
C THR A 113 -2.02 -9.89 -10.40
N PHE A 114 -1.61 -8.74 -9.89
CA PHE A 114 -1.03 -8.64 -8.55
C PHE A 114 -1.69 -7.52 -7.77
N THR A 115 -1.84 -7.73 -6.46
CA THR A 115 -2.45 -6.73 -5.59
C THR A 115 -1.51 -6.41 -4.44
N SER A 116 -1.13 -5.14 -4.33
CA SER A 116 -0.22 -4.72 -3.27
C SER A 116 -1.01 -4.15 -2.10
N THR A 117 -0.82 -4.74 -0.91
CA THR A 117 -1.52 -4.28 0.29
C THR A 117 -0.56 -3.55 1.21
N VAL A 118 -1.10 -2.74 2.11
CA VAL A 118 -0.29 -1.99 3.04
C VAL A 118 -0.96 -1.95 4.41
N GLU A 119 -0.17 -2.13 5.47
CA GLU A 119 -0.71 -2.11 6.83
C GLU A 119 -0.02 -1.04 7.67
N PHE A 120 -0.82 -0.18 8.29
CA PHE A 120 -0.28 0.88 9.12
C PHE A 120 -1.34 1.39 10.10
N ALA A 121 -0.89 1.95 11.23
CA ALA A 121 -1.82 2.48 12.23
C ALA A 121 -2.87 1.43 12.60
N GLY A 122 -2.52 0.17 12.44
CA GLY A 122 -3.44 -0.93 12.77
C GLY A 122 -4.55 -1.02 11.73
N LYS A 123 -4.29 -0.51 10.54
CA LYS A 123 -5.28 -0.53 9.46
C LYS A 123 -4.65 -1.07 8.18
N VAL A 124 -5.47 -1.69 7.35
CA VAL A 124 -5.00 -2.26 6.08
C VAL A 124 -5.74 -1.64 4.90
N PHE A 125 -4.97 -1.10 3.95
CA PHE A 125 -5.55 -0.47 2.77
C PHE A 125 -5.23 -1.30 1.52
N SER A 126 -6.27 -1.75 0.84
CA SER A 126 -6.09 -2.55 -0.37
C SER A 126 -5.84 -1.65 -1.56
N GLY A 127 -4.89 -2.05 -2.40
CA GLY A 127 -4.55 -1.27 -3.60
C GLY A 127 -5.48 -1.65 -4.75
N GLU A 128 -5.16 -1.17 -5.96
CA GLU A 128 -5.98 -1.45 -7.13
C GLU A 128 -5.38 -2.59 -7.95
N GLU A 129 -6.22 -3.52 -8.39
CA GLU A 129 -5.74 -4.63 -9.20
C GLU A 129 -4.95 -4.12 -10.39
N ALA A 130 -3.89 -4.83 -10.75
CA ALA A 130 -3.05 -4.44 -11.88
C ALA A 130 -2.17 -5.60 -12.32
N LYS A 131 -1.76 -5.57 -13.60
CA LYS A 131 -0.90 -6.63 -14.14
C LYS A 131 0.56 -6.27 -13.95
N THR A 132 0.85 -5.54 -12.88
CA THR A 132 2.22 -5.14 -12.59
C THR A 132 2.39 -4.79 -11.12
N LYS A 133 3.58 -5.02 -10.59
CA LYS A 133 3.87 -4.71 -9.20
C LYS A 133 4.01 -3.21 -8.98
N LYS A 134 4.67 -2.54 -9.93
CA LYS A 134 4.87 -1.10 -9.81
C LYS A 134 3.56 -0.37 -9.58
N LEU A 135 2.59 -0.58 -10.46
CA LEU A 135 1.30 0.06 -10.33
C LEU A 135 0.58 -0.41 -9.07
N ALA A 136 0.71 -1.70 -8.77
CA ALA A 136 0.05 -2.26 -7.59
C ALA A 136 0.49 -1.53 -6.33
N GLU A 137 1.80 -1.47 -6.10
CA GLU A 137 2.33 -0.80 -4.92
C GLU A 137 1.91 0.67 -4.92
N MET A 138 2.00 1.30 -6.08
CA MET A 138 1.64 2.72 -6.19
C MET A 138 0.17 2.92 -5.78
N SER A 139 -0.71 2.07 -6.29
CA SER A 139 -2.13 2.18 -5.98
C SER A 139 -2.38 2.00 -4.49
N ALA A 140 -1.62 1.11 -3.87
CA ALA A 140 -1.76 0.86 -2.44
C ALA A 140 -1.42 2.11 -1.64
N ALA A 141 -0.28 2.72 -1.97
CA ALA A 141 0.15 3.92 -1.28
C ALA A 141 -0.69 5.11 -1.68
N LYS A 142 -1.31 5.04 -2.86
CA LYS A 142 -2.15 6.13 -3.35
C LYS A 142 -3.46 6.22 -2.55
N VAL A 143 -4.12 5.09 -2.39
CA VAL A 143 -5.38 5.05 -1.65
C VAL A 143 -5.14 5.30 -0.17
N ALA A 144 -4.09 4.70 0.37
CA ALA A 144 -3.76 4.87 1.78
C ALA A 144 -3.43 6.33 2.09
N PHE A 145 -2.60 6.92 1.24
CA PHE A 145 -2.21 8.32 1.43
C PHE A 145 -3.42 9.24 1.38
N MET A 146 -4.31 8.99 0.43
CA MET A 146 -5.51 9.80 0.28
C MET A 146 -6.39 9.68 1.52
N SER A 147 -6.45 8.48 2.09
CA SER A 147 -7.26 8.26 3.28
C SER A 147 -6.62 8.91 4.51
N ILE A 148 -5.30 8.76 4.63
CA ILE A 148 -4.60 9.33 5.78
C ILE A 148 -4.84 10.84 5.87
N LYS A 149 -5.11 11.46 4.73
CA LYS A 149 -5.38 12.89 4.72
C LYS A 149 -6.61 13.24 5.55
N ASN A 150 -7.65 12.44 5.43
CA ASN A 150 -8.88 12.69 6.17
C ASN A 150 -8.66 12.53 7.66
N GLY A 151 -7.53 11.91 8.02
CA GLY A 151 -7.20 11.69 9.42
C GLY A 151 -7.16 13.00 10.19
N VAL A 81 10.81 12.23 -3.55
CA VAL A 81 9.33 12.17 -3.71
C VAL A 81 8.87 10.72 -3.56
N ALA A 82 8.55 10.32 -2.33
CA ALA A 82 8.12 8.96 -2.06
C ALA A 82 7.23 8.94 -0.80
N TYR A 83 5.94 8.99 -1.02
CA TYR A 83 4.98 8.97 0.07
C TYR A 83 5.34 7.86 1.06
N LYS A 84 6.19 6.95 0.62
CA LYS A 84 6.63 5.85 1.46
C LYS A 84 7.41 6.38 2.65
N ASN A 85 8.26 7.37 2.39
CA ASN A 85 9.07 7.96 3.46
C ASN A 85 8.20 8.65 4.50
N LEU A 86 7.26 9.47 4.02
CA LEU A 86 6.37 10.19 4.92
C LEU A 86 5.55 9.22 5.76
N LEU A 87 5.09 8.14 5.14
CA LEU A 87 4.28 7.15 5.84
C LEU A 87 5.05 6.63 7.06
N GLN A 88 6.35 6.47 6.90
CA GLN A 88 7.18 5.98 7.98
C GLN A 88 7.30 7.04 9.08
N GLU A 89 7.37 8.31 8.67
CA GLU A 89 7.51 9.40 9.64
C GLU A 89 6.31 9.45 10.59
N ILE A 90 5.12 9.41 10.01
CA ILE A 90 3.90 9.46 10.81
C ILE A 90 3.80 8.24 11.71
N ALA A 91 4.16 7.08 11.18
CA ALA A 91 4.10 5.84 11.94
C ALA A 91 4.98 5.94 13.18
N GLN A 92 6.22 6.38 13.00
CA GLN A 92 7.15 6.52 14.11
C GLN A 92 6.72 7.64 15.03
N LYS A 93 6.28 8.75 14.45
CA LYS A 93 5.84 9.90 15.24
C LYS A 93 4.65 9.53 16.12
N GLU A 94 3.64 8.91 15.50
CA GLU A 94 2.46 8.49 16.24
C GLU A 94 2.80 7.40 17.24
N SER A 95 3.93 6.73 17.01
CA SER A 95 4.36 5.66 17.89
C SER A 95 3.55 4.40 17.62
N SER A 96 2.96 4.34 16.44
CA SER A 96 2.14 3.19 16.05
C SER A 96 3.03 2.04 15.62
N LEU A 97 2.94 1.67 14.34
CA LEU A 97 3.75 0.58 13.79
C LEU A 97 4.22 0.93 12.39
N LEU A 98 5.53 0.83 12.17
CA LEU A 98 6.09 1.15 10.87
C LEU A 98 5.27 0.51 9.75
N PRO A 99 5.13 1.18 8.64
CA PRO A 99 4.34 0.66 7.47
C PRO A 99 5.04 -0.52 6.80
N PHE A 100 4.26 -1.54 6.41
CA PHE A 100 4.83 -2.72 5.76
C PHE A 100 4.08 -2.98 4.47
N TYR A 101 4.82 -3.15 3.39
CA TYR A 101 4.22 -3.39 2.09
C TYR A 101 4.17 -4.88 1.79
N ALA A 102 3.13 -5.32 1.08
CA ALA A 102 2.99 -6.73 0.72
C ALA A 102 2.28 -6.86 -0.62
N THR A 103 2.64 -7.91 -1.37
CA THR A 103 2.04 -8.15 -2.68
C THR A 103 1.57 -9.59 -2.79
N ALA A 104 0.38 -9.77 -3.37
CA ALA A 104 -0.19 -11.11 -3.55
C ALA A 104 -0.48 -11.38 -5.02
N THR A 105 -0.42 -12.66 -5.43
CA THR A 105 -0.68 -13.04 -6.80
C THR A 105 -2.01 -13.78 -6.89
N SER A 106 -2.79 -13.43 -7.91
CA SER A 106 -4.09 -14.06 -8.10
C SER A 106 -4.59 -13.79 -9.52
N GLY A 107 -5.54 -14.61 -9.96
CA GLY A 107 -6.12 -14.46 -11.30
C GLY A 107 -5.89 -15.71 -12.14
N PRO A 108 -6.34 -15.68 -13.37
CA PRO A 108 -6.18 -16.84 -14.31
C PRO A 108 -4.73 -17.18 -14.57
N SER A 109 -4.46 -18.45 -14.81
CA SER A 109 -3.10 -18.90 -15.09
C SER A 109 -2.60 -18.27 -16.39
N HIS A 110 -3.55 -17.74 -17.18
CA HIS A 110 -3.19 -17.10 -18.45
C HIS A 110 -2.91 -15.63 -18.24
N ALA A 111 -3.77 -14.98 -17.45
CA ALA A 111 -3.60 -13.55 -17.15
C ALA A 111 -3.57 -13.32 -15.63
N PRO A 112 -2.48 -13.61 -15.01
CA PRO A 112 -2.33 -13.43 -13.54
C PRO A 112 -2.00 -11.99 -13.16
N THR A 113 -2.78 -11.44 -12.22
CA THR A 113 -2.57 -10.07 -11.76
C THR A 113 -2.00 -10.07 -10.36
N PHE A 114 -1.64 -8.88 -9.88
CA PHE A 114 -1.06 -8.75 -8.55
C PHE A 114 -1.72 -7.59 -7.80
N THR A 115 -1.83 -7.74 -6.47
CA THR A 115 -2.44 -6.70 -5.64
C THR A 115 -1.52 -6.36 -4.49
N SER A 116 -1.15 -5.09 -4.37
CA SER A 116 -0.27 -4.65 -3.30
C SER A 116 -1.09 -4.07 -2.15
N THR A 117 -0.87 -4.61 -0.95
CA THR A 117 -1.60 -4.16 0.24
C THR A 117 -0.62 -3.68 1.30
N VAL A 118 -0.91 -2.52 1.90
CA VAL A 118 -0.05 -1.95 2.93
C VAL A 118 -0.80 -1.82 4.24
N GLU A 119 -0.07 -1.87 5.34
CA GLU A 119 -0.68 -1.76 6.67
C GLU A 119 0.07 -0.74 7.52
N PHE A 120 -0.69 0.06 8.26
CA PHE A 120 -0.09 1.08 9.12
C PHE A 120 -1.12 1.62 10.11
N ALA A 121 -0.64 2.22 11.19
CA ALA A 121 -1.53 2.79 12.20
C ALA A 121 -2.58 1.76 12.64
N GLY A 122 -2.25 0.48 12.47
CA GLY A 122 -3.16 -0.59 12.85
C GLY A 122 -4.32 -0.69 11.87
N LYS A 123 -4.10 -0.20 10.65
CA LYS A 123 -5.13 -0.23 9.61
C LYS A 123 -4.55 -0.77 8.32
N VAL A 124 -5.40 -1.41 7.52
CA VAL A 124 -4.97 -1.99 6.24
C VAL A 124 -5.45 -1.14 5.08
N PHE A 125 -4.82 -1.31 3.92
CA PHE A 125 -5.18 -0.56 2.73
C PHE A 125 -4.81 -1.34 1.48
N SER A 126 -5.82 -1.84 0.77
CA SER A 126 -5.61 -2.61 -0.44
C SER A 126 -5.45 -1.69 -1.64
N GLY A 127 -4.54 -2.05 -2.55
CA GLY A 127 -4.29 -1.26 -3.74
C GLY A 127 -5.27 -1.62 -4.85
N GLU A 128 -5.00 -1.16 -6.06
CA GLU A 128 -5.88 -1.45 -7.19
C GLU A 128 -5.32 -2.62 -8.03
N GLU A 129 -6.18 -3.55 -8.40
CA GLU A 129 -5.75 -4.67 -9.20
C GLU A 129 -4.98 -4.18 -10.43
N ALA A 130 -3.89 -4.88 -10.76
CA ALA A 130 -3.07 -4.51 -11.90
C ALA A 130 -2.20 -5.68 -12.34
N LYS A 131 -1.81 -5.69 -13.62
CA LYS A 131 -0.97 -6.76 -14.15
C LYS A 131 0.50 -6.42 -13.95
N THR A 132 0.80 -5.73 -12.86
CA THR A 132 2.18 -5.35 -12.57
C THR A 132 2.33 -5.00 -11.09
N LYS A 133 3.55 -5.18 -10.57
CA LYS A 133 3.82 -4.87 -9.17
C LYS A 133 4.02 -3.38 -8.96
N LYS A 134 4.65 -2.72 -9.93
CA LYS A 134 4.91 -1.29 -9.83
C LYS A 134 3.62 -0.52 -9.63
N LEU A 135 2.65 -0.72 -10.52
CA LEU A 135 1.39 -0.02 -10.43
C LEU A 135 0.65 -0.43 -9.15
N ALA A 136 0.72 -1.70 -8.81
CA ALA A 136 0.05 -2.21 -7.63
C ALA A 136 0.54 -1.49 -6.39
N GLU A 137 1.86 -1.50 -6.17
CA GLU A 137 2.44 -0.84 -5.00
C GLU A 137 2.05 0.64 -4.96
N MET A 138 2.15 1.29 -6.11
CA MET A 138 1.81 2.71 -6.18
C MET A 138 0.33 2.92 -5.85
N SER A 139 -0.52 2.04 -6.35
CA SER A 139 -1.95 2.16 -6.10
C SER A 139 -2.24 2.09 -4.60
N ALA A 140 -1.51 1.22 -3.90
CA ALA A 140 -1.71 1.06 -2.47
C ALA A 140 -1.33 2.35 -1.73
N ALA A 141 -0.23 2.95 -2.14
CA ALA A 141 0.24 4.19 -1.52
C ALA A 141 -0.71 5.34 -1.85
N LYS A 142 -1.38 5.25 -2.99
CA LYS A 142 -2.31 6.29 -3.41
C LYS A 142 -3.57 6.28 -2.57
N VAL A 143 -4.17 5.11 -2.42
CA VAL A 143 -5.38 4.96 -1.64
C VAL A 143 -5.10 5.21 -0.16
N ALA A 144 -3.98 4.70 0.32
CA ALA A 144 -3.61 4.87 1.72
C ALA A 144 -3.37 6.33 2.03
N PHE A 145 -2.63 7.01 1.15
CA PHE A 145 -2.32 8.42 1.34
C PHE A 145 -3.60 9.24 1.37
N MET A 146 -4.51 8.95 0.44
CA MET A 146 -5.77 9.67 0.35
C MET A 146 -6.57 9.51 1.64
N SER A 147 -6.54 8.31 2.21
CA SER A 147 -7.28 8.04 3.43
C SER A 147 -6.68 8.81 4.61
N ILE A 148 -5.36 8.83 4.68
CA ILE A 148 -4.67 9.53 5.77
C ILE A 148 -5.01 11.01 5.78
N LYS A 149 -5.30 11.55 4.60
CA LYS A 149 -5.63 12.97 4.49
C LYS A 149 -6.91 13.29 5.27
N ASN A 150 -7.91 12.43 5.14
CA ASN A 150 -9.18 12.65 5.84
C ASN A 150 -9.74 14.03 5.51
N GLY A 151 -9.53 14.46 4.28
CA GLY A 151 -10.02 15.77 3.84
C GLY A 151 -9.51 16.10 2.45
N VAL A 81 9.01 12.66 -2.71
CA VAL A 81 9.60 11.80 -3.77
C VAL A 81 9.11 10.37 -3.59
N ALA A 82 8.79 10.00 -2.35
CA ALA A 82 8.31 8.66 -2.05
C ALA A 82 7.43 8.68 -0.81
N TYR A 83 6.14 8.75 -1.03
CA TYR A 83 5.17 8.76 0.06
C TYR A 83 5.50 7.66 1.06
N LYS A 84 6.35 6.74 0.64
CA LYS A 84 6.75 5.64 1.53
C LYS A 84 7.54 6.18 2.71
N ASN A 85 8.40 7.16 2.43
CA ASN A 85 9.23 7.76 3.48
C ASN A 85 8.36 8.52 4.48
N LEU A 86 7.46 9.35 3.96
CA LEU A 86 6.59 10.13 4.83
C LEU A 86 5.74 9.23 5.71
N LEU A 87 5.22 8.16 5.11
CA LEU A 87 4.38 7.23 5.85
C LEU A 87 5.12 6.70 7.07
N GLN A 88 6.42 6.51 6.93
CA GLN A 88 7.25 6.04 8.03
C GLN A 88 7.41 7.13 9.09
N GLU A 89 7.51 8.37 8.64
CA GLU A 89 7.68 9.50 9.56
C GLU A 89 6.51 9.60 10.52
N ILE A 90 5.30 9.57 9.97
CA ILE A 90 4.09 9.65 10.79
C ILE A 90 3.96 8.43 11.68
N ALA A 91 4.37 7.27 11.16
CA ALA A 91 4.28 6.03 11.91
C ALA A 91 5.08 6.13 13.20
N GLN A 92 6.33 6.56 13.09
CA GLN A 92 7.19 6.69 14.25
C GLN A 92 6.75 7.86 15.12
N LYS A 93 6.43 8.98 14.48
CA LYS A 93 5.99 10.17 15.21
C LYS A 93 4.73 9.88 16.01
N GLU A 94 3.73 9.31 15.34
CA GLU A 94 2.47 8.99 16.01
C GLU A 94 2.68 7.84 16.98
N SER A 95 3.89 7.31 17.03
CA SER A 95 4.22 6.21 17.93
C SER A 95 3.38 4.98 17.58
N SER A 96 2.81 4.99 16.37
CA SER A 96 1.99 3.87 15.93
C SER A 96 2.85 2.67 15.60
N LEU A 97 2.72 2.16 14.38
CA LEU A 97 3.50 1.01 13.94
C LEU A 97 4.00 1.20 12.52
N LEU A 98 5.31 1.01 12.33
CA LEU A 98 5.90 1.18 11.02
C LEU A 98 5.04 0.51 9.94
N PRO A 99 5.10 1.00 8.74
CA PRO A 99 4.30 0.45 7.59
C PRO A 99 4.73 -0.97 7.24
N PHE A 100 3.94 -1.61 6.39
CA PHE A 100 4.26 -2.97 5.96
C PHE A 100 3.85 -3.18 4.51
N TYR A 101 4.84 -3.40 3.64
CA TYR A 101 4.57 -3.61 2.21
C TYR A 101 4.59 -5.10 1.90
N ALA A 102 3.59 -5.55 1.14
CA ALA A 102 3.49 -6.96 0.77
C ALA A 102 2.90 -7.10 -0.62
N THR A 103 3.35 -8.12 -1.35
CA THR A 103 2.87 -8.37 -2.70
C THR A 103 2.36 -9.80 -2.84
N ALA A 104 1.18 -9.96 -3.41
CA ALA A 104 0.58 -11.28 -3.60
C ALA A 104 0.42 -11.56 -5.09
N THR A 105 0.59 -12.82 -5.47
CA THR A 105 0.45 -13.22 -6.87
C THR A 105 -0.74 -14.16 -7.04
N SER A 106 -1.65 -13.80 -7.94
CA SER A 106 -2.83 -14.61 -8.19
C SER A 106 -3.49 -14.21 -9.50
N GLY A 107 -4.32 -15.11 -10.04
CA GLY A 107 -5.01 -14.83 -11.29
C GLY A 107 -4.85 -15.97 -12.27
N PRO A 108 -5.58 -15.94 -13.35
CA PRO A 108 -5.50 -16.99 -14.41
C PRO A 108 -4.13 -17.05 -15.07
N SER A 109 -3.74 -18.23 -15.50
CA SER A 109 -2.45 -18.40 -16.17
C SER A 109 -2.44 -17.65 -17.49
N HIS A 110 -3.63 -17.27 -17.97
CA HIS A 110 -3.75 -16.53 -19.21
C HIS A 110 -3.67 -15.03 -18.95
N ALA A 111 -4.34 -14.59 -17.88
CA ALA A 111 -4.32 -13.17 -17.51
C ALA A 111 -3.90 -13.02 -16.04
N PRO A 112 -2.64 -13.11 -15.76
CA PRO A 112 -2.11 -12.98 -14.36
C PRO A 112 -2.38 -11.61 -13.77
N THR A 113 -2.37 -11.52 -12.44
CA THR A 113 -2.61 -10.25 -11.77
C THR A 113 -1.99 -10.24 -10.38
N PHE A 114 -1.60 -9.06 -9.90
CA PHE A 114 -0.99 -8.94 -8.58
C PHE A 114 -1.65 -7.82 -7.79
N THR A 115 -1.76 -8.01 -6.49
CA THR A 115 -2.35 -7.00 -5.61
C THR A 115 -1.42 -6.65 -4.47
N SER A 116 -1.03 -5.37 -4.41
CA SER A 116 -0.12 -4.91 -3.36
C SER A 116 -0.91 -4.36 -2.18
N THR A 117 -0.69 -4.92 -1.00
CA THR A 117 -1.38 -4.49 0.21
C THR A 117 -0.43 -3.69 1.09
N VAL A 118 -1.00 -2.86 1.95
CA VAL A 118 -0.19 -2.05 2.86
C VAL A 118 -0.85 -1.96 4.22
N GLU A 119 -0.04 -2.08 5.29
CA GLU A 119 -0.57 -2.01 6.65
C GLU A 119 0.15 -0.93 7.45
N PHE A 120 -0.63 -0.09 8.11
CA PHE A 120 -0.04 0.98 8.92
C PHE A 120 -1.09 1.58 9.86
N ALA A 121 -0.63 2.18 10.95
CA ALA A 121 -1.54 2.78 11.91
C ALA A 121 -2.60 1.78 12.36
N GLY A 122 -2.29 0.50 12.21
CA GLY A 122 -3.21 -0.56 12.60
C GLY A 122 -4.34 -0.70 11.58
N LYS A 123 -4.09 -0.25 10.36
CA LYS A 123 -5.10 -0.33 9.29
C LYS A 123 -4.48 -0.88 8.03
N VAL A 124 -5.29 -1.53 7.21
CA VAL A 124 -4.82 -2.12 5.95
C VAL A 124 -5.60 -1.56 4.76
N PHE A 125 -4.87 -1.07 3.76
CA PHE A 125 -5.50 -0.52 2.56
C PHE A 125 -5.14 -1.36 1.34
N SER A 126 -6.16 -1.84 0.65
CA SER A 126 -5.95 -2.66 -0.53
C SER A 126 -5.70 -1.78 -1.75
N GLY A 127 -4.70 -2.15 -2.56
CA GLY A 127 -4.36 -1.38 -3.75
C GLY A 127 -5.32 -1.73 -4.89
N GLU A 128 -5.01 -1.23 -6.08
CA GLU A 128 -5.84 -1.49 -7.25
C GLU A 128 -5.30 -2.68 -8.04
N GLU A 129 -6.18 -3.61 -8.35
CA GLU A 129 -5.78 -4.79 -9.12
C GLU A 129 -5.15 -4.37 -10.43
N ALA A 130 -4.14 -5.12 -10.87
CA ALA A 130 -3.44 -4.81 -12.11
C ALA A 130 -2.46 -5.91 -12.47
N LYS A 131 -1.96 -5.88 -13.70
CA LYS A 131 -1.00 -6.87 -14.16
C LYS A 131 0.43 -6.37 -13.96
N THR A 132 0.63 -5.60 -12.90
CA THR A 132 1.96 -5.05 -12.60
C THR A 132 2.09 -4.78 -11.11
N LYS A 133 3.29 -5.03 -10.58
CA LYS A 133 3.54 -4.81 -9.16
C LYS A 133 3.78 -3.33 -8.87
N LYS A 134 4.59 -2.70 -9.72
CA LYS A 134 4.90 -1.30 -9.55
C LYS A 134 3.62 -0.49 -9.46
N LEU A 135 2.68 -0.76 -10.37
CA LEU A 135 1.42 -0.06 -10.38
C LEU A 135 0.61 -0.39 -9.13
N ALA A 136 0.61 -1.67 -8.76
CA ALA A 136 -0.15 -2.09 -7.59
C ALA A 136 0.36 -1.35 -6.35
N GLU A 137 1.66 -1.41 -6.13
CA GLU A 137 2.24 -0.74 -4.96
C GLU A 137 1.86 0.73 -4.96
N MET A 138 1.87 1.33 -6.15
CA MET A 138 1.51 2.72 -6.29
C MET A 138 0.07 2.96 -5.84
N SER A 139 -0.81 2.04 -6.24
CA SER A 139 -2.22 2.16 -5.88
C SER A 139 -2.39 2.15 -4.37
N ALA A 140 -1.60 1.33 -3.69
CA ALA A 140 -1.69 1.24 -2.23
C ALA A 140 -1.27 2.55 -1.57
N ALA A 141 -0.18 3.13 -2.07
CA ALA A 141 0.33 4.38 -1.51
C ALA A 141 -0.61 5.53 -1.85
N LYS A 142 -1.30 5.43 -2.98
CA LYS A 142 -2.23 6.48 -3.39
C LYS A 142 -3.48 6.48 -2.52
N VAL A 143 -4.10 5.32 -2.39
CA VAL A 143 -5.32 5.20 -1.61
C VAL A 143 -5.03 5.45 -0.14
N ALA A 144 -3.94 4.89 0.36
CA ALA A 144 -3.56 5.06 1.75
C ALA A 144 -3.32 6.54 2.07
N PHE A 145 -2.58 7.20 1.20
CA PHE A 145 -2.27 8.61 1.40
C PHE A 145 -3.54 9.44 1.42
N MET A 146 -4.46 9.13 0.52
CA MET A 146 -5.73 9.86 0.44
C MET A 146 -6.53 9.69 1.73
N SER A 147 -6.50 8.48 2.28
CA SER A 147 -7.25 8.20 3.51
C SER A 147 -6.63 8.94 4.70
N ILE A 148 -5.30 8.92 4.76
CA ILE A 148 -4.59 9.58 5.85
C ILE A 148 -4.93 11.07 5.90
N LYS A 149 -5.24 11.64 4.74
CA LYS A 149 -5.58 13.05 4.67
C LYS A 149 -6.86 13.34 5.46
N ASN A 150 -7.84 12.45 5.32
CA ASN A 150 -9.11 12.62 6.02
C ASN A 150 -8.89 12.55 7.53
N GLY A 151 -8.04 11.62 7.96
CA GLY A 151 -7.76 11.46 9.38
C GLY A 151 -6.76 10.33 9.60
N VAL A 81 10.89 11.48 -5.24
CA VAL A 81 9.89 11.52 -4.13
C VAL A 81 9.29 10.12 -3.95
N ALA A 82 8.92 9.79 -2.71
CA ALA A 82 8.34 8.50 -2.41
C ALA A 82 7.47 8.60 -1.17
N TYR A 83 6.18 8.77 -1.39
CA TYR A 83 5.22 8.88 -0.30
C TYR A 83 5.46 7.78 0.71
N LYS A 84 6.20 6.76 0.27
CA LYS A 84 6.50 5.63 1.16
C LYS A 84 7.35 6.10 2.33
N ASN A 85 8.33 6.95 2.04
CA ASN A 85 9.21 7.45 3.07
C ASN A 85 8.44 8.29 4.09
N LEU A 86 7.58 9.17 3.60
CA LEU A 86 6.80 10.03 4.48
C LEU A 86 5.90 9.20 5.38
N LEU A 87 5.29 8.17 4.81
CA LEU A 87 4.42 7.30 5.58
C LEU A 87 5.17 6.71 6.76
N GLN A 88 6.42 6.37 6.54
CA GLN A 88 7.25 5.82 7.60
C GLN A 88 7.57 6.88 8.63
N GLU A 89 7.76 8.13 8.18
CA GLU A 89 8.09 9.21 9.10
C GLU A 89 6.97 9.47 10.10
N ILE A 90 5.75 9.58 9.60
CA ILE A 90 4.60 9.83 10.47
C ILE A 90 4.40 8.66 11.45
N ALA A 91 4.50 7.45 10.95
CA ALA A 91 4.33 6.27 11.78
C ALA A 91 5.47 6.13 12.77
N GLN A 92 6.69 6.29 12.29
CA GLN A 92 7.87 6.17 13.14
C GLN A 92 7.86 7.24 14.23
N LYS A 93 7.61 8.49 13.82
CA LYS A 93 7.58 9.58 14.78
C LYS A 93 6.45 9.40 15.79
N GLU A 94 5.28 8.97 15.30
CA GLU A 94 4.13 8.75 16.18
C GLU A 94 4.09 7.30 16.64
N SER A 95 5.15 6.54 16.32
CA SER A 95 5.21 5.14 16.72
C SER A 95 3.85 4.47 16.57
N SER A 96 3.21 4.69 15.42
CA SER A 96 1.89 4.12 15.16
C SER A 96 1.98 2.90 14.27
N LEU A 97 2.93 2.00 14.56
CA LEU A 97 3.13 0.79 13.77
C LEU A 97 3.55 1.13 12.35
N LEU A 98 4.88 1.15 12.14
CA LEU A 98 5.42 1.47 10.83
C LEU A 98 4.67 0.71 9.74
N PRO A 99 4.52 1.29 8.57
CA PRO A 99 3.81 0.64 7.44
C PRO A 99 4.59 -0.54 6.86
N PHE A 100 3.89 -1.57 6.42
CA PHE A 100 4.53 -2.74 5.84
C PHE A 100 3.91 -3.02 4.49
N TYR A 101 4.76 -3.24 3.49
CA TYR A 101 4.26 -3.50 2.14
C TYR A 101 4.24 -5.01 1.88
N ALA A 102 3.22 -5.45 1.14
CA ALA A 102 3.10 -6.86 0.80
C ALA A 102 2.53 -7.03 -0.60
N THR A 103 2.99 -8.06 -1.31
CA THR A 103 2.52 -8.32 -2.67
C THR A 103 1.93 -9.72 -2.77
N ALA A 104 0.69 -9.80 -3.29
CA ALA A 104 0.01 -11.10 -3.44
C ALA A 104 -0.38 -11.30 -4.90
N THR A 105 -0.44 -12.57 -5.33
CA THR A 105 -0.81 -12.90 -6.70
C THR A 105 -2.21 -13.48 -6.73
N SER A 106 -3.00 -13.06 -7.72
CA SER A 106 -4.37 -13.55 -7.85
C SER A 106 -4.89 -13.28 -9.25
N GLY A 107 -5.96 -13.98 -9.63
CA GLY A 107 -6.57 -13.79 -10.95
C GLY A 107 -6.53 -15.09 -11.76
N PRO A 108 -7.01 -15.05 -12.98
CA PRO A 108 -7.02 -16.26 -13.87
C PRO A 108 -5.62 -16.78 -14.16
N SER A 109 -5.55 -18.07 -14.47
CA SER A 109 -4.27 -18.69 -14.79
C SER A 109 -3.73 -18.14 -16.10
N HIS A 110 -4.62 -17.53 -16.89
CA HIS A 110 -4.21 -16.96 -18.17
C HIS A 110 -3.83 -15.50 -18.00
N ALA A 111 -4.55 -14.81 -17.12
CA ALA A 111 -4.27 -13.40 -16.85
C ALA A 111 -4.03 -13.19 -15.33
N PRO A 112 -2.84 -13.50 -14.87
CA PRO A 112 -2.48 -13.34 -13.43
C PRO A 112 -2.10 -11.91 -13.08
N THR A 113 -2.84 -11.32 -12.14
CA THR A 113 -2.58 -9.95 -11.70
C THR A 113 -2.00 -9.95 -10.29
N PHE A 114 -1.59 -8.78 -9.83
CA PHE A 114 -1.01 -8.64 -8.50
C PHE A 114 -1.65 -7.47 -7.76
N THR A 115 -1.77 -7.60 -6.44
CA THR A 115 -2.35 -6.54 -5.62
C THR A 115 -1.46 -6.28 -4.42
N SER A 116 -1.08 -5.02 -4.22
CA SER A 116 -0.22 -4.66 -3.10
C SER A 116 -1.06 -4.21 -1.91
N THR A 117 -0.91 -4.90 -0.79
CA THR A 117 -1.66 -4.56 0.42
C THR A 117 -0.74 -3.95 1.46
N VAL A 118 -1.10 -2.76 1.94
CA VAL A 118 -0.30 -2.05 2.95
C VAL A 118 -1.05 -2.03 4.27
N GLU A 119 -0.31 -2.23 5.36
CA GLU A 119 -0.91 -2.22 6.71
C GLU A 119 -0.23 -1.19 7.59
N PHE A 120 -1.05 -0.36 8.24
CA PHE A 120 -0.51 0.67 9.13
C PHE A 120 -1.61 1.20 10.05
N ALA A 121 -1.21 1.77 11.19
CA ALA A 121 -2.17 2.32 12.13
C ALA A 121 -3.25 1.29 12.48
N GLY A 122 -2.93 0.02 12.28
CA GLY A 122 -3.87 -1.05 12.59
C GLY A 122 -4.95 -1.15 11.52
N LYS A 123 -4.66 -0.62 10.33
CA LYS A 123 -5.60 -0.64 9.22
C LYS A 123 -4.91 -1.13 7.96
N VAL A 124 -5.69 -1.75 7.06
CA VAL A 124 -5.14 -2.28 5.82
C VAL A 124 -5.86 -1.68 4.61
N PHE A 125 -5.09 -1.18 3.65
CA PHE A 125 -5.66 -0.57 2.45
C PHE A 125 -5.23 -1.35 1.21
N SER A 126 -6.21 -1.83 0.45
CA SER A 126 -5.92 -2.60 -0.76
C SER A 126 -5.64 -1.66 -1.94
N GLY A 127 -4.68 -2.04 -2.77
CA GLY A 127 -4.32 -1.23 -3.94
C GLY A 127 -5.21 -1.58 -5.12
N GLU A 128 -4.86 -1.07 -6.30
CA GLU A 128 -5.65 -1.33 -7.50
C GLU A 128 -5.10 -2.54 -8.27
N GLU A 129 -5.96 -3.49 -8.60
CA GLU A 129 -5.53 -4.66 -9.34
C GLU A 129 -4.81 -4.25 -10.63
N ALA A 130 -3.79 -5.00 -11.00
CA ALA A 130 -3.03 -4.72 -12.21
C ALA A 130 -2.07 -5.85 -12.53
N LYS A 131 -1.57 -5.86 -13.77
CA LYS A 131 -0.62 -6.88 -14.21
C LYS A 131 0.79 -6.43 -13.94
N THR A 132 0.98 -5.67 -12.87
CA THR A 132 2.30 -5.19 -12.50
C THR A 132 2.37 -4.88 -11.01
N LYS A 133 3.55 -5.04 -10.43
CA LYS A 133 3.74 -4.76 -9.01
C LYS A 133 3.93 -3.27 -8.76
N LYS A 134 4.52 -2.58 -9.74
CA LYS A 134 4.76 -1.15 -9.60
C LYS A 134 3.46 -0.39 -9.38
N LEU A 135 2.49 -0.63 -10.25
CA LEU A 135 1.20 0.05 -10.14
C LEU A 135 0.48 -0.35 -8.86
N ALA A 136 0.58 -1.63 -8.51
CA ALA A 136 -0.08 -2.13 -7.30
C ALA A 136 0.41 -1.39 -6.08
N GLU A 137 1.73 -1.39 -5.86
CA GLU A 137 2.31 -0.71 -4.71
C GLU A 137 1.92 0.76 -4.71
N MET A 138 2.00 1.39 -5.87
CA MET A 138 1.67 2.81 -5.98
C MET A 138 0.20 3.03 -5.62
N SER A 139 -0.67 2.15 -6.09
CA SER A 139 -2.10 2.27 -5.81
C SER A 139 -2.37 2.10 -4.32
N ALA A 140 -1.62 1.22 -3.66
CA ALA A 140 -1.81 0.98 -2.24
C ALA A 140 -1.42 2.23 -1.44
N ALA A 141 -0.28 2.80 -1.76
CA ALA A 141 0.19 3.99 -1.06
C ALA A 141 -0.65 5.21 -1.45
N LYS A 142 -1.26 5.15 -2.63
CA LYS A 142 -2.08 6.26 -3.11
C LYS A 142 -3.38 6.36 -2.31
N VAL A 143 -4.07 5.23 -2.16
CA VAL A 143 -5.33 5.19 -1.43
C VAL A 143 -5.10 5.44 0.05
N ALA A 144 -4.02 4.88 0.59
CA ALA A 144 -3.71 5.05 2.00
C ALA A 144 -3.43 6.51 2.34
N PHE A 145 -2.64 7.16 1.48
CA PHE A 145 -2.29 8.56 1.70
C PHE A 145 -3.55 9.40 1.79
N MET A 146 -4.49 9.16 0.89
CA MET A 146 -5.74 9.90 0.86
C MET A 146 -6.55 9.65 2.14
N SER A 147 -6.54 8.42 2.62
CA SER A 147 -7.27 8.07 3.83
C SER A 147 -6.66 8.74 5.05
N ILE A 148 -5.33 8.68 5.14
CA ILE A 148 -4.63 9.28 6.28
C ILE A 148 -5.05 10.73 6.46
N LYS A 149 -5.24 11.43 5.36
CA LYS A 149 -5.66 12.82 5.42
C LYS A 149 -7.04 12.94 6.06
N ASN A 150 -7.94 12.04 5.69
CA ASN A 150 -9.30 12.07 6.24
C ASN A 150 -9.26 11.83 7.75
N GLY A 151 -8.40 10.91 8.18
CA GLY A 151 -8.28 10.59 9.59
C GLY A 151 -7.50 11.66 10.33
N VAL A 81 8.84 11.51 -5.95
CA VAL A 81 8.72 11.38 -4.47
C VAL A 81 8.23 9.97 -4.12
N ALA A 82 8.05 9.70 -2.83
CA ALA A 82 7.60 8.41 -2.37
C ALA A 82 6.89 8.55 -1.04
N TYR A 83 5.57 8.64 -1.11
CA TYR A 83 4.76 8.78 0.09
C TYR A 83 5.19 7.74 1.12
N LYS A 84 5.93 6.74 0.65
CA LYS A 84 6.40 5.69 1.54
C LYS A 84 7.33 6.27 2.60
N ASN A 85 8.16 7.23 2.17
CA ASN A 85 9.10 7.86 3.09
C ASN A 85 8.35 8.62 4.19
N LEU A 86 7.34 9.36 3.80
CA LEU A 86 6.56 10.12 4.76
C LEU A 86 5.69 9.23 5.63
N LEU A 87 5.20 8.14 5.04
CA LEU A 87 4.33 7.21 5.76
C LEU A 87 5.04 6.65 6.98
N GLN A 88 6.30 6.31 6.81
CA GLN A 88 7.09 5.78 7.91
C GLN A 88 7.41 6.89 8.92
N GLU A 89 7.53 8.14 8.43
CA GLU A 89 7.86 9.25 9.32
C GLU A 89 6.73 9.51 10.31
N ILE A 90 5.49 9.46 9.83
CA ILE A 90 4.34 9.69 10.69
C ILE A 90 4.12 8.51 11.63
N ALA A 91 4.39 7.31 11.14
CA ALA A 91 4.20 6.10 11.94
C ALA A 91 4.98 6.19 13.25
N GLN A 92 6.25 6.54 13.16
CA GLN A 92 7.09 6.68 14.35
C GLN A 92 6.62 7.86 15.20
N LYS A 93 6.22 8.93 14.53
CA LYS A 93 5.76 10.12 15.24
C LYS A 93 4.51 9.81 16.05
N GLU A 94 3.55 9.14 15.41
CA GLU A 94 2.31 8.78 16.06
C GLU A 94 2.51 7.59 16.99
N SER A 95 3.73 7.07 17.01
CA SER A 95 4.06 5.94 17.87
C SER A 95 3.46 4.66 17.27
N SER A 96 2.87 4.79 16.09
CA SER A 96 2.26 3.65 15.41
C SER A 96 3.34 2.74 14.83
N LEU A 97 2.96 1.51 14.51
CA LEU A 97 3.91 0.56 13.95
C LEU A 97 4.25 0.93 12.51
N LEU A 98 5.54 0.94 12.20
CA LEU A 98 5.98 1.29 10.86
C LEU A 98 5.13 0.57 9.80
N PRO A 99 4.95 1.17 8.64
CA PRO A 99 4.15 0.56 7.54
C PRO A 99 4.88 -0.60 6.88
N PHE A 100 4.14 -1.64 6.48
CA PHE A 100 4.74 -2.80 5.84
C PHE A 100 4.01 -3.07 4.55
N TYR A 101 4.76 -3.24 3.47
CA TYR A 101 4.15 -3.47 2.18
C TYR A 101 4.20 -4.96 1.84
N ALA A 102 3.19 -5.44 1.12
CA ALA A 102 3.13 -6.84 0.74
C ALA A 102 2.48 -7.00 -0.63
N THR A 103 2.93 -8.01 -1.39
CA THR A 103 2.38 -8.26 -2.73
C THR A 103 1.81 -9.69 -2.81
N ALA A 104 0.56 -9.80 -3.27
CA ALA A 104 -0.09 -11.11 -3.39
C ALA A 104 -0.39 -11.39 -4.86
N THR A 105 -0.28 -12.67 -5.25
CA THR A 105 -0.54 -13.07 -6.62
C THR A 105 -1.87 -13.82 -6.69
N SER A 106 -2.68 -13.49 -7.69
CA SER A 106 -3.97 -14.14 -7.84
C SER A 106 -4.52 -13.87 -9.23
N GLY A 107 -5.49 -14.68 -9.66
CA GLY A 107 -6.11 -14.50 -10.97
C GLY A 107 -5.97 -15.76 -11.83
N PRO A 108 -6.46 -15.73 -13.05
CA PRO A 108 -6.38 -16.89 -13.98
C PRO A 108 -4.95 -17.32 -14.28
N SER A 109 -4.77 -18.60 -14.55
CA SER A 109 -3.45 -19.12 -14.87
C SER A 109 -2.95 -18.49 -16.17
N HIS A 110 -3.88 -17.94 -16.95
CA HIS A 110 -3.52 -17.30 -18.21
C HIS A 110 -3.23 -15.83 -18.01
N ALA A 111 -4.01 -15.19 -17.13
CA ALA A 111 -3.83 -13.77 -16.83
C ALA A 111 -3.63 -13.56 -15.32
N PRO A 112 -2.43 -13.81 -14.84
CA PRO A 112 -2.10 -13.65 -13.39
C PRO A 112 -1.82 -12.19 -13.02
N THR A 113 -2.60 -11.67 -12.07
CA THR A 113 -2.46 -10.29 -11.62
C THR A 113 -1.89 -10.26 -10.21
N PHE A 114 -1.54 -9.08 -9.74
CA PHE A 114 -0.97 -8.91 -8.40
C PHE A 114 -1.64 -7.76 -7.68
N THR A 115 -1.73 -7.88 -6.36
CA THR A 115 -2.35 -6.83 -5.54
C THR A 115 -1.43 -6.46 -4.38
N SER A 116 -1.13 -5.18 -4.25
CA SER A 116 -0.26 -4.71 -3.17
C SER A 116 -1.09 -4.22 -1.99
N THR A 117 -0.89 -4.83 -0.83
CA THR A 117 -1.62 -4.46 0.37
C THR A 117 -0.67 -3.82 1.38
N VAL A 118 -1.06 -2.66 1.91
CA VAL A 118 -0.24 -1.95 2.89
C VAL A 118 -0.95 -1.92 4.24
N GLU A 119 -0.17 -2.06 5.31
CA GLU A 119 -0.73 -2.05 6.67
C GLU A 119 -0.04 -1.01 7.53
N PHE A 120 -0.84 -0.20 8.22
CA PHE A 120 -0.30 0.83 9.09
C PHE A 120 -1.38 1.38 10.01
N ALA A 121 -0.97 2.00 11.12
CA ALA A 121 -1.93 2.58 12.06
C ALA A 121 -2.96 1.54 12.49
N GLY A 122 -2.62 0.26 12.29
CA GLY A 122 -3.52 -0.83 12.67
C GLY A 122 -4.64 -1.00 11.65
N LYS A 123 -4.41 -0.49 10.44
CA LYS A 123 -5.39 -0.58 9.36
C LYS A 123 -4.72 -1.06 8.09
N VAL A 124 -5.50 -1.71 7.21
CA VAL A 124 -4.98 -2.22 5.94
C VAL A 124 -5.74 -1.62 4.77
N PHE A 125 -5.01 -1.06 3.81
CA PHE A 125 -5.62 -0.45 2.63
C PHE A 125 -5.30 -1.27 1.39
N SER A 126 -6.34 -1.75 0.72
CA SER A 126 -6.17 -2.54 -0.49
C SER A 126 -5.87 -1.63 -1.68
N GLY A 127 -4.81 -1.96 -2.41
CA GLY A 127 -4.42 -1.16 -3.58
C GLY A 127 -5.21 -1.58 -4.81
N GLU A 128 -4.84 -1.01 -5.95
CA GLU A 128 -5.50 -1.33 -7.21
C GLU A 128 -5.02 -2.67 -7.74
N GLU A 129 -5.75 -3.23 -8.71
CA GLU A 129 -5.38 -4.50 -9.32
C GLU A 129 -4.81 -4.27 -10.72
N ALA A 130 -3.77 -5.03 -11.05
CA ALA A 130 -3.15 -4.90 -12.36
C ALA A 130 -2.14 -6.02 -12.58
N LYS A 131 -1.70 -6.17 -13.83
CA LYS A 131 -0.71 -7.20 -14.19
C LYS A 131 0.68 -6.66 -13.98
N THR A 132 0.85 -5.83 -12.94
CA THR A 132 2.15 -5.26 -12.63
C THR A 132 2.27 -4.94 -11.14
N LYS A 133 3.48 -5.11 -10.60
CA LYS A 133 3.71 -4.84 -9.18
C LYS A 133 3.96 -3.36 -8.95
N LYS A 134 4.37 -2.65 -10.01
CA LYS A 134 4.65 -1.22 -9.88
C LYS A 134 3.36 -0.43 -9.65
N LEU A 135 2.39 -0.61 -10.52
CA LEU A 135 1.12 0.10 -10.40
C LEU A 135 0.39 -0.30 -9.13
N ALA A 136 0.46 -1.59 -8.80
CA ALA A 136 -0.22 -2.09 -7.61
C ALA A 136 0.29 -1.37 -6.36
N GLU A 137 1.61 -1.40 -6.16
CA GLU A 137 2.21 -0.75 -5.00
C GLU A 137 1.89 0.74 -4.99
N MET A 138 2.01 1.36 -6.16
CA MET A 138 1.74 2.80 -6.27
C MET A 138 0.30 3.10 -5.90
N SER A 139 -0.61 2.26 -6.36
CA SER A 139 -2.03 2.45 -6.07
C SER A 139 -2.30 2.29 -4.57
N ALA A 140 -1.59 1.37 -3.93
CA ALA A 140 -1.78 1.13 -2.50
C ALA A 140 -1.38 2.37 -1.70
N ALA A 141 -0.24 2.95 -2.04
CA ALA A 141 0.24 4.14 -1.35
C ALA A 141 -0.63 5.34 -1.69
N LYS A 142 -1.29 5.28 -2.86
CA LYS A 142 -2.15 6.37 -3.30
C LYS A 142 -3.42 6.44 -2.45
N VAL A 143 -4.09 5.30 -2.30
CA VAL A 143 -5.33 5.24 -1.52
C VAL A 143 -5.06 5.47 -0.05
N ALA A 144 -3.97 4.90 0.47
CA ALA A 144 -3.62 5.06 1.87
C ALA A 144 -3.34 6.53 2.18
N PHE A 145 -2.57 7.18 1.31
CA PHE A 145 -2.24 8.58 1.52
C PHE A 145 -3.50 9.43 1.56
N MET A 146 -4.42 9.17 0.65
CA MET A 146 -5.67 9.93 0.60
C MET A 146 -6.47 9.75 1.88
N SER A 147 -6.47 8.53 2.42
CA SER A 147 -7.21 8.25 3.64
C SER A 147 -6.58 8.99 4.82
N ILE A 148 -5.25 8.93 4.90
CA ILE A 148 -4.52 9.59 6.00
C ILE A 148 -4.84 11.08 6.05
N LYS A 149 -5.13 11.66 4.89
CA LYS A 149 -5.45 13.08 4.81
C LYS A 149 -6.73 13.38 5.58
N ASN A 150 -7.42 12.34 6.01
CA ASN A 150 -8.67 12.50 6.76
C ASN A 150 -8.40 13.22 8.07
N GLY A 151 -7.30 12.87 8.72
CA GLY A 151 -6.94 13.48 9.99
C GLY A 151 -6.38 14.89 9.78
N VAL A 81 11.05 11.42 -4.70
CA VAL A 81 9.72 11.50 -4.04
C VAL A 81 9.15 10.10 -3.87
N ALA A 82 8.81 9.75 -2.63
CA ALA A 82 8.25 8.44 -2.34
C ALA A 82 7.36 8.49 -1.11
N TYR A 83 6.07 8.64 -1.33
CA TYR A 83 5.11 8.71 -0.23
C TYR A 83 5.40 7.60 0.78
N LYS A 84 6.19 6.60 0.37
CA LYS A 84 6.54 5.50 1.25
C LYS A 84 7.39 6.01 2.43
N ASN A 85 8.30 6.93 2.15
CA ASN A 85 9.16 7.48 3.18
C ASN A 85 8.33 8.26 4.20
N LEU A 86 7.41 9.09 3.69
CA LEU A 86 6.58 9.90 4.55
C LEU A 86 5.76 9.02 5.49
N LEU A 87 5.20 7.95 4.95
CA LEU A 87 4.39 7.03 5.74
C LEU A 87 5.19 6.50 6.93
N GLN A 88 6.47 6.26 6.70
CA GLN A 88 7.35 5.77 7.76
C GLN A 88 7.60 6.86 8.80
N GLU A 89 7.70 8.10 8.33
CA GLU A 89 7.96 9.22 9.22
C GLU A 89 6.84 9.38 10.24
N ILE A 90 5.61 9.37 9.75
CA ILE A 90 4.45 9.52 10.63
C ILE A 90 4.33 8.35 11.58
N ALA A 91 4.58 7.15 11.07
CA ALA A 91 4.48 5.95 11.88
C ALA A 91 5.61 5.91 12.92
N GLN A 92 6.83 6.13 12.45
CA GLN A 92 7.99 6.09 13.34
C GLN A 92 7.92 7.24 14.34
N LYS A 93 7.61 8.43 13.86
CA LYS A 93 7.51 9.60 14.72
C LYS A 93 6.46 9.39 15.81
N GLU A 94 5.28 8.91 15.39
CA GLU A 94 4.20 8.67 16.33
C GLU A 94 4.17 7.20 16.77
N SER A 95 5.22 6.47 16.40
CA SER A 95 5.32 5.06 16.75
C SER A 95 3.96 4.39 16.61
N SER A 96 3.23 4.75 15.56
CA SER A 96 1.91 4.17 15.33
C SER A 96 2.01 2.88 14.54
N LEU A 97 3.08 2.14 14.77
CA LEU A 97 3.29 0.87 14.07
C LEU A 97 3.76 1.10 12.64
N LEU A 98 5.06 0.97 12.42
CA LEU A 98 5.63 1.17 11.09
C LEU A 98 4.76 0.48 10.04
N PRO A 99 4.78 0.99 8.83
CA PRO A 99 3.99 0.42 7.70
C PRO A 99 4.48 -0.96 7.30
N PHE A 100 3.72 -1.62 6.43
CA PHE A 100 4.09 -2.95 5.97
C PHE A 100 3.72 -3.14 4.51
N TYR A 101 4.72 -3.36 3.66
CA TYR A 101 4.48 -3.55 2.23
C TYR A 101 4.43 -5.04 1.90
N ALA A 102 3.38 -5.44 1.20
CA ALA A 102 3.22 -6.85 0.82
C ALA A 102 2.50 -6.97 -0.51
N THR A 103 2.84 -8.00 -1.28
CA THR A 103 2.21 -8.21 -2.58
C THR A 103 1.83 -9.67 -2.77
N ALA A 104 0.72 -9.91 -3.45
CA ALA A 104 0.26 -11.28 -3.69
C ALA A 104 -0.04 -11.49 -5.17
N THR A 105 0.04 -12.74 -5.61
CA THR A 105 -0.22 -13.06 -7.00
C THR A 105 -1.52 -13.86 -7.13
N SER A 106 -2.31 -13.53 -8.15
CA SER A 106 -3.57 -14.22 -8.37
C SER A 106 -4.08 -13.96 -9.78
N GLY A 107 -4.88 -14.89 -10.30
CA GLY A 107 -5.44 -14.74 -11.64
C GLY A 107 -5.10 -15.94 -12.51
N PRO A 108 -5.48 -15.89 -13.75
CA PRO A 108 -5.22 -17.01 -14.72
C PRO A 108 -3.73 -17.26 -14.93
N SER A 109 -3.38 -18.50 -15.23
CA SER A 109 -1.99 -18.85 -15.48
C SER A 109 -1.47 -18.14 -16.73
N HIS A 110 -2.39 -17.64 -17.54
CA HIS A 110 -2.02 -16.93 -18.77
C HIS A 110 -1.84 -15.44 -18.49
N ALA A 111 -2.77 -14.88 -17.72
CA ALA A 111 -2.71 -13.45 -17.37
C ALA A 111 -2.77 -13.28 -15.86
N PRO A 112 -1.69 -13.53 -15.17
CA PRO A 112 -1.62 -13.41 -13.69
C PRO A 112 -1.42 -11.96 -13.25
N THR A 113 -2.30 -11.50 -12.36
CA THR A 113 -2.20 -10.14 -11.84
C THR A 113 -1.64 -10.14 -10.44
N PHE A 114 -1.33 -8.95 -9.92
CA PHE A 114 -0.77 -8.83 -8.58
C PHE A 114 -1.49 -7.72 -7.80
N THR A 115 -1.62 -7.92 -6.49
CA THR A 115 -2.27 -6.93 -5.65
C THR A 115 -1.39 -6.57 -4.46
N SER A 116 -1.07 -5.28 -4.34
CA SER A 116 -0.22 -4.82 -3.25
C SER A 116 -1.07 -4.31 -2.09
N THR A 117 -0.87 -4.90 -0.91
CA THR A 117 -1.62 -4.50 0.27
C THR A 117 -0.71 -3.83 1.29
N VAL A 118 -1.10 -2.65 1.74
CA VAL A 118 -0.31 -1.91 2.72
C VAL A 118 -1.02 -1.87 4.07
N GLU A 119 -0.26 -2.01 5.15
CA GLU A 119 -0.83 -1.99 6.49
C GLU A 119 -0.11 -0.96 7.36
N PHE A 120 -0.88 -0.20 8.13
CA PHE A 120 -0.30 0.81 9.01
C PHE A 120 -1.38 1.37 9.94
N ALA A 121 -0.94 1.97 11.04
CA ALA A 121 -1.86 2.56 12.01
C ALA A 121 -2.91 1.52 12.41
N GLY A 122 -2.59 0.25 12.22
CA GLY A 122 -3.52 -0.82 12.57
C GLY A 122 -4.63 -0.95 11.54
N LYS A 123 -4.38 -0.44 10.34
CA LYS A 123 -5.37 -0.51 9.27
C LYS A 123 -4.73 -1.01 7.98
N VAL A 124 -5.53 -1.66 7.14
CA VAL A 124 -5.02 -2.19 5.88
C VAL A 124 -5.78 -1.60 4.70
N PHE A 125 -5.04 -1.06 3.73
CA PHE A 125 -5.64 -0.47 2.54
C PHE A 125 -5.31 -1.30 1.31
N SER A 126 -6.35 -1.80 0.64
CA SER A 126 -6.15 -2.61 -0.55
C SER A 126 -5.88 -1.73 -1.77
N GLY A 127 -4.86 -2.07 -2.53
CA GLY A 127 -4.50 -1.30 -3.72
C GLY A 127 -5.41 -1.68 -4.89
N GLU A 128 -5.08 -1.16 -6.08
CA GLU A 128 -5.88 -1.45 -7.26
C GLU A 128 -5.24 -2.59 -8.06
N GLU A 129 -6.06 -3.56 -8.44
CA GLU A 129 -5.56 -4.70 -9.22
C GLU A 129 -4.83 -4.21 -10.46
N ALA A 130 -3.75 -4.90 -10.82
CA ALA A 130 -2.97 -4.54 -11.99
C ALA A 130 -2.03 -5.65 -12.38
N LYS A 131 -1.60 -5.67 -13.64
CA LYS A 131 -0.68 -6.69 -14.13
C LYS A 131 0.77 -6.28 -13.87
N THR A 132 0.99 -5.58 -12.77
CA THR A 132 2.33 -5.14 -12.41
C THR A 132 2.42 -4.82 -10.92
N LYS A 133 3.61 -4.96 -10.36
CA LYS A 133 3.82 -4.69 -8.94
C LYS A 133 4.00 -3.19 -8.71
N LYS A 134 4.62 -2.52 -9.67
CA LYS A 134 4.88 -1.09 -9.54
C LYS A 134 3.57 -0.32 -9.34
N LEU A 135 2.63 -0.52 -10.25
CA LEU A 135 1.35 0.15 -10.16
C LEU A 135 0.58 -0.31 -8.93
N ALA A 136 0.67 -1.60 -8.62
CA ALA A 136 -0.03 -2.16 -7.47
C ALA A 136 0.39 -1.44 -6.19
N GLU A 137 1.68 -1.41 -5.94
CA GLU A 137 2.20 -0.76 -4.73
C GLU A 137 1.84 0.72 -4.73
N MET A 138 1.96 1.35 -5.89
CA MET A 138 1.65 2.77 -6.01
C MET A 138 0.19 3.03 -5.70
N SER A 139 -0.68 2.16 -6.19
CA SER A 139 -2.11 2.30 -5.96
C SER A 139 -2.43 2.16 -4.48
N ALA A 140 -1.74 1.25 -3.80
CA ALA A 140 -1.95 1.02 -2.38
C ALA A 140 -1.57 2.26 -1.58
N ALA A 141 -0.42 2.84 -1.93
CA ALA A 141 0.04 4.04 -1.23
C ALA A 141 -0.81 5.24 -1.61
N LYS A 142 -1.43 5.18 -2.78
CA LYS A 142 -2.27 6.28 -3.24
C LYS A 142 -3.55 6.36 -2.44
N VAL A 143 -4.20 5.22 -2.24
CA VAL A 143 -5.45 5.18 -1.48
C VAL A 143 -5.19 5.43 0.00
N ALA A 144 -4.07 4.91 0.50
CA ALA A 144 -3.72 5.08 1.91
C ALA A 144 -3.48 6.55 2.22
N PHE A 145 -2.71 7.22 1.36
CA PHE A 145 -2.40 8.63 1.56
C PHE A 145 -3.68 9.45 1.62
N MET A 146 -4.61 9.16 0.72
CA MET A 146 -5.88 9.89 0.67
C MET A 146 -6.64 9.72 1.99
N SER A 147 -6.57 8.52 2.56
CA SER A 147 -7.26 8.24 3.81
C SER A 147 -6.60 8.97 4.97
N ILE A 148 -5.28 8.90 5.02
CA ILE A 148 -4.53 9.56 6.10
C ILE A 148 -4.90 11.03 6.18
N LYS A 149 -5.21 11.62 5.03
CA LYS A 149 -5.58 13.03 4.99
C LYS A 149 -6.83 13.30 5.82
N ASN A 150 -7.80 12.38 5.71
CA ASN A 150 -9.04 12.53 6.46
C ASN A 150 -9.51 13.97 6.45
N GLY A 151 -9.32 14.66 7.57
CA GLY A 151 -9.73 16.06 7.68
C GLY A 151 -9.70 16.52 9.13
N VAL A 81 8.99 12.40 -3.15
CA VAL A 81 9.55 11.45 -4.15
C VAL A 81 8.97 10.06 -3.91
N ALA A 82 8.69 9.75 -2.65
CA ALA A 82 8.14 8.45 -2.31
C ALA A 82 7.31 8.54 -1.02
N TYR A 83 6.02 8.70 -1.18
CA TYR A 83 5.12 8.80 -0.03
C TYR A 83 5.44 7.72 0.99
N LYS A 84 6.19 6.72 0.55
CA LYS A 84 6.58 5.62 1.43
C LYS A 84 7.46 6.14 2.57
N ASN A 85 8.36 7.06 2.23
CA ASN A 85 9.26 7.63 3.24
C ASN A 85 8.49 8.43 4.27
N LEU A 86 7.63 9.32 3.78
CA LEU A 86 6.83 10.16 4.66
C LEU A 86 5.95 9.32 5.57
N LEU A 87 5.37 8.27 4.99
CA LEU A 87 4.48 7.39 5.76
C LEU A 87 5.22 6.84 6.98
N GLN A 88 6.50 6.56 6.81
CA GLN A 88 7.31 6.03 7.90
C GLN A 88 7.54 7.11 8.96
N GLU A 89 7.69 8.35 8.51
CA GLU A 89 7.94 9.45 9.43
C GLU A 89 6.78 9.63 10.42
N ILE A 90 5.57 9.68 9.88
CA ILE A 90 4.38 9.83 10.71
C ILE A 90 4.19 8.62 11.62
N ALA A 91 4.55 7.45 11.10
CA ALA A 91 4.40 6.22 11.87
C ALA A 91 5.11 6.34 13.22
N GLN A 92 6.36 6.77 13.19
CA GLN A 92 7.14 6.92 14.41
C GLN A 92 6.54 8.01 15.30
N LYS A 93 6.15 9.12 14.68
CA LYS A 93 5.58 10.24 15.42
C LYS A 93 4.30 9.80 16.13
N GLU A 94 3.42 9.12 15.39
CA GLU A 94 2.17 8.66 15.96
C GLU A 94 2.43 7.57 16.99
N SER A 95 3.60 6.94 16.91
CA SER A 95 3.95 5.88 17.85
C SER A 95 3.15 4.61 17.54
N SER A 96 2.64 4.53 16.32
CA SER A 96 1.85 3.37 15.91
C SER A 96 2.78 2.22 15.51
N LEU A 97 2.71 1.82 14.24
CA LEU A 97 3.54 0.74 13.75
C LEU A 97 3.98 1.01 12.31
N LEU A 98 5.29 1.00 12.07
CA LEU A 98 5.81 1.25 10.74
C LEU A 98 5.00 0.49 9.68
N PRO A 99 4.80 1.09 8.54
CA PRO A 99 4.03 0.47 7.42
C PRO A 99 4.78 -0.70 6.80
N PHE A 100 4.03 -1.72 6.37
CA PHE A 100 4.64 -2.90 5.75
C PHE A 100 3.97 -3.15 4.41
N TYR A 101 4.79 -3.30 3.37
CA TYR A 101 4.26 -3.55 2.03
C TYR A 101 4.27 -5.05 1.71
N ALA A 102 3.25 -5.49 0.97
CA ALA A 102 3.15 -6.90 0.61
C ALA A 102 2.58 -7.04 -0.79
N THR A 103 3.05 -8.06 -1.52
CA THR A 103 2.58 -8.30 -2.88
C THR A 103 2.01 -9.69 -3.01
N ALA A 104 0.78 -9.79 -3.53
CA ALA A 104 0.13 -11.09 -3.70
C ALA A 104 0.13 -11.48 -5.18
N THR A 105 0.47 -12.75 -5.45
CA THR A 105 0.50 -13.24 -6.82
C THR A 105 -0.57 -14.31 -7.02
N SER A 106 -1.50 -14.05 -7.94
CA SER A 106 -2.57 -14.99 -8.22
C SER A 106 -3.19 -14.70 -9.58
N GLY A 107 -3.95 -15.67 -10.10
CA GLY A 107 -4.59 -15.50 -11.39
C GLY A 107 -4.17 -16.59 -12.37
N PRO A 108 -4.84 -16.69 -13.47
CA PRO A 108 -4.53 -17.71 -14.52
C PRO A 108 -3.13 -17.52 -15.11
N SER A 109 -2.53 -18.61 -15.55
CA SER A 109 -1.20 -18.54 -16.16
C SER A 109 -1.25 -17.73 -17.44
N HIS A 110 -2.45 -17.53 -17.98
CA HIS A 110 -2.62 -16.76 -19.21
C HIS A 110 -2.84 -15.29 -18.88
N ALA A 111 -3.68 -15.03 -17.88
CA ALA A 111 -3.97 -13.66 -17.46
C ALA A 111 -3.69 -13.48 -15.97
N PRO A 112 -2.45 -13.34 -15.61
CA PRO A 112 -2.04 -13.16 -14.19
C PRO A 112 -2.30 -11.75 -13.69
N THR A 113 -2.27 -11.58 -12.37
CA THR A 113 -2.51 -10.27 -11.76
C THR A 113 -1.89 -10.20 -10.38
N PHE A 114 -1.52 -8.99 -9.96
CA PHE A 114 -0.90 -8.80 -8.65
C PHE A 114 -1.56 -7.65 -7.91
N THR A 115 -1.68 -7.79 -6.60
CA THR A 115 -2.31 -6.75 -5.78
C THR A 115 -1.42 -6.42 -4.58
N SER A 116 -1.09 -5.14 -4.44
CA SER A 116 -0.25 -4.70 -3.33
C SER A 116 -1.08 -4.18 -2.18
N THR A 117 -0.92 -4.77 -1.00
CA THR A 117 -1.67 -4.36 0.18
C THR A 117 -0.74 -3.77 1.22
N VAL A 118 -1.11 -2.61 1.75
CA VAL A 118 -0.30 -1.94 2.77
C VAL A 118 -1.02 -1.94 4.10
N GLU A 119 -0.25 -2.14 5.19
CA GLU A 119 -0.84 -2.17 6.53
C GLU A 119 -0.14 -1.17 7.44
N PHE A 120 -0.92 -0.41 8.18
CA PHE A 120 -0.37 0.58 9.10
C PHE A 120 -1.45 1.08 10.05
N ALA A 121 -1.01 1.61 11.20
CA ALA A 121 -1.95 2.13 12.19
C ALA A 121 -3.01 1.08 12.52
N GLY A 122 -2.67 -0.18 12.32
CA GLY A 122 -3.60 -1.27 12.61
C GLY A 122 -4.71 -1.33 11.57
N LYS A 123 -4.45 -0.77 10.40
CA LYS A 123 -5.43 -0.76 9.31
C LYS A 123 -4.79 -1.23 8.02
N VAL A 124 -5.60 -1.82 7.14
CA VAL A 124 -5.10 -2.31 5.85
C VAL A 124 -5.85 -1.66 4.70
N PHE A 125 -5.10 -1.11 3.75
CA PHE A 125 -5.70 -0.47 2.59
C PHE A 125 -5.40 -1.25 1.32
N SER A 126 -6.45 -1.65 0.61
CA SER A 126 -6.29 -2.41 -0.62
C SER A 126 -5.92 -1.47 -1.77
N GLY A 127 -4.82 -1.79 -2.47
CA GLY A 127 -4.38 -0.96 -3.58
C GLY A 127 -5.13 -1.31 -4.86
N GLU A 128 -4.70 -0.74 -5.98
CA GLU A 128 -5.34 -0.99 -7.26
C GLU A 128 -4.88 -2.33 -7.81
N GLU A 129 -5.58 -2.81 -8.84
CA GLU A 129 -5.23 -4.08 -9.48
C GLU A 129 -4.67 -3.82 -10.89
N ALA A 130 -3.71 -4.65 -11.28
CA ALA A 130 -3.09 -4.52 -12.60
C ALA A 130 -2.13 -5.68 -12.85
N LYS A 131 -1.65 -5.78 -14.08
CA LYS A 131 -0.70 -6.82 -14.46
C LYS A 131 0.72 -6.37 -14.16
N THR A 132 0.89 -5.64 -13.07
CA THR A 132 2.21 -5.13 -12.69
C THR A 132 2.27 -4.85 -11.19
N LYS A 133 3.45 -5.02 -10.61
CA LYS A 133 3.63 -4.76 -9.18
C LYS A 133 3.86 -3.28 -8.92
N LYS A 134 4.51 -2.61 -9.86
CA LYS A 134 4.82 -1.20 -9.69
C LYS A 134 3.55 -0.38 -9.49
N LEU A 135 2.60 -0.54 -10.41
CA LEU A 135 1.35 0.20 -10.33
C LEU A 135 0.57 -0.19 -9.07
N ALA A 136 0.58 -1.48 -8.76
CA ALA A 136 -0.14 -1.96 -7.59
C ALA A 136 0.38 -1.30 -6.32
N GLU A 137 1.69 -1.40 -6.09
CA GLU A 137 2.29 -0.81 -4.90
C GLU A 137 2.04 0.69 -4.87
N MET A 138 2.22 1.35 -6.00
CA MET A 138 2.02 2.79 -6.08
C MET A 138 0.58 3.15 -5.73
N SER A 139 -0.36 2.35 -6.23
CA SER A 139 -1.77 2.60 -5.96
C SER A 139 -2.07 2.41 -4.48
N ALA A 140 -1.39 1.46 -3.85
CA ALA A 140 -1.60 1.19 -2.43
C ALA A 140 -1.22 2.41 -1.58
N ALA A 141 -0.07 3.00 -1.89
CA ALA A 141 0.38 4.17 -1.16
C ALA A 141 -0.45 5.39 -1.51
N LYS A 142 -1.08 5.36 -2.68
CA LYS A 142 -1.90 6.47 -3.12
C LYS A 142 -3.20 6.55 -2.33
N VAL A 143 -3.89 5.42 -2.22
CA VAL A 143 -5.16 5.37 -1.50
C VAL A 143 -4.93 5.60 -0.01
N ALA A 144 -3.86 5.01 0.52
CA ALA A 144 -3.55 5.16 1.94
C ALA A 144 -3.28 6.62 2.27
N PHE A 145 -2.53 7.30 1.41
CA PHE A 145 -2.21 8.69 1.62
C PHE A 145 -3.48 9.52 1.67
N MET A 146 -4.41 9.23 0.78
CA MET A 146 -5.66 9.97 0.72
C MET A 146 -6.47 9.78 2.00
N SER A 147 -6.47 8.56 2.52
CA SER A 147 -7.20 8.26 3.74
C SER A 147 -6.58 8.97 4.95
N ILE A 148 -5.26 8.92 5.03
CA ILE A 148 -4.56 9.54 6.14
C ILE A 148 -4.94 11.01 6.26
N LYS A 149 -5.20 11.64 5.12
CA LYS A 149 -5.58 13.05 5.11
C LYS A 149 -6.87 13.26 5.89
N ASN A 150 -7.83 12.35 5.71
CA ASN A 150 -9.10 12.45 6.41
C ASN A 150 -9.02 11.78 7.77
N GLY A 151 -9.03 12.60 8.82
CA GLY A 151 -8.96 12.08 10.18
C GLY A 151 -7.88 11.01 10.30
N VAL A 81 10.24 11.94 -5.20
CA VAL A 81 10.04 11.66 -3.75
C VAL A 81 9.46 10.26 -3.58
N ALA A 82 9.10 9.92 -2.35
CA ALA A 82 8.53 8.61 -2.06
C ALA A 82 7.62 8.69 -0.84
N TYR A 83 6.33 8.84 -1.09
CA TYR A 83 5.35 8.92 -0.01
C TYR A 83 5.60 7.81 1.01
N LYS A 84 6.38 6.82 0.60
CA LYS A 84 6.71 5.71 1.50
C LYS A 84 7.51 6.21 2.70
N ASN A 85 8.45 7.10 2.42
CA ASN A 85 9.30 7.65 3.49
C ASN A 85 8.46 8.46 4.46
N LEU A 86 7.56 9.28 3.92
CA LEU A 86 6.71 10.12 4.75
C LEU A 86 5.84 9.27 5.67
N LEU A 87 5.28 8.20 5.13
CA LEU A 87 4.44 7.32 5.90
C LEU A 87 5.18 6.80 7.13
N GLN A 88 6.48 6.57 6.97
CA GLN A 88 7.29 6.10 8.07
C GLN A 88 7.49 7.19 9.10
N GLU A 89 7.59 8.44 8.64
CA GLU A 89 7.80 9.57 9.54
C GLU A 89 6.63 9.72 10.51
N ILE A 90 5.42 9.68 9.98
CA ILE A 90 4.23 9.81 10.81
C ILE A 90 4.11 8.63 11.76
N ALA A 91 4.50 7.46 11.29
CA ALA A 91 4.41 6.26 12.11
C ALA A 91 5.23 6.42 13.39
N GLN A 92 6.49 6.83 13.22
CA GLN A 92 7.37 7.01 14.37
C GLN A 92 6.86 8.14 15.27
N LYS A 93 6.47 9.25 14.65
CA LYS A 93 5.98 10.39 15.41
C LYS A 93 4.69 10.03 16.15
N GLU A 94 3.77 9.41 15.45
CA GLU A 94 2.50 9.01 16.05
C GLU A 94 2.70 7.84 16.99
N SER A 95 3.85 7.16 16.86
CA SER A 95 4.15 6.02 17.72
C SER A 95 3.44 4.77 17.21
N SER A 96 2.88 4.86 16.00
CA SER A 96 2.18 3.73 15.41
C SER A 96 3.16 2.75 14.79
N LEU A 97 2.67 1.54 14.50
CA LEU A 97 3.53 0.53 13.91
C LEU A 97 3.94 0.92 12.49
N LEU A 98 5.24 0.93 12.24
CA LEU A 98 5.75 1.29 10.93
C LEU A 98 4.97 0.57 9.83
N PRO A 99 4.83 1.20 8.68
CA PRO A 99 4.10 0.61 7.53
C PRO A 99 4.86 -0.55 6.89
N PHE A 100 4.12 -1.57 6.44
CA PHE A 100 4.73 -2.72 5.81
C PHE A 100 4.05 -3.00 4.48
N TYR A 101 4.85 -3.19 3.43
CA TYR A 101 4.31 -3.46 2.12
C TYR A 101 4.34 -4.96 1.81
N ALA A 102 3.33 -5.42 1.06
CA ALA A 102 3.25 -6.84 0.70
C ALA A 102 2.69 -7.00 -0.69
N THR A 103 3.17 -8.02 -1.41
CA THR A 103 2.71 -8.28 -2.77
C THR A 103 2.17 -9.71 -2.88
N ALA A 104 0.97 -9.84 -3.44
CA ALA A 104 0.36 -11.16 -3.61
C ALA A 104 0.25 -11.51 -5.09
N THR A 105 0.49 -12.77 -5.43
CA THR A 105 0.40 -13.22 -6.81
C THR A 105 -0.71 -14.23 -6.97
N SER A 106 -1.67 -13.91 -7.84
CA SER A 106 -2.80 -14.80 -8.08
C SER A 106 -3.44 -14.48 -9.42
N GLY A 107 -4.27 -15.41 -9.91
CA GLY A 107 -4.95 -15.22 -11.19
C GLY A 107 -4.64 -16.36 -12.15
N PRO A 108 -5.39 -16.48 -13.19
CA PRO A 108 -5.18 -17.54 -14.22
C PRO A 108 -3.82 -17.43 -14.90
N SER A 109 -3.31 -18.56 -15.36
CA SER A 109 -2.02 -18.57 -16.04
C SER A 109 -2.09 -17.77 -17.33
N HIS A 110 -3.31 -17.53 -17.81
CA HIS A 110 -3.50 -16.76 -19.04
C HIS A 110 -3.64 -15.28 -18.72
N ALA A 111 -4.41 -14.98 -17.67
CA ALA A 111 -4.62 -13.59 -17.26
C ALA A 111 -4.24 -13.41 -15.79
N PRO A 112 -2.96 -13.33 -15.51
CA PRO A 112 -2.45 -13.16 -14.12
C PRO A 112 -2.64 -11.72 -13.62
N THR A 113 -2.56 -11.55 -12.30
CA THR A 113 -2.71 -10.24 -11.69
C THR A 113 -2.05 -10.19 -10.33
N PHE A 114 -1.64 -8.99 -9.92
CA PHE A 114 -0.99 -8.82 -8.63
C PHE A 114 -1.64 -7.67 -7.86
N THR A 115 -1.74 -7.83 -6.54
CA THR A 115 -2.33 -6.79 -5.69
C THR A 115 -1.42 -6.50 -4.50
N SER A 116 -1.08 -5.23 -4.33
CA SER A 116 -0.22 -4.83 -3.22
C SER A 116 -1.05 -4.30 -2.06
N THR A 117 -0.88 -4.92 -0.89
CA THR A 117 -1.63 -4.52 0.30
C THR A 117 -0.69 -3.92 1.34
N VAL A 118 -1.03 -2.73 1.83
CA VAL A 118 -0.22 -2.06 2.83
C VAL A 118 -0.94 -2.01 4.17
N GLU A 119 -0.18 -2.18 5.25
CA GLU A 119 -0.76 -2.15 6.59
C GLU A 119 -0.06 -1.11 7.46
N PHE A 120 -0.85 -0.31 8.15
CA PHE A 120 -0.29 0.72 9.04
C PHE A 120 -1.38 1.29 9.94
N ALA A 121 -0.97 1.87 11.06
CA ALA A 121 -1.92 2.47 11.99
C ALA A 121 -2.98 1.45 12.40
N GLY A 122 -2.64 0.17 12.24
CA GLY A 122 -3.58 -0.90 12.60
C GLY A 122 -4.68 -1.03 11.56
N LYS A 123 -4.42 -0.54 10.35
CA LYS A 123 -5.38 -0.61 9.26
C LYS A 123 -4.74 -1.11 8.00
N VAL A 124 -5.54 -1.74 7.13
CA VAL A 124 -5.01 -2.28 5.86
C VAL A 124 -5.74 -1.66 4.68
N PHE A 125 -4.97 -1.11 3.75
CA PHE A 125 -5.55 -0.49 2.56
C PHE A 125 -5.23 -1.31 1.32
N SER A 126 -6.27 -1.76 0.62
CA SER A 126 -6.07 -2.56 -0.58
C SER A 126 -5.83 -1.66 -1.79
N GLY A 127 -4.88 -2.05 -2.63
CA GLY A 127 -4.56 -1.27 -3.82
C GLY A 127 -5.46 -1.66 -4.98
N GLU A 128 -5.12 -1.18 -6.18
CA GLU A 128 -5.92 -1.49 -7.36
C GLU A 128 -5.30 -2.64 -8.14
N GLU A 129 -6.13 -3.60 -8.54
CA GLU A 129 -5.65 -4.74 -9.30
C GLU A 129 -4.95 -4.27 -10.57
N ALA A 130 -3.94 -5.01 -10.99
CA ALA A 130 -3.20 -4.66 -12.20
C ALA A 130 -2.25 -5.80 -12.60
N LYS A 131 -1.81 -5.77 -13.85
CA LYS A 131 -0.90 -6.80 -14.35
C LYS A 131 0.56 -6.39 -14.09
N THR A 132 0.78 -5.69 -12.99
CA THR A 132 2.13 -5.24 -12.65
C THR A 132 2.22 -4.92 -11.16
N LYS A 133 3.41 -5.08 -10.60
CA LYS A 133 3.62 -4.81 -9.19
C LYS A 133 3.82 -3.31 -8.95
N LYS A 134 4.43 -2.64 -9.92
CA LYS A 134 4.70 -1.22 -9.79
C LYS A 134 3.42 -0.44 -9.56
N LEU A 135 2.44 -0.66 -10.43
CA LEU A 135 1.17 0.02 -10.31
C LEU A 135 0.44 -0.41 -9.04
N ALA A 136 0.51 -1.69 -8.73
CA ALA A 136 -0.16 -2.22 -7.55
C ALA A 136 0.33 -1.50 -6.30
N GLU A 137 1.64 -1.49 -6.08
CA GLU A 137 2.20 -0.85 -4.91
C GLU A 137 1.85 0.63 -4.89
N MET A 138 1.95 1.27 -6.05
CA MET A 138 1.65 2.69 -6.15
C MET A 138 0.19 2.94 -5.79
N SER A 139 -0.71 2.11 -6.31
CA SER A 139 -2.14 2.26 -6.04
C SER A 139 -2.42 2.10 -4.55
N ALA A 140 -1.73 1.15 -3.92
CA ALA A 140 -1.92 0.90 -2.49
C ALA A 140 -1.52 2.12 -1.68
N ALA A 141 -0.35 2.68 -2.00
CA ALA A 141 0.14 3.86 -1.29
C ALA A 141 -0.67 5.09 -1.65
N LYS A 142 -1.31 5.04 -2.83
CA LYS A 142 -2.12 6.17 -3.29
C LYS A 142 -3.41 6.29 -2.47
N VAL A 143 -4.09 5.17 -2.30
CA VAL A 143 -5.34 5.16 -1.55
C VAL A 143 -5.08 5.40 -0.07
N ALA A 144 -3.99 4.83 0.43
CA ALA A 144 -3.64 4.98 1.84
C ALA A 144 -3.36 6.44 2.16
N PHE A 145 -2.59 7.10 1.31
CA PHE A 145 -2.24 8.49 1.53
C PHE A 145 -3.50 9.36 1.56
N MET A 146 -4.41 9.09 0.64
CA MET A 146 -5.66 9.86 0.58
C MET A 146 -6.47 9.70 1.86
N SER A 147 -6.48 8.49 2.39
CA SER A 147 -7.22 8.22 3.63
C SER A 147 -6.59 8.95 4.81
N ILE A 148 -5.27 8.90 4.89
CA ILE A 148 -4.55 9.55 5.98
C ILE A 148 -4.88 11.04 6.04
N LYS A 149 -5.15 11.62 4.88
CA LYS A 149 -5.49 13.04 4.80
C LYS A 149 -6.78 13.33 5.56
N ASN A 150 -7.77 12.45 5.39
CA ASN A 150 -9.05 12.61 6.06
C ASN A 150 -8.88 12.53 7.57
N GLY A 151 -8.03 11.61 8.02
CA GLY A 151 -7.79 11.44 9.45
C GLY A 151 -7.01 10.15 9.72
N VAL A 81 8.90 11.98 -3.74
CA VAL A 81 9.77 10.92 -4.32
C VAL A 81 9.18 9.55 -4.02
N ALA A 82 8.88 9.30 -2.75
CA ALA A 82 8.30 8.03 -2.34
C ALA A 82 7.47 8.20 -1.07
N TYR A 83 6.18 8.37 -1.26
CA TYR A 83 5.25 8.54 -0.13
C TYR A 83 5.55 7.49 0.93
N LYS A 84 6.28 6.46 0.55
CA LYS A 84 6.63 5.38 1.47
C LYS A 84 7.51 5.94 2.60
N ASN A 85 8.46 6.78 2.22
CA ASN A 85 9.36 7.37 3.21
C ASN A 85 8.59 8.22 4.20
N LEU A 86 7.69 9.04 3.68
CA LEU A 86 6.89 9.91 4.52
C LEU A 86 6.00 9.10 5.46
N LEU A 87 5.43 8.02 4.93
CA LEU A 87 4.55 7.18 5.73
C LEU A 87 5.30 6.67 6.96
N GLN A 88 6.59 6.40 6.80
CA GLN A 88 7.39 5.92 7.90
C GLN A 88 7.65 7.05 8.91
N GLU A 89 7.73 8.28 8.41
CA GLU A 89 7.97 9.42 9.28
C GLU A 89 6.82 9.65 10.25
N ILE A 90 5.60 9.63 9.73
CA ILE A 90 4.43 9.84 10.56
C ILE A 90 4.24 8.68 11.53
N ALA A 91 4.59 7.48 11.07
CA ALA A 91 4.46 6.29 11.91
C ALA A 91 5.26 6.44 13.19
N GLN A 92 6.52 6.83 13.06
CA GLN A 92 7.38 7.01 14.22
C GLN A 92 6.89 8.16 15.09
N LYS A 93 6.52 9.26 14.44
CA LYS A 93 6.04 10.44 15.17
C LYS A 93 4.76 10.10 15.92
N GLU A 94 3.82 9.47 15.23
CA GLU A 94 2.55 9.09 15.85
C GLU A 94 2.74 7.90 16.77
N SER A 95 3.96 7.38 16.82
CA SER A 95 4.26 6.23 17.67
C SER A 95 3.54 4.99 17.15
N SER A 96 2.91 5.11 16.00
CA SER A 96 2.18 3.99 15.42
C SER A 96 3.16 2.99 14.81
N LEU A 97 2.69 1.77 14.61
CA LEU A 97 3.55 0.73 14.05
C LEU A 97 3.92 1.04 12.61
N LEU A 98 5.20 0.98 12.30
CA LEU A 98 5.67 1.25 10.94
C LEU A 98 4.78 0.52 9.93
N PRO A 99 4.72 1.03 8.73
CA PRO A 99 3.91 0.42 7.63
C PRO A 99 4.42 -0.96 7.24
N PHE A 100 3.66 -1.66 6.40
CA PHE A 100 4.06 -2.98 5.95
C PHE A 100 3.63 -3.19 4.49
N TYR A 101 4.60 -3.49 3.63
CA TYR A 101 4.33 -3.69 2.22
C TYR A 101 4.34 -5.19 1.88
N ALA A 102 3.33 -5.63 1.16
CA ALA A 102 3.23 -7.04 0.78
C ALA A 102 2.64 -7.18 -0.62
N THR A 103 3.11 -8.17 -1.37
CA THR A 103 2.62 -8.38 -2.73
C THR A 103 2.15 -9.82 -2.90
N ALA A 104 0.97 -10.00 -3.51
CA ALA A 104 0.41 -11.33 -3.73
C ALA A 104 0.10 -11.54 -5.21
N THR A 105 0.20 -12.78 -5.67
CA THR A 105 -0.06 -13.11 -7.06
C THR A 105 -1.37 -13.87 -7.20
N SER A 106 -2.18 -13.48 -8.19
CA SER A 106 -3.46 -14.14 -8.41
C SER A 106 -3.98 -13.82 -9.80
N GLY A 107 -4.93 -14.63 -10.26
CA GLY A 107 -5.52 -14.45 -11.58
C GLY A 107 -5.26 -15.66 -12.47
N PRO A 108 -5.75 -15.62 -13.67
CA PRO A 108 -5.59 -16.75 -14.64
C PRO A 108 -4.12 -17.03 -14.96
N SER A 109 -3.84 -18.29 -15.30
CA SER A 109 -2.48 -18.69 -15.65
C SER A 109 -2.02 -17.95 -16.90
N HIS A 110 -2.98 -17.43 -17.66
CA HIS A 110 -2.66 -16.69 -18.88
C HIS A 110 -2.48 -15.21 -18.57
N ALA A 111 -3.31 -14.71 -17.65
CA ALA A 111 -3.24 -13.30 -17.25
C ALA A 111 -3.03 -13.19 -15.73
N PRO A 112 -1.81 -13.34 -15.27
CA PRO A 112 -1.50 -13.28 -13.83
C PRO A 112 -1.29 -11.85 -13.34
N THR A 113 -2.16 -11.41 -12.42
CA THR A 113 -2.06 -10.07 -11.86
C THR A 113 -1.50 -10.11 -10.46
N PHE A 114 -1.17 -8.95 -9.92
CA PHE A 114 -0.62 -8.86 -8.57
C PHE A 114 -1.37 -7.81 -7.75
N THR A 115 -1.57 -8.10 -6.47
CA THR A 115 -2.27 -7.17 -5.58
C THR A 115 -1.38 -6.78 -4.41
N SER A 116 -1.08 -5.49 -4.30
CA SER A 116 -0.23 -4.99 -3.23
C SER A 116 -1.10 -4.45 -2.10
N THR A 117 -0.93 -5.00 -0.90
CA THR A 117 -1.68 -4.56 0.27
C THR A 117 -0.77 -3.89 1.29
N VAL A 118 -1.18 -2.72 1.77
CA VAL A 118 -0.39 -1.97 2.74
C VAL A 118 -1.11 -1.94 4.09
N GLU A 119 -0.34 -2.10 5.17
CA GLU A 119 -0.91 -2.10 6.51
C GLU A 119 -0.21 -1.06 7.39
N PHE A 120 -0.99 -0.29 8.12
CA PHE A 120 -0.43 0.72 9.01
C PHE A 120 -1.49 1.25 9.97
N ALA A 121 -1.04 1.83 11.08
CA ALA A 121 -1.97 2.37 12.07
C ALA A 121 -3.00 1.33 12.47
N GLY A 122 -2.65 0.06 12.28
CA GLY A 122 -3.55 -1.04 12.63
C GLY A 122 -4.68 -1.16 11.61
N LYS A 123 -4.45 -0.64 10.40
CA LYS A 123 -5.45 -0.69 9.35
C LYS A 123 -4.82 -1.18 8.06
N VAL A 124 -5.63 -1.81 7.20
CA VAL A 124 -5.14 -2.32 5.92
C VAL A 124 -5.87 -1.65 4.76
N PHE A 125 -5.09 -1.05 3.86
CA PHE A 125 -5.67 -0.38 2.70
C PHE A 125 -5.39 -1.19 1.43
N SER A 126 -6.46 -1.61 0.76
CA SER A 126 -6.32 -2.39 -0.46
C SER A 126 -6.08 -1.47 -1.66
N GLY A 127 -5.11 -1.84 -2.49
CA GLY A 127 -4.79 -1.04 -3.67
C GLY A 127 -5.58 -1.52 -4.88
N GLU A 128 -5.19 -1.06 -6.07
CA GLU A 128 -5.86 -1.45 -7.29
C GLU A 128 -5.12 -2.58 -7.99
N GLU A 129 -5.85 -3.58 -8.41
CA GLU A 129 -5.25 -4.72 -9.10
C GLU A 129 -4.62 -4.28 -10.41
N ALA A 130 -3.59 -5.00 -10.83
CA ALA A 130 -2.89 -4.67 -12.08
C ALA A 130 -1.90 -5.75 -12.44
N LYS A 131 -1.44 -5.74 -13.69
CA LYS A 131 -0.46 -6.72 -14.15
C LYS A 131 0.96 -6.23 -13.90
N THR A 132 1.13 -5.49 -12.81
CA THR A 132 2.45 -4.97 -12.47
C THR A 132 2.54 -4.68 -10.98
N LYS A 133 3.73 -4.84 -10.43
CA LYS A 133 3.96 -4.59 -9.01
C LYS A 133 4.15 -3.11 -8.77
N LYS A 134 4.44 -2.38 -9.85
CA LYS A 134 4.67 -0.95 -9.76
C LYS A 134 3.36 -0.21 -9.52
N LEU A 135 2.41 -0.41 -10.44
CA LEU A 135 1.12 0.25 -10.32
C LEU A 135 0.35 -0.23 -9.10
N ALA A 136 0.41 -1.53 -8.85
CA ALA A 136 -0.30 -2.11 -7.72
C ALA A 136 0.11 -1.44 -6.42
N GLU A 137 1.42 -1.43 -6.14
CA GLU A 137 1.92 -0.83 -4.92
C GLU A 137 1.58 0.66 -4.88
N MET A 138 1.70 1.32 -6.02
CA MET A 138 1.40 2.75 -6.09
C MET A 138 -0.06 3.01 -5.74
N SER A 139 -0.95 2.17 -6.25
CA SER A 139 -2.36 2.32 -5.97
C SER A 139 -2.65 2.20 -4.48
N ALA A 140 -1.98 1.25 -3.83
CA ALA A 140 -2.17 1.02 -2.41
C ALA A 140 -1.74 2.25 -1.60
N ALA A 141 -0.58 2.78 -1.95
CA ALA A 141 -0.06 3.96 -1.26
C ALA A 141 -0.87 5.20 -1.61
N LYS A 142 -1.51 5.16 -2.77
CA LYS A 142 -2.33 6.30 -3.21
C LYS A 142 -3.61 6.41 -2.38
N VAL A 143 -4.33 5.29 -2.27
CA VAL A 143 -5.58 5.27 -1.52
C VAL A 143 -5.31 5.47 -0.04
N ALA A 144 -4.24 4.86 0.46
CA ALA A 144 -3.89 4.97 1.87
C ALA A 144 -3.54 6.41 2.24
N PHE A 145 -2.71 7.03 1.43
CA PHE A 145 -2.29 8.40 1.68
C PHE A 145 -3.49 9.33 1.70
N MET A 146 -4.39 9.16 0.74
CA MET A 146 -5.58 10.00 0.65
C MET A 146 -6.43 9.87 1.90
N SER A 147 -6.52 8.65 2.42
CA SER A 147 -7.30 8.39 3.63
C SER A 147 -6.66 9.06 4.85
N ILE A 148 -5.34 8.97 4.91
CA ILE A 148 -4.60 9.55 6.03
C ILE A 148 -4.88 11.04 6.17
N LYS A 149 -4.91 11.75 5.05
CA LYS A 149 -5.17 13.18 5.08
C LYS A 149 -6.66 13.46 5.18
N ASN A 150 -7.46 12.53 4.69
CA ASN A 150 -8.92 12.68 4.71
C ASN A 150 -9.42 12.75 6.15
N GLY A 151 -8.85 11.90 7.01
CA GLY A 151 -9.24 11.87 8.41
C GLY A 151 -9.23 13.27 9.01
N VAL A 81 9.23 12.04 -3.28
CA VAL A 81 9.57 11.12 -4.40
C VAL A 81 8.99 9.74 -4.12
N ALA A 82 8.69 9.46 -2.85
CA ALA A 82 8.13 8.17 -2.47
C ALA A 82 7.32 8.32 -1.19
N TYR A 83 6.01 8.48 -1.36
CA TYR A 83 5.11 8.63 -0.23
C TYR A 83 5.41 7.56 0.82
N LYS A 84 6.15 6.55 0.41
CA LYS A 84 6.52 5.47 1.32
C LYS A 84 7.40 6.00 2.44
N ASN A 85 8.33 6.87 2.07
CA ASN A 85 9.24 7.45 3.06
C ASN A 85 8.48 8.30 4.06
N LEU A 86 7.60 9.15 3.54
CA LEU A 86 6.80 10.02 4.40
C LEU A 86 5.92 9.20 5.34
N LEU A 87 5.34 8.15 4.82
CA LEU A 87 4.47 7.30 5.62
C LEU A 87 5.23 6.77 6.83
N GLN A 88 6.50 6.48 6.63
CA GLN A 88 7.33 5.98 7.74
C GLN A 88 7.60 7.09 8.75
N GLU A 89 7.71 8.33 8.25
CA GLU A 89 7.99 9.45 9.14
C GLU A 89 6.84 9.67 10.13
N ILE A 90 5.62 9.69 9.61
CA ILE A 90 4.45 9.89 10.46
C ILE A 90 4.22 8.69 11.37
N ALA A 91 4.53 7.50 10.86
CA ALA A 91 4.34 6.28 11.62
C ALA A 91 5.14 6.34 12.93
N GLN A 92 6.42 6.67 12.82
CA GLN A 92 7.27 6.76 14.00
C GLN A 92 6.84 7.92 14.89
N LYS A 93 6.52 9.05 14.26
CA LYS A 93 6.11 10.24 15.00
C LYS A 93 4.85 9.95 15.81
N GLU A 94 3.86 9.33 15.15
CA GLU A 94 2.61 9.00 15.82
C GLU A 94 2.81 7.84 16.79
N SER A 95 4.02 7.30 16.81
CA SER A 95 4.33 6.17 17.69
C SER A 95 3.52 4.94 17.30
N SER A 96 2.80 5.05 16.19
CA SER A 96 1.99 3.93 15.70
C SER A 96 2.88 2.74 15.38
N LEU A 97 2.73 2.20 14.16
CA LEU A 97 3.53 1.06 13.73
C LEU A 97 3.96 1.23 12.28
N LEU A 98 5.26 1.12 12.05
CA LEU A 98 5.79 1.28 10.71
C LEU A 98 4.95 0.50 9.68
N PRO A 99 4.76 1.05 8.51
CA PRO A 99 3.95 0.39 7.44
C PRO A 99 4.68 -0.81 6.84
N PHE A 100 3.93 -1.86 6.47
CA PHE A 100 4.53 -3.06 5.88
C PHE A 100 3.87 -3.31 4.54
N TYR A 101 4.70 -3.44 3.51
CA TYR A 101 4.18 -3.67 2.17
C TYR A 101 4.16 -5.17 1.85
N ALA A 102 3.12 -5.61 1.15
CA ALA A 102 3.00 -7.02 0.78
C ALA A 102 2.38 -7.15 -0.60
N THR A 103 2.83 -8.15 -1.36
CA THR A 103 2.32 -8.38 -2.70
C THR A 103 1.74 -9.79 -2.82
N ALA A 104 0.50 -9.88 -3.31
CA ALA A 104 -0.16 -11.17 -3.47
C ALA A 104 -0.40 -11.46 -4.94
N THR A 105 -0.26 -12.73 -5.34
CA THR A 105 -0.47 -13.12 -6.73
C THR A 105 -1.81 -13.83 -6.87
N SER A 106 -2.58 -13.42 -7.88
CA SER A 106 -3.89 -14.02 -8.12
C SER A 106 -4.33 -13.75 -9.55
N GLY A 107 -5.36 -14.47 -9.99
CA GLY A 107 -5.89 -14.30 -11.34
C GLY A 107 -5.68 -15.56 -12.17
N PRO A 108 -6.04 -15.51 -13.43
CA PRO A 108 -5.90 -16.68 -14.36
C PRO A 108 -4.44 -17.06 -14.59
N SER A 109 -4.22 -18.31 -14.98
CA SER A 109 -2.88 -18.79 -15.24
C SER A 109 -2.33 -18.13 -16.51
N HIS A 110 -3.22 -17.60 -17.34
CA HIS A 110 -2.80 -16.95 -18.58
C HIS A 110 -2.54 -15.47 -18.34
N ALA A 111 -3.38 -14.85 -17.51
CA ALA A 111 -3.23 -13.43 -17.18
C ALA A 111 -3.15 -13.26 -15.65
N PRO A 112 -2.02 -13.53 -15.07
CA PRO A 112 -1.82 -13.40 -13.60
C PRO A 112 -1.55 -11.95 -13.18
N THR A 113 -2.34 -11.46 -12.24
CA THR A 113 -2.19 -10.09 -11.73
C THR A 113 -1.67 -10.12 -10.32
N PHE A 114 -1.35 -8.94 -9.79
CA PHE A 114 -0.83 -8.82 -8.43
C PHE A 114 -1.53 -7.71 -7.67
N THR A 115 -1.67 -7.88 -6.36
CA THR A 115 -2.32 -6.87 -5.53
C THR A 115 -1.44 -6.51 -4.34
N SER A 116 -1.14 -5.23 -4.20
CA SER A 116 -0.29 -4.79 -3.10
C SER A 116 -1.14 -4.32 -1.91
N THR A 117 -0.97 -4.98 -0.78
CA THR A 117 -1.73 -4.63 0.42
C THR A 117 -0.82 -3.94 1.43
N VAL A 118 -1.23 -2.76 1.89
CA VAL A 118 -0.45 -2.00 2.86
C VAL A 118 -1.14 -2.00 4.21
N GLU A 119 -0.36 -2.18 5.27
CA GLU A 119 -0.90 -2.20 6.62
C GLU A 119 -0.21 -1.16 7.51
N PHE A 120 -1.02 -0.38 8.23
CA PHE A 120 -0.48 0.65 9.10
C PHE A 120 -1.54 1.14 10.07
N ALA A 121 -1.11 1.70 11.21
CA ALA A 121 -2.05 2.20 12.20
C ALA A 121 -3.08 1.14 12.56
N GLY A 122 -2.72 -0.12 12.37
CA GLY A 122 -3.62 -1.22 12.67
C GLY A 122 -4.74 -1.32 11.64
N LYS A 123 -4.50 -0.78 10.46
CA LYS A 123 -5.49 -0.80 9.39
C LYS A 123 -4.85 -1.26 8.09
N VAL A 124 -5.65 -1.86 7.22
CA VAL A 124 -5.15 -2.35 5.93
C VAL A 124 -5.91 -1.71 4.78
N PHE A 125 -5.17 -1.15 3.82
CA PHE A 125 -5.78 -0.50 2.66
C PHE A 125 -5.47 -1.30 1.40
N SER A 126 -6.52 -1.72 0.70
CA SER A 126 -6.37 -2.49 -0.53
C SER A 126 -6.03 -1.56 -1.69
N GLY A 127 -4.95 -1.87 -2.40
CA GLY A 127 -4.53 -1.05 -3.53
C GLY A 127 -5.27 -1.46 -4.80
N GLU A 128 -4.85 -0.90 -5.94
CA GLU A 128 -5.46 -1.21 -7.21
C GLU A 128 -4.92 -2.54 -7.74
N GLU A 129 -5.58 -3.08 -8.78
CA GLU A 129 -5.17 -4.33 -9.39
C GLU A 129 -4.55 -4.06 -10.77
N ALA A 130 -3.52 -4.82 -11.09
CA ALA A 130 -2.84 -4.67 -12.37
C ALA A 130 -1.82 -5.79 -12.58
N LYS A 131 -1.34 -5.91 -13.81
CA LYS A 131 -0.34 -6.93 -14.14
C LYS A 131 1.05 -6.40 -13.86
N THR A 132 1.18 -5.60 -12.82
CA THR A 132 2.48 -5.03 -12.44
C THR A 132 2.54 -4.73 -10.95
N LYS A 133 3.73 -4.89 -10.37
CA LYS A 133 3.91 -4.63 -8.94
C LYS A 133 4.15 -3.13 -8.69
N LYS A 134 4.58 -2.42 -9.72
CA LYS A 134 4.86 -1.00 -9.59
C LYS A 134 3.57 -0.21 -9.40
N LEU A 135 2.62 -0.38 -10.32
CA LEU A 135 1.36 0.32 -10.24
C LEU A 135 0.56 -0.13 -9.02
N ALA A 136 0.59 -1.42 -8.75
CA ALA A 136 -0.14 -1.97 -7.63
C ALA A 136 0.28 -1.31 -6.32
N GLU A 137 1.59 -1.34 -6.04
CA GLU A 137 2.10 -0.73 -4.83
C GLU A 137 1.82 0.76 -4.80
N MET A 138 1.99 1.41 -5.95
CA MET A 138 1.74 2.84 -6.04
C MET A 138 0.28 3.16 -5.69
N SER A 139 -0.64 2.34 -6.19
CA SER A 139 -2.05 2.55 -5.92
C SER A 139 -2.35 2.37 -4.44
N ALA A 140 -1.67 1.42 -3.80
CA ALA A 140 -1.87 1.16 -2.38
C ALA A 140 -1.51 2.39 -1.56
N ALA A 141 -0.35 2.97 -1.86
CA ALA A 141 0.10 4.15 -1.14
C ALA A 141 -0.76 5.36 -1.49
N LYS A 142 -1.39 5.31 -2.67
CA LYS A 142 -2.24 6.41 -3.11
C LYS A 142 -3.54 6.46 -2.31
N VAL A 143 -4.22 5.33 -2.21
CA VAL A 143 -5.48 5.25 -1.49
C VAL A 143 -5.26 5.43 0.00
N ALA A 144 -4.19 4.84 0.52
CA ALA A 144 -3.88 4.95 1.94
C ALA A 144 -3.54 6.38 2.31
N PHE A 145 -2.69 7.01 1.50
CA PHE A 145 -2.28 8.38 1.76
C PHE A 145 -3.49 9.30 1.80
N MET A 146 -4.38 9.15 0.82
CA MET A 146 -5.57 10.00 0.75
C MET A 146 -6.44 9.81 1.99
N SER A 147 -6.53 8.58 2.47
CA SER A 147 -7.33 8.28 3.64
C SER A 147 -6.74 8.94 4.89
N ILE A 148 -5.43 8.88 5.01
CA ILE A 148 -4.74 9.46 6.17
C ILE A 148 -5.09 10.94 6.30
N LYS A 149 -5.11 11.66 5.20
CA LYS A 149 -5.43 13.08 5.23
C LYS A 149 -6.93 13.29 5.17
N ASN A 150 -7.63 12.36 4.53
CA ASN A 150 -9.09 12.45 4.39
C ASN A 150 -9.77 11.73 5.54
N GLY A 151 -10.35 12.52 6.46
CA GLY A 151 -11.03 11.96 7.61
C GLY A 151 -11.69 13.05 8.44
N VAL A 81 10.88 11.42 -5.03
CA VAL A 81 9.67 11.52 -4.17
C VAL A 81 9.07 10.13 -3.97
N ALA A 82 8.74 9.80 -2.72
CA ALA A 82 8.17 8.49 -2.41
C ALA A 82 7.33 8.60 -1.15
N TYR A 83 6.03 8.76 -1.35
CA TYR A 83 5.09 8.87 -0.24
C TYR A 83 5.36 7.75 0.76
N LYS A 84 6.09 6.75 0.31
CA LYS A 84 6.41 5.62 1.16
C LYS A 84 7.26 6.08 2.34
N ASN A 85 8.24 6.94 2.04
CA ASN A 85 9.14 7.44 3.08
C ASN A 85 8.36 8.25 4.10
N LEU A 86 7.47 9.12 3.62
CA LEU A 86 6.68 9.96 4.51
C LEU A 86 5.81 9.12 5.44
N LEU A 87 5.22 8.08 4.88
CA LEU A 87 4.36 7.21 5.67
C LEU A 87 5.14 6.65 6.85
N GLN A 88 6.41 6.36 6.63
CA GLN A 88 7.26 5.84 7.68
C GLN A 88 7.54 6.93 8.72
N GLU A 89 7.68 8.17 8.26
CA GLU A 89 7.98 9.28 9.18
C GLU A 89 6.84 9.49 10.17
N ILE A 90 5.62 9.54 9.68
CA ILE A 90 4.48 9.76 10.55
C ILE A 90 4.31 8.59 11.52
N ALA A 91 4.47 7.37 11.00
CA ALA A 91 4.33 6.18 11.83
C ALA A 91 5.42 6.14 12.91
N GLN A 92 6.66 6.37 12.49
CA GLN A 92 7.78 6.35 13.41
C GLN A 92 7.68 7.48 14.42
N LYS A 93 7.38 8.68 13.93
CA LYS A 93 7.26 9.85 14.80
C LYS A 93 6.12 9.66 15.79
N GLU A 94 4.98 9.18 15.29
CA GLU A 94 3.82 8.98 16.14
C GLU A 94 3.82 7.55 16.69
N SER A 95 4.82 6.77 16.31
CA SER A 95 4.92 5.39 16.77
C SER A 95 3.56 4.72 16.74
N SER A 96 3.14 4.26 15.56
CA SER A 96 1.85 3.61 15.41
C SER A 96 1.95 2.41 14.48
N LEU A 97 3.08 1.70 14.54
CA LEU A 97 3.30 0.52 13.70
C LEU A 97 3.72 0.94 12.30
N LEU A 98 5.04 0.99 12.09
CA LEU A 98 5.57 1.37 10.78
C LEU A 98 4.81 0.63 9.67
N PRO A 99 4.67 1.26 8.52
CA PRO A 99 3.95 0.65 7.36
C PRO A 99 4.73 -0.53 6.77
N PHE A 100 4.01 -1.58 6.37
CA PHE A 100 4.64 -2.75 5.79
C PHE A 100 3.97 -3.05 4.46
N TYR A 101 4.77 -3.24 3.43
CA TYR A 101 4.24 -3.50 2.11
C TYR A 101 4.24 -4.99 1.82
N ALA A 102 3.20 -5.47 1.13
CA ALA A 102 3.10 -6.88 0.78
C ALA A 102 2.51 -7.05 -0.61
N THR A 103 2.99 -8.06 -1.35
CA THR A 103 2.50 -8.31 -2.71
C THR A 103 2.00 -9.75 -2.84
N ALA A 104 0.79 -9.91 -3.38
CA ALA A 104 0.19 -11.23 -3.57
C ALA A 104 -0.07 -11.48 -5.05
N THR A 105 0.05 -12.74 -5.48
CA THR A 105 -0.17 -13.10 -6.87
C THR A 105 -1.45 -13.92 -7.00
N SER A 106 -2.23 -13.64 -8.04
CA SER A 106 -3.48 -14.36 -8.25
C SER A 106 -4.01 -14.06 -9.65
N GLY A 107 -4.79 -14.99 -10.19
CA GLY A 107 -5.37 -14.81 -11.52
C GLY A 107 -5.04 -15.99 -12.44
N PRO A 108 -5.43 -15.90 -13.69
CA PRO A 108 -5.17 -16.99 -14.69
C PRO A 108 -3.67 -17.23 -14.90
N SER A 109 -3.34 -18.46 -15.29
CA SER A 109 -1.96 -18.81 -15.53
C SER A 109 -1.44 -18.06 -16.75
N HIS A 110 -2.37 -17.52 -17.56
CA HIS A 110 -1.99 -16.78 -18.76
C HIS A 110 -1.85 -15.29 -18.45
N ALA A 111 -2.79 -14.78 -17.65
CA ALA A 111 -2.76 -13.38 -17.26
C ALA A 111 -2.76 -13.25 -15.72
N PRO A 112 -1.62 -13.43 -15.09
CA PRO A 112 -1.50 -13.34 -13.61
C PRO A 112 -1.33 -11.90 -13.13
N THR A 113 -2.24 -11.46 -12.26
CA THR A 113 -2.21 -10.11 -11.72
C THR A 113 -1.65 -10.13 -10.31
N PHE A 114 -1.32 -8.95 -9.80
CA PHE A 114 -0.77 -8.83 -8.45
C PHE A 114 -1.52 -7.75 -7.67
N THR A 115 -1.70 -7.98 -6.37
CA THR A 115 -2.38 -7.02 -5.52
C THR A 115 -1.48 -6.63 -4.36
N SER A 116 -1.17 -5.34 -4.25
CA SER A 116 -0.31 -4.86 -3.17
C SER A 116 -1.15 -4.36 -2.01
N THR A 117 -0.95 -4.96 -0.84
CA THR A 117 -1.70 -4.57 0.37
C THR A 117 -0.74 -4.00 1.41
N VAL A 118 -1.09 -2.83 1.93
CA VAL A 118 -0.26 -2.16 2.94
C VAL A 118 -0.99 -2.11 4.27
N GLU A 119 -0.24 -2.21 5.36
CA GLU A 119 -0.82 -2.18 6.70
C GLU A 119 -0.13 -1.14 7.56
N PHE A 120 -0.92 -0.33 8.26
CA PHE A 120 -0.37 0.69 9.14
C PHE A 120 -1.45 1.25 10.06
N ALA A 121 -1.03 1.88 11.16
CA ALA A 121 -1.98 2.44 12.11
C ALA A 121 -3.01 1.41 12.53
N GLY A 122 -2.70 0.14 12.33
CA GLY A 122 -3.61 -0.94 12.70
C GLY A 122 -4.72 -1.10 11.68
N LYS A 123 -4.48 -0.60 10.47
CA LYS A 123 -5.46 -0.67 9.38
C LYS A 123 -4.80 -1.18 8.12
N VAL A 124 -5.59 -1.84 7.26
CA VAL A 124 -5.07 -2.39 6.01
C VAL A 124 -5.82 -1.79 4.82
N PHE A 125 -5.06 -1.27 3.86
CA PHE A 125 -5.62 -0.68 2.65
C PHE A 125 -5.34 -1.57 1.45
N SER A 126 -6.18 -1.46 0.44
CA SER A 126 -6.02 -2.26 -0.78
C SER A 126 -5.79 -1.36 -1.98
N GLY A 127 -4.79 -1.71 -2.80
CA GLY A 127 -4.47 -0.95 -3.99
C GLY A 127 -5.35 -1.36 -5.15
N GLU A 128 -5.01 -0.89 -6.35
CA GLU A 128 -5.79 -1.21 -7.54
C GLU A 128 -5.21 -2.42 -8.27
N GLU A 129 -6.03 -3.41 -8.55
CA GLU A 129 -5.54 -4.59 -9.26
C GLU A 129 -4.85 -4.18 -10.55
N ALA A 130 -3.79 -4.91 -10.90
CA ALA A 130 -3.04 -4.62 -12.11
C ALA A 130 -2.05 -5.73 -12.41
N LYS A 131 -1.58 -5.79 -13.66
CA LYS A 131 -0.61 -6.79 -14.08
C LYS A 131 0.81 -6.30 -13.84
N THR A 132 0.98 -5.53 -12.78
CA THR A 132 2.31 -5.01 -12.44
C THR A 132 2.40 -4.72 -10.94
N LYS A 133 3.60 -4.88 -10.39
CA LYS A 133 3.82 -4.62 -8.98
C LYS A 133 3.98 -3.12 -8.71
N LYS A 134 4.57 -2.41 -9.68
CA LYS A 134 4.81 -0.98 -9.52
C LYS A 134 3.48 -0.24 -9.31
N LEU A 135 2.54 -0.42 -10.24
CA LEU A 135 1.26 0.25 -10.12
C LEU A 135 0.51 -0.25 -8.90
N ALA A 136 0.61 -1.55 -8.64
CA ALA A 136 -0.07 -2.14 -7.50
C ALA A 136 0.34 -1.44 -6.21
N GLU A 137 1.64 -1.40 -5.95
CA GLU A 137 2.16 -0.79 -4.73
C GLU A 137 1.85 0.71 -4.72
N MET A 138 2.00 1.35 -5.87
CA MET A 138 1.73 2.79 -5.97
C MET A 138 0.26 3.07 -5.66
N SER A 139 -0.62 2.23 -6.17
CA SER A 139 -2.04 2.39 -5.93
C SER A 139 -2.38 2.16 -4.46
N ALA A 140 -1.67 1.21 -3.83
CA ALA A 140 -1.90 0.91 -2.42
C ALA A 140 -1.51 2.11 -1.56
N ALA A 141 -0.35 2.68 -1.83
CA ALA A 141 0.12 3.83 -1.07
C ALA A 141 -0.69 5.07 -1.41
N LYS A 142 -1.28 5.08 -2.62
CA LYS A 142 -2.08 6.20 -3.06
C LYS A 142 -3.40 6.29 -2.27
N VAL A 143 -4.08 5.15 -2.16
CA VAL A 143 -5.34 5.10 -1.44
C VAL A 143 -5.12 5.31 0.05
N ALA A 144 -4.02 4.76 0.57
CA ALA A 144 -3.71 4.91 1.99
C ALA A 144 -3.43 6.36 2.33
N PHE A 145 -2.62 7.02 1.51
CA PHE A 145 -2.28 8.42 1.74
C PHE A 145 -3.52 9.29 1.72
N MET A 146 -4.40 9.01 0.77
CA MET A 146 -5.64 9.79 0.64
C MET A 146 -6.48 9.69 1.91
N SER A 147 -6.49 8.50 2.52
CA SER A 147 -7.26 8.31 3.74
C SER A 147 -6.61 9.03 4.92
N ILE A 148 -5.28 8.99 4.98
CA ILE A 148 -4.54 9.63 6.06
C ILE A 148 -4.86 11.13 6.10
N LYS A 149 -5.22 11.69 4.96
CA LYS A 149 -5.53 13.11 4.90
C LYS A 149 -6.68 13.46 5.84
N ASN A 150 -7.69 12.59 5.87
CA ASN A 150 -8.84 12.83 6.74
C ASN A 150 -8.41 12.80 8.20
N GLY A 151 -7.54 11.85 8.55
CA GLY A 151 -7.06 11.72 9.92
C GLY A 151 -6.06 12.82 10.26
N VAL A 81 11.14 11.22 -4.18
CA VAL A 81 9.65 11.29 -4.12
C VAL A 81 9.09 9.89 -3.88
N ALA A 82 8.77 9.59 -2.62
CA ALA A 82 8.23 8.29 -2.26
C ALA A 82 7.40 8.41 -0.99
N TYR A 83 6.10 8.53 -1.18
CA TYR A 83 5.17 8.65 -0.07
C TYR A 83 5.48 7.59 0.98
N LYS A 84 6.25 6.59 0.58
CA LYS A 84 6.62 5.52 1.49
C LYS A 84 7.47 6.07 2.62
N ASN A 85 8.39 6.96 2.26
CA ASN A 85 9.27 7.55 3.26
C ASN A 85 8.49 8.39 4.26
N LEU A 86 7.59 9.20 3.75
CA LEU A 86 6.77 10.05 4.62
C LEU A 86 5.91 9.21 5.53
N LEU A 87 5.37 8.12 5.00
CA LEU A 87 4.52 7.24 5.78
C LEU A 87 5.28 6.73 6.99
N GLN A 88 6.57 6.45 6.79
CA GLN A 88 7.40 5.98 7.89
C GLN A 88 7.65 7.10 8.89
N GLU A 89 7.76 8.33 8.40
CA GLU A 89 8.02 9.48 9.28
C GLU A 89 6.88 9.68 10.27
N ILE A 90 5.66 9.69 9.76
CA ILE A 90 4.47 9.87 10.59
C ILE A 90 4.30 8.69 11.53
N ALA A 91 4.64 7.50 11.07
CA ALA A 91 4.49 6.30 11.87
C ALA A 91 5.24 6.45 13.20
N GLN A 92 6.49 6.88 13.13
CA GLN A 92 7.30 7.06 14.32
C GLN A 92 6.77 8.22 15.17
N LYS A 93 6.42 9.32 14.51
CA LYS A 93 5.91 10.49 15.23
C LYS A 93 4.61 10.15 15.95
N GLU A 94 3.70 9.51 15.24
CA GLU A 94 2.41 9.13 15.81
C GLU A 94 2.56 7.91 16.70
N SER A 95 3.80 7.43 16.84
CA SER A 95 4.07 6.26 17.67
C SER A 95 3.39 5.01 17.09
N SER A 96 2.84 5.16 15.89
CA SER A 96 2.17 4.04 15.23
C SER A 96 3.20 3.05 14.68
N LEU A 97 2.77 1.81 14.47
CA LEU A 97 3.66 0.78 13.97
C LEU A 97 4.05 1.08 12.51
N LEU A 98 5.34 1.00 12.23
CA LEU A 98 5.82 1.27 10.89
C LEU A 98 4.96 0.53 9.85
N PRO A 99 4.81 1.09 8.67
CA PRO A 99 4.01 0.47 7.57
C PRO A 99 4.72 -0.74 6.96
N PHE A 100 3.97 -1.78 6.59
CA PHE A 100 4.56 -2.97 5.99
C PHE A 100 3.86 -3.22 4.67
N TYR A 101 4.64 -3.37 3.61
CA TYR A 101 4.07 -3.60 2.30
C TYR A 101 4.06 -5.09 1.97
N ALA A 102 3.03 -5.53 1.25
CA ALA A 102 2.92 -6.95 0.87
C ALA A 102 2.37 -7.07 -0.55
N THR A 103 2.87 -8.06 -1.29
CA THR A 103 2.43 -8.29 -2.67
C THR A 103 1.96 -9.74 -2.83
N ALA A 104 0.80 -9.92 -3.45
CA ALA A 104 0.25 -11.27 -3.68
C ALA A 104 -0.09 -11.45 -5.15
N THR A 105 -0.04 -12.70 -5.61
CA THR A 105 -0.35 -13.02 -7.00
C THR A 105 -1.69 -13.73 -7.10
N SER A 106 -2.50 -13.31 -8.07
CA SER A 106 -3.81 -13.92 -8.25
C SER A 106 -4.34 -13.64 -9.64
N GLY A 107 -5.36 -14.39 -10.05
CA GLY A 107 -5.96 -14.20 -11.37
C GLY A 107 -5.80 -15.47 -12.22
N PRO A 108 -6.22 -15.41 -13.47
CA PRO A 108 -6.12 -16.57 -14.41
C PRO A 108 -4.68 -16.99 -14.67
N SER A 109 -4.51 -18.27 -14.98
CA SER A 109 -3.18 -18.80 -15.26
C SER A 109 -2.64 -18.19 -16.55
N HIS A 110 -3.54 -17.62 -17.36
CA HIS A 110 -3.15 -17.00 -18.63
C HIS A 110 -2.79 -15.55 -18.41
N ALA A 111 -3.62 -14.86 -17.62
CA ALA A 111 -3.38 -13.45 -17.32
C ALA A 111 -3.30 -13.23 -15.80
N PRO A 112 -2.18 -13.56 -15.20
CA PRO A 112 -1.97 -13.40 -13.73
C PRO A 112 -1.66 -11.95 -13.34
N THR A 113 -2.42 -11.43 -12.39
CA THR A 113 -2.24 -10.07 -11.90
C THR A 113 -1.68 -10.09 -10.49
N PHE A 114 -1.33 -8.92 -9.99
CA PHE A 114 -0.76 -8.80 -8.64
C PHE A 114 -1.49 -7.71 -7.85
N THR A 115 -1.66 -7.94 -6.55
CA THR A 115 -2.33 -6.97 -5.68
C THR A 115 -1.41 -6.61 -4.51
N SER A 116 -1.09 -5.33 -4.38
CA SER A 116 -0.23 -4.86 -3.30
C SER A 116 -1.06 -4.21 -2.21
N THR A 117 -0.85 -4.64 -0.96
CA THR A 117 -1.58 -4.11 0.18
C THR A 117 -0.62 -3.70 1.28
N VAL A 118 -0.92 -2.59 1.94
CA VAL A 118 -0.08 -2.08 3.03
C VAL A 118 -0.88 -2.06 4.34
N GLU A 119 -0.18 -2.19 5.46
CA GLU A 119 -0.83 -2.20 6.77
C GLU A 119 -0.15 -1.19 7.69
N PHE A 120 -0.96 -0.45 8.43
CA PHE A 120 -0.41 0.53 9.38
C PHE A 120 -1.51 1.08 10.28
N ALA A 121 -1.11 1.67 11.41
CA ALA A 121 -2.09 2.23 12.35
C ALA A 121 -3.15 1.19 12.71
N GLY A 122 -2.82 -0.08 12.49
CA GLY A 122 -3.76 -1.16 12.82
C GLY A 122 -4.87 -1.24 11.78
N LYS A 123 -4.62 -0.68 10.60
CA LYS A 123 -5.59 -0.68 9.52
C LYS A 123 -4.93 -1.12 8.21
N VAL A 124 -5.73 -1.72 7.33
CA VAL A 124 -5.23 -2.21 6.05
C VAL A 124 -5.64 -1.26 4.92
N PHE A 125 -4.93 -1.36 3.80
CA PHE A 125 -5.21 -0.53 2.63
C PHE A 125 -4.80 -1.26 1.35
N SER A 126 -5.80 -1.74 0.62
CA SER A 126 -5.55 -2.45 -0.63
C SER A 126 -5.49 -1.47 -1.80
N GLY A 127 -4.74 -1.86 -2.84
CA GLY A 127 -4.60 -1.01 -4.03
C GLY A 127 -5.51 -1.51 -5.15
N GLU A 128 -5.20 -1.13 -6.38
CA GLU A 128 -5.99 -1.53 -7.53
C GLU A 128 -5.33 -2.69 -8.28
N GLU A 129 -6.11 -3.69 -8.67
CA GLU A 129 -5.56 -4.82 -9.40
C GLU A 129 -4.83 -4.33 -10.66
N ALA A 130 -3.77 -5.03 -11.01
CA ALA A 130 -2.98 -4.66 -12.18
C ALA A 130 -2.01 -5.77 -12.56
N LYS A 131 -1.56 -5.77 -13.82
CA LYS A 131 -0.62 -6.78 -14.30
C LYS A 131 0.82 -6.33 -14.05
N THR A 132 1.01 -5.59 -12.97
CA THR A 132 2.34 -5.11 -12.61
C THR A 132 2.42 -4.78 -11.12
N LYS A 133 3.61 -4.92 -10.55
CA LYS A 133 3.82 -4.63 -9.14
C LYS A 133 3.96 -3.13 -8.90
N LYS A 134 4.59 -2.45 -9.84
CA LYS A 134 4.81 -1.00 -9.70
C LYS A 134 3.48 -0.28 -9.51
N LEU A 135 2.55 -0.48 -10.43
CA LEU A 135 1.26 0.17 -10.35
C LEU A 135 0.47 -0.31 -9.12
N ALA A 136 0.55 -1.60 -8.85
CA ALA A 136 -0.17 -2.17 -7.72
C ALA A 136 0.21 -1.45 -6.43
N GLU A 137 1.50 -1.40 -6.15
CA GLU A 137 1.98 -0.74 -4.94
C GLU A 137 1.59 0.73 -4.94
N MET A 138 1.69 1.36 -6.11
CA MET A 138 1.34 2.77 -6.22
C MET A 138 -0.12 2.99 -5.85
N SER A 139 -1.01 2.17 -6.41
CA SER A 139 -2.43 2.29 -6.12
C SER A 139 -2.71 2.07 -4.64
N ALA A 140 -1.94 1.18 -4.02
CA ALA A 140 -2.12 0.91 -2.60
C ALA A 140 -1.68 2.10 -1.76
N ALA A 141 -0.49 2.63 -2.05
CA ALA A 141 0.04 3.76 -1.31
C ALA A 141 -0.89 4.97 -1.44
N LYS A 142 -1.65 5.00 -2.53
CA LYS A 142 -2.58 6.10 -2.77
C LYS A 142 -3.72 6.06 -1.77
N VAL A 143 -4.25 4.86 -1.52
CA VAL A 143 -5.36 4.71 -0.60
C VAL A 143 -4.94 5.15 0.81
N ALA A 144 -3.76 4.71 1.25
CA ALA A 144 -3.28 5.07 2.58
C ALA A 144 -3.07 6.57 2.71
N PHE A 145 -2.37 7.15 1.72
CA PHE A 145 -2.10 8.58 1.74
C PHE A 145 -3.39 9.38 1.70
N MET A 146 -4.32 8.97 0.83
CA MET A 146 -5.59 9.68 0.70
C MET A 146 -6.40 9.57 2.00
N SER A 147 -6.38 8.39 2.61
CA SER A 147 -7.12 8.19 3.85
C SER A 147 -6.49 8.96 5.01
N ILE A 148 -5.17 8.94 5.07
CA ILE A 148 -4.44 9.65 6.13
C ILE A 148 -4.84 11.12 6.14
N LYS A 149 -5.12 11.67 4.97
CA LYS A 149 -5.50 13.07 4.88
C LYS A 149 -6.79 13.34 5.66
N ASN A 150 -7.74 12.42 5.54
CA ASN A 150 -9.01 12.56 6.25
C ASN A 150 -8.78 12.52 7.76
N GLY A 151 -7.89 11.64 8.19
CA GLY A 151 -7.59 11.51 9.62
C GLY A 151 -8.81 11.03 10.39
N VAL A 81 9.90 11.54 -5.53
CA VAL A 81 9.50 11.37 -4.11
C VAL A 81 8.92 9.97 -3.91
N ALA A 82 8.61 9.62 -2.66
CA ALA A 82 8.06 8.31 -2.35
C ALA A 82 7.24 8.38 -1.07
N TYR A 83 5.94 8.54 -1.23
CA TYR A 83 5.03 8.60 -0.09
C TYR A 83 5.36 7.48 0.91
N LYS A 84 6.12 6.51 0.45
CA LYS A 84 6.50 5.38 1.30
C LYS A 84 7.40 5.88 2.43
N ASN A 85 8.32 6.76 2.09
CA ASN A 85 9.25 7.30 3.09
C ASN A 85 8.49 8.10 4.14
N LEU A 86 7.59 8.95 3.68
CA LEU A 86 6.80 9.77 4.59
C LEU A 86 5.96 8.90 5.51
N LEU A 87 5.37 7.86 4.95
CA LEU A 87 4.52 6.96 5.73
C LEU A 87 5.31 6.39 6.91
N GLN A 88 6.59 6.12 6.68
CA GLN A 88 7.44 5.58 7.73
C GLN A 88 7.75 6.65 8.76
N GLU A 89 7.84 7.91 8.31
CA GLU A 89 8.14 9.00 9.23
C GLU A 89 7.04 9.20 10.25
N ILE A 90 5.80 9.21 9.77
CA ILE A 90 4.66 9.39 10.66
C ILE A 90 4.53 8.22 11.62
N ALA A 91 4.68 7.01 11.10
CA ALA A 91 4.56 5.82 11.92
C ALA A 91 5.72 5.72 12.89
N GLN A 92 6.93 5.93 12.39
CA GLN A 92 8.12 5.87 13.23
C GLN A 92 8.10 6.98 14.27
N LYS A 93 7.80 8.19 13.82
CA LYS A 93 7.75 9.34 14.72
C LYS A 93 6.69 9.13 15.80
N GLU A 94 5.50 8.71 15.38
CA GLU A 94 4.41 8.48 16.33
C GLU A 94 4.39 7.02 16.77
N SER A 95 5.43 6.28 16.40
CA SER A 95 5.52 4.86 16.76
C SER A 95 4.16 4.19 16.63
N SER A 96 3.44 4.50 15.55
CA SER A 96 2.13 3.93 15.31
C SER A 96 2.23 2.68 14.48
N LEU A 97 3.26 1.85 14.73
CA LEU A 97 3.46 0.62 13.99
C LEU A 97 3.86 0.91 12.56
N LEU A 98 5.16 0.79 12.28
CA LEU A 98 5.66 1.04 10.94
C LEU A 98 4.77 0.36 9.90
N PRO A 99 4.78 0.87 8.70
CA PRO A 99 3.97 0.32 7.58
C PRO A 99 4.43 -1.09 7.20
N PHE A 100 3.64 -1.76 6.35
CA PHE A 100 3.98 -3.09 5.89
C PHE A 100 3.55 -3.30 4.45
N TYR A 101 4.53 -3.52 3.56
CA TYR A 101 4.22 -3.73 2.15
C TYR A 101 4.20 -5.21 1.82
N ALA A 102 3.16 -5.65 1.13
CA ALA A 102 3.04 -7.06 0.75
C ALA A 102 2.46 -7.19 -0.65
N THR A 103 2.95 -8.17 -1.40
CA THR A 103 2.47 -8.40 -2.77
C THR A 103 1.94 -9.82 -2.92
N ALA A 104 0.73 -9.94 -3.44
CA ALA A 104 0.12 -11.26 -3.64
C ALA A 104 0.14 -11.64 -5.11
N THR A 105 0.54 -12.87 -5.40
CA THR A 105 0.60 -13.36 -6.78
C THR A 105 -0.41 -14.48 -7.00
N SER A 106 -1.28 -14.30 -7.98
CA SER A 106 -2.28 -15.30 -8.28
C SER A 106 -2.95 -15.00 -9.61
N GLY A 107 -3.43 -16.05 -10.29
CA GLY A 107 -4.09 -15.89 -11.58
C GLY A 107 -3.55 -16.90 -12.59
N PRO A 108 -4.21 -17.01 -13.70
CA PRO A 108 -3.80 -17.95 -14.79
C PRO A 108 -2.43 -17.61 -15.35
N SER A 109 -1.72 -18.62 -15.85
CA SER A 109 -0.40 -18.41 -16.42
C SER A 109 -0.49 -17.55 -17.67
N HIS A 110 -1.70 -17.43 -18.22
CA HIS A 110 -1.91 -16.63 -19.43
C HIS A 110 -2.27 -15.21 -19.05
N ALA A 111 -3.13 -15.07 -18.03
CA ALA A 111 -3.56 -13.75 -17.58
C ALA A 111 -3.27 -13.59 -16.07
N PRO A 112 -2.05 -13.34 -15.71
CA PRO A 112 -1.65 -13.18 -14.29
C PRO A 112 -2.04 -11.82 -13.73
N THR A 113 -2.09 -11.72 -12.40
CA THR A 113 -2.44 -10.46 -11.75
C THR A 113 -1.87 -10.42 -10.35
N PHE A 114 -1.58 -9.21 -9.87
CA PHE A 114 -1.02 -9.04 -8.53
C PHE A 114 -1.76 -7.93 -7.79
N THR A 115 -1.91 -8.10 -6.48
CA THR A 115 -2.58 -7.10 -5.65
C THR A 115 -1.67 -6.69 -4.49
N SER A 116 -1.37 -5.40 -4.42
CA SER A 116 -0.50 -4.88 -3.36
C SER A 116 -1.34 -4.33 -2.21
N THR A 117 -1.14 -4.89 -1.02
CA THR A 117 -1.88 -4.46 0.16
C THR A 117 -0.92 -3.84 1.18
N VAL A 118 -1.28 -2.66 1.68
CA VAL A 118 -0.45 -1.95 2.66
C VAL A 118 -1.16 -1.90 4.00
N GLU A 119 -0.39 -2.02 5.09
CA GLU A 119 -0.96 -1.97 6.44
C GLU A 119 -0.19 -0.98 7.30
N PHE A 120 -0.95 -0.21 8.09
CA PHE A 120 -0.33 0.77 8.97
C PHE A 120 -1.37 1.35 9.94
N ALA A 121 -0.90 1.93 11.04
CA ALA A 121 -1.80 2.51 12.02
C ALA A 121 -2.87 1.52 12.44
N GLY A 122 -2.59 0.23 12.19
CA GLY A 122 -3.54 -0.81 12.56
C GLY A 122 -4.67 -0.92 11.54
N LYS A 123 -4.43 -0.41 10.35
CA LYS A 123 -5.43 -0.45 9.27
C LYS A 123 -4.80 -0.95 7.98
N VAL A 124 -5.62 -1.59 7.14
CA VAL A 124 -5.14 -2.12 5.87
C VAL A 124 -5.88 -1.50 4.71
N PHE A 125 -5.12 -0.94 3.76
CA PHE A 125 -5.72 -0.31 2.58
C PHE A 125 -5.42 -1.13 1.34
N SER A 126 -6.49 -1.62 0.69
CA SER A 126 -6.32 -2.44 -0.51
C SER A 126 -6.00 -1.55 -1.70
N GLY A 127 -4.90 -1.86 -2.38
CA GLY A 127 -4.49 -1.09 -3.55
C GLY A 127 -5.31 -1.47 -4.77
N GLU A 128 -4.92 -0.94 -5.93
CA GLU A 128 -5.64 -1.24 -7.16
C GLU A 128 -5.22 -2.60 -7.71
N GLU A 129 -5.94 -3.07 -8.72
CA GLU A 129 -5.64 -4.36 -9.34
C GLU A 129 -5.07 -4.13 -10.75
N ALA A 130 -4.06 -4.92 -11.09
CA ALA A 130 -3.43 -4.80 -12.41
C ALA A 130 -2.40 -5.91 -12.61
N LYS A 131 -1.93 -6.03 -13.84
CA LYS A 131 -0.91 -7.04 -14.18
C LYS A 131 0.48 -6.49 -13.93
N THR A 132 0.62 -5.70 -12.87
CA THR A 132 1.91 -5.10 -12.52
C THR A 132 1.98 -4.79 -11.03
N LYS A 133 3.18 -4.89 -10.46
CA LYS A 133 3.37 -4.60 -9.05
C LYS A 133 3.55 -3.11 -8.81
N LYS A 134 4.04 -2.41 -9.83
CA LYS A 134 4.29 -0.98 -9.71
C LYS A 134 3.00 -0.20 -9.52
N LEU A 135 2.02 -0.47 -10.38
CA LEU A 135 0.75 0.22 -10.30
C LEU A 135 0.01 -0.11 -9.01
N ALA A 136 0.03 -1.38 -8.64
CA ALA A 136 -0.66 -1.82 -7.42
C ALA A 136 -0.06 -1.15 -6.20
N GLU A 137 1.26 -1.30 -6.03
CA GLU A 137 1.94 -0.70 -4.88
C GLU A 137 1.72 0.81 -4.86
N MET A 138 1.88 1.45 -6.01
CA MET A 138 1.71 2.89 -6.12
C MET A 138 0.26 3.26 -5.79
N SER A 139 -0.67 2.43 -6.26
CA SER A 139 -2.09 2.68 -6.01
C SER A 139 -2.40 2.63 -4.52
N ALA A 140 -1.76 1.69 -3.82
CA ALA A 140 -1.97 1.54 -2.39
C ALA A 140 -1.53 2.80 -1.65
N ALA A 141 -0.41 3.36 -2.07
CA ALA A 141 0.11 4.57 -1.43
C ALA A 141 -0.80 5.76 -1.69
N LYS A 142 -1.51 5.72 -2.81
CA LYS A 142 -2.43 6.80 -3.16
C LYS A 142 -3.66 6.80 -2.28
N VAL A 143 -4.31 5.65 -2.17
CA VAL A 143 -5.52 5.52 -1.36
C VAL A 143 -5.19 5.70 0.11
N ALA A 144 -4.08 5.12 0.55
CA ALA A 144 -3.67 5.23 1.94
C ALA A 144 -3.36 6.68 2.30
N PHE A 145 -2.61 7.35 1.44
CA PHE A 145 -2.24 8.74 1.68
C PHE A 145 -3.49 9.61 1.76
N MET A 146 -4.43 9.36 0.85
CA MET A 146 -5.67 10.14 0.83
C MET A 146 -6.44 9.96 2.13
N SER A 147 -6.44 8.75 2.66
CA SER A 147 -7.14 8.47 3.90
C SER A 147 -6.47 9.15 5.09
N ILE A 148 -5.14 9.06 5.13
CA ILE A 148 -4.38 9.65 6.21
C ILE A 148 -4.67 11.15 6.32
N LYS A 149 -4.97 11.77 5.18
CA LYS A 149 -5.27 13.19 5.17
C LYS A 149 -6.51 13.49 6.01
N ASN A 150 -7.53 12.64 5.87
CA ASN A 150 -8.76 12.84 6.61
C ASN A 150 -8.75 12.01 7.90
N GLY A 151 -8.52 12.68 9.03
CA GLY A 151 -8.48 12.01 10.31
C GLY A 151 -7.15 11.31 10.51
N VAL A 81 10.00 11.23 -5.60
CA VAL A 81 9.27 11.19 -4.31
C VAL A 81 8.70 9.80 -4.07
N ALA A 82 8.42 9.47 -2.81
CA ALA A 82 7.87 8.17 -2.46
C ALA A 82 7.07 8.27 -1.17
N TYR A 83 5.77 8.42 -1.33
CA TYR A 83 4.87 8.53 -0.18
C TYR A 83 5.19 7.43 0.82
N LYS A 84 5.93 6.43 0.37
CA LYS A 84 6.32 5.32 1.25
C LYS A 84 7.20 5.83 2.38
N ASN A 85 8.13 6.71 2.03
CA ASN A 85 9.05 7.28 3.03
C ASN A 85 8.28 8.14 4.03
N LEU A 86 7.41 9.00 3.51
CA LEU A 86 6.63 9.89 4.37
C LEU A 86 5.76 9.08 5.32
N LEU A 87 5.14 8.03 4.80
CA LEU A 87 4.27 7.19 5.60
C LEU A 87 5.04 6.64 6.81
N GLN A 88 6.32 6.37 6.61
CA GLN A 88 7.15 5.87 7.69
C GLN A 88 7.44 6.98 8.70
N GLU A 89 7.58 8.21 8.22
CA GLU A 89 7.87 9.33 9.10
C GLU A 89 6.76 9.54 10.12
N ILE A 90 5.52 9.57 9.62
CA ILE A 90 4.36 9.77 10.50
C ILE A 90 4.25 8.63 11.48
N ALA A 91 4.57 7.42 11.03
CA ALA A 91 4.49 6.25 11.89
C ALA A 91 5.36 6.42 13.14
N GLN A 92 6.60 6.86 12.92
CA GLN A 92 7.51 7.07 14.04
C GLN A 92 7.01 8.17 14.95
N LYS A 93 6.65 9.30 14.36
CA LYS A 93 6.16 10.43 15.14
C LYS A 93 4.88 10.06 15.89
N GLU A 94 3.95 9.46 15.17
CA GLU A 94 2.67 9.06 15.77
C GLU A 94 2.88 7.86 16.69
N SER A 95 4.03 7.20 16.57
CA SER A 95 4.33 6.05 17.39
C SER A 95 3.54 4.83 16.92
N SER A 96 2.98 4.92 15.71
CA SER A 96 2.20 3.84 15.15
C SER A 96 3.10 2.81 14.49
N LEU A 97 2.57 1.60 14.28
CA LEU A 97 3.34 0.54 13.65
C LEU A 97 3.76 0.94 12.24
N LEU A 98 5.06 0.89 11.99
CA LEU A 98 5.58 1.25 10.68
C LEU A 98 4.80 0.56 9.57
N PRO A 99 4.67 1.20 8.43
CA PRO A 99 3.94 0.62 7.27
C PRO A 99 4.67 -0.57 6.67
N PHE A 100 3.93 -1.61 6.28
CA PHE A 100 4.54 -2.80 5.68
C PHE A 100 3.78 -3.18 4.43
N TYR A 101 4.52 -3.47 3.36
CA TYR A 101 3.92 -3.84 2.09
C TYR A 101 4.01 -5.34 1.87
N ALA A 102 3.03 -5.90 1.17
CA ALA A 102 3.01 -7.34 0.89
C ALA A 102 2.27 -7.64 -0.41
N THR A 103 3.02 -7.72 -1.50
CA THR A 103 2.43 -8.01 -2.80
C THR A 103 1.97 -9.46 -2.85
N ALA A 104 0.81 -9.68 -3.45
CA ALA A 104 0.25 -11.04 -3.57
C ALA A 104 -0.09 -11.35 -5.02
N THR A 105 -0.06 -12.63 -5.39
CA THR A 105 -0.37 -13.05 -6.74
C THR A 105 -1.74 -13.71 -6.79
N SER A 106 -2.54 -13.33 -7.78
CA SER A 106 -3.86 -13.88 -7.94
C SER A 106 -4.38 -13.64 -9.35
N GLY A 107 -5.38 -14.41 -9.75
CA GLY A 107 -5.97 -14.27 -11.09
C GLY A 107 -5.76 -15.54 -11.91
N PRO A 108 -6.18 -15.52 -13.14
CA PRO A 108 -6.05 -16.69 -14.06
C PRO A 108 -4.59 -17.08 -14.31
N SER A 109 -4.36 -18.35 -14.60
CA SER A 109 -3.01 -18.82 -14.87
C SER A 109 -2.53 -18.21 -16.19
N HIS A 110 -3.47 -17.67 -16.97
CA HIS A 110 -3.13 -17.05 -18.25
C HIS A 110 -2.83 -15.57 -18.07
N ALA A 111 -3.67 -14.90 -17.27
CA ALA A 111 -3.47 -13.47 -17.00
C ALA A 111 -3.40 -13.25 -15.48
N PRO A 112 -2.27 -13.53 -14.88
CA PRO A 112 -2.09 -13.36 -13.42
C PRO A 112 -1.77 -11.92 -13.04
N THR A 113 -2.53 -11.37 -12.11
CA THR A 113 -2.32 -9.99 -11.66
C THR A 113 -1.75 -9.99 -10.26
N PHE A 114 -1.38 -8.80 -9.78
CA PHE A 114 -0.80 -8.66 -8.44
C PHE A 114 -1.49 -7.54 -7.68
N THR A 115 -1.63 -7.72 -6.37
CA THR A 115 -2.27 -6.72 -5.52
C THR A 115 -1.37 -6.39 -4.33
N SER A 116 -1.03 -5.12 -4.17
CA SER A 116 -0.18 -4.69 -3.06
C SER A 116 -1.02 -4.28 -1.86
N THR A 117 -0.83 -4.99 -0.75
CA THR A 117 -1.58 -4.68 0.47
C THR A 117 -0.68 -3.98 1.49
N VAL A 118 -1.08 -2.80 1.93
CA VAL A 118 -0.29 -2.04 2.89
C VAL A 118 -1.00 -2.01 4.24
N GLU A 119 -0.24 -2.18 5.32
CA GLU A 119 -0.80 -2.18 6.66
C GLU A 119 -0.12 -1.13 7.53
N PHE A 120 -0.93 -0.32 8.22
CA PHE A 120 -0.38 0.72 9.08
C PHE A 120 -1.48 1.27 10.00
N ALA A 121 -1.08 1.85 11.12
CA ALA A 121 -2.03 2.43 12.06
C ALA A 121 -3.08 1.39 12.45
N GLY A 122 -2.73 0.11 12.28
CA GLY A 122 -3.65 -0.97 12.62
C GLY A 122 -4.74 -1.10 11.58
N LYS A 123 -4.48 -0.59 10.38
CA LYS A 123 -5.45 -0.66 9.28
C LYS A 123 -4.78 -1.13 8.00
N VAL A 124 -5.56 -1.75 7.12
CA VAL A 124 -5.03 -2.26 5.86
C VAL A 124 -5.78 -1.67 4.68
N PHE A 125 -5.03 -1.12 3.73
CA PHE A 125 -5.61 -0.50 2.54
C PHE A 125 -5.25 -1.30 1.29
N SER A 126 -6.26 -1.75 0.57
CA SER A 126 -6.03 -2.53 -0.65
C SER A 126 -5.76 -1.60 -1.83
N GLY A 127 -4.78 -1.96 -2.65
CA GLY A 127 -4.42 -1.15 -3.81
C GLY A 127 -5.30 -1.52 -5.01
N GLU A 128 -4.96 -0.98 -6.17
CA GLU A 128 -5.73 -1.25 -7.38
C GLU A 128 -5.14 -2.44 -8.15
N GLU A 129 -5.97 -3.42 -8.47
CA GLU A 129 -5.51 -4.58 -9.20
C GLU A 129 -4.82 -4.15 -10.51
N ALA A 130 -3.80 -4.90 -10.89
CA ALA A 130 -3.06 -4.60 -12.12
C ALA A 130 -2.08 -5.72 -12.45
N LYS A 131 -1.60 -5.74 -13.68
CA LYS A 131 -0.64 -6.76 -14.11
C LYS A 131 0.79 -6.28 -13.85
N THR A 132 0.96 -5.53 -12.78
CA THR A 132 2.28 -5.00 -12.43
C THR A 132 2.37 -4.74 -10.93
N LYS A 133 3.55 -5.00 -10.36
CA LYS A 133 3.77 -4.79 -8.93
C LYS A 133 4.01 -3.32 -8.62
N LYS A 134 4.86 -2.70 -9.43
CA LYS A 134 5.19 -1.29 -9.23
C LYS A 134 3.92 -0.44 -9.16
N LEU A 135 3.01 -0.67 -10.10
CA LEU A 135 1.77 0.08 -10.14
C LEU A 135 0.90 -0.25 -8.93
N ALA A 136 0.84 -1.54 -8.59
CA ALA A 136 0.03 -1.97 -7.46
C ALA A 136 0.50 -1.28 -6.18
N GLU A 137 1.79 -1.37 -5.90
CA GLU A 137 2.33 -0.75 -4.70
C GLU A 137 1.99 0.73 -4.66
N MET A 138 2.15 1.40 -5.79
CA MET A 138 1.86 2.83 -5.87
C MET A 138 0.39 3.09 -5.55
N SER A 139 -0.49 2.24 -6.09
CA SER A 139 -1.92 2.39 -5.87
C SER A 139 -2.26 2.21 -4.40
N ALA A 140 -1.59 1.26 -3.75
CA ALA A 140 -1.84 1.01 -2.33
C ALA A 140 -1.45 2.22 -1.49
N ALA A 141 -0.29 2.79 -1.78
CA ALA A 141 0.18 3.96 -1.05
C ALA A 141 -0.64 5.19 -1.43
N LYS A 142 -1.23 5.17 -2.62
CA LYS A 142 -2.04 6.28 -3.10
C LYS A 142 -3.36 6.37 -2.32
N VAL A 143 -4.05 5.25 -2.19
CA VAL A 143 -5.32 5.20 -1.49
C VAL A 143 -5.11 5.44 0.00
N ALA A 144 -4.02 4.89 0.53
CA ALA A 144 -3.73 5.03 1.95
C ALA A 144 -3.50 6.50 2.31
N PHE A 145 -2.73 7.19 1.48
CA PHE A 145 -2.44 8.60 1.73
C PHE A 145 -3.72 9.42 1.77
N MET A 146 -4.62 9.15 0.84
CA MET A 146 -5.88 9.89 0.78
C MET A 146 -6.70 9.70 2.06
N SER A 147 -6.69 8.48 2.59
CA SER A 147 -7.42 8.19 3.81
C SER A 147 -6.81 8.90 5.00
N ILE A 148 -5.49 8.86 5.10
CA ILE A 148 -4.79 9.51 6.19
C ILE A 148 -5.15 10.99 6.27
N LYS A 149 -5.38 11.60 5.12
CA LYS A 149 -5.73 13.01 5.07
C LYS A 149 -7.03 13.27 5.81
N ASN A 150 -8.00 12.37 5.64
CA ASN A 150 -9.29 12.52 6.30
C ASN A 150 -9.23 11.96 7.71
N GLY A 151 -9.27 12.84 8.71
CA GLY A 151 -9.22 12.42 10.10
C GLY A 151 -9.03 13.62 11.02
N VAL A 81 10.82 11.06 -3.93
CA VAL A 81 9.37 11.01 -4.26
C VAL A 81 8.83 9.60 -4.01
N ALA A 82 8.53 9.31 -2.74
CA ALA A 82 8.01 8.00 -2.37
C ALA A 82 7.20 8.10 -1.09
N TYR A 83 5.89 8.23 -1.26
CA TYR A 83 4.98 8.33 -0.12
C TYR A 83 5.32 7.26 0.92
N LYS A 84 6.10 6.27 0.49
CA LYS A 84 6.50 5.18 1.39
C LYS A 84 7.38 5.73 2.51
N ASN A 85 8.28 6.64 2.14
CA ASN A 85 9.18 7.23 3.13
C ASN A 85 8.41 8.09 4.13
N LEU A 86 7.53 8.93 3.61
CA LEU A 86 6.75 9.81 4.45
C LEU A 86 5.88 9.01 5.41
N LEU A 87 5.26 7.96 4.89
CA LEU A 87 4.40 7.12 5.70
C LEU A 87 5.16 6.60 6.92
N GLN A 88 6.44 6.33 6.73
CA GLN A 88 7.27 5.83 7.83
C GLN A 88 7.52 6.95 8.84
N GLU A 89 7.62 8.18 8.36
CA GLU A 89 7.88 9.32 9.24
C GLU A 89 6.74 9.51 10.23
N ILE A 90 5.52 9.56 9.71
CA ILE A 90 4.35 9.75 10.56
C ILE A 90 4.19 8.58 11.51
N ALA A 91 4.54 7.39 11.05
CA ALA A 91 4.40 6.19 11.88
C ALA A 91 5.23 6.34 13.16
N GLN A 92 6.48 6.75 13.01
CA GLN A 92 7.36 6.91 14.16
C GLN A 92 6.87 8.05 15.05
N LYS A 93 6.48 9.15 14.43
CA LYS A 93 6.00 10.31 15.17
C LYS A 93 4.72 9.96 15.92
N GLU A 94 3.77 9.34 15.21
CA GLU A 94 2.51 8.95 15.82
C GLU A 94 2.70 7.76 16.75
N SER A 95 3.88 7.16 16.70
CA SER A 95 4.18 6.01 17.54
C SER A 95 3.47 4.77 17.02
N SER A 96 2.87 4.89 15.85
CA SER A 96 2.16 3.77 15.25
C SER A 96 3.14 2.77 14.65
N LEU A 97 2.67 1.57 14.37
CA LEU A 97 3.53 0.54 13.78
C LEU A 97 3.93 0.91 12.37
N LEU A 98 5.22 0.89 12.10
CA LEU A 98 5.72 1.22 10.78
C LEU A 98 4.90 0.52 9.69
N PRO A 99 4.77 1.15 8.54
CA PRO A 99 4.00 0.57 7.40
C PRO A 99 4.71 -0.66 6.80
N PHE A 100 3.92 -1.67 6.43
CA PHE A 100 4.49 -2.88 5.84
C PHE A 100 3.70 -3.26 4.60
N TYR A 101 4.42 -3.55 3.51
CA TYR A 101 3.77 -3.91 2.26
C TYR A 101 3.83 -5.42 2.05
N ALA A 102 2.82 -5.97 1.36
CA ALA A 102 2.77 -7.41 1.11
C ALA A 102 2.21 -7.69 -0.28
N THR A 103 3.11 -7.79 -1.27
CA THR A 103 2.71 -8.07 -2.63
C THR A 103 2.26 -9.52 -2.76
N ALA A 104 1.11 -9.75 -3.40
CA ALA A 104 0.59 -11.09 -3.58
C ALA A 104 0.05 -11.27 -4.98
N THR A 105 -0.11 -12.52 -5.42
CA THR A 105 -0.63 -12.82 -6.75
C THR A 105 -2.10 -13.19 -6.68
N SER A 106 -2.90 -12.63 -7.58
CA SER A 106 -4.32 -12.92 -7.61
C SER A 106 -4.92 -12.55 -8.96
N GLY A 107 -6.12 -13.06 -9.23
CA GLY A 107 -6.79 -12.79 -10.49
C GLY A 107 -7.05 -14.07 -11.28
N PRO A 108 -7.37 -13.94 -12.54
CA PRO A 108 -7.66 -15.12 -13.41
C PRO A 108 -6.42 -15.94 -13.72
N SER A 109 -6.61 -17.24 -13.94
CA SER A 109 -5.50 -18.11 -14.27
C SER A 109 -4.96 -17.78 -15.65
N HIS A 110 -5.78 -17.10 -16.46
CA HIS A 110 -5.36 -16.73 -17.81
C HIS A 110 -4.59 -15.42 -17.78
N ALA A 111 -5.02 -14.49 -16.92
CA ALA A 111 -4.36 -13.20 -16.77
C ALA A 111 -4.01 -12.94 -15.30
N PRO A 112 -2.97 -13.55 -14.82
CA PRO A 112 -2.54 -13.39 -13.39
C PRO A 112 -2.14 -11.95 -13.08
N THR A 113 -2.81 -11.36 -12.08
CA THR A 113 -2.53 -9.99 -11.67
C THR A 113 -1.90 -9.98 -10.30
N PHE A 114 -1.48 -8.80 -9.85
CA PHE A 114 -0.85 -8.65 -8.54
C PHE A 114 -1.49 -7.52 -7.75
N THR A 115 -1.60 -7.71 -6.44
CA THR A 115 -2.20 -6.69 -5.58
C THR A 115 -1.31 -6.42 -4.37
N SER A 116 -0.98 -5.15 -4.15
CA SER A 116 -0.12 -4.78 -3.02
C SER A 116 -0.97 -4.31 -1.85
N THR A 117 -0.81 -4.97 -0.71
CA THR A 117 -1.58 -4.61 0.49
C THR A 117 -0.67 -3.95 1.51
N VAL A 118 -1.08 -2.76 1.98
CA VAL A 118 -0.29 -2.03 2.96
C VAL A 118 -1.01 -1.99 4.30
N GLU A 119 -0.26 -2.16 5.39
CA GLU A 119 -0.82 -2.14 6.73
C GLU A 119 -0.13 -1.08 7.59
N PHE A 120 -0.93 -0.26 8.26
CA PHE A 120 -0.37 0.77 9.13
C PHE A 120 -1.46 1.37 10.00
N ALA A 121 -1.08 1.99 11.12
CA ALA A 121 -2.06 2.59 12.01
C ALA A 121 -3.09 1.54 12.41
N GLY A 122 -2.71 0.28 12.27
CA GLY A 122 -3.61 -0.82 12.61
C GLY A 122 -4.71 -0.96 11.58
N LYS A 123 -4.46 -0.47 10.38
CA LYS A 123 -5.44 -0.53 9.30
C LYS A 123 -4.79 -1.04 8.03
N VAL A 124 -5.59 -1.67 7.16
CA VAL A 124 -5.07 -2.20 5.90
C VAL A 124 -5.78 -1.58 4.72
N PHE A 125 -5.00 -1.04 3.77
CA PHE A 125 -5.57 -0.41 2.57
C PHE A 125 -5.21 -1.24 1.34
N SER A 126 -6.25 -1.73 0.64
CA SER A 126 -6.02 -2.53 -0.55
C SER A 126 -5.78 -1.63 -1.77
N GLY A 127 -4.82 -2.01 -2.61
CA GLY A 127 -4.50 -1.25 -3.80
C GLY A 127 -5.40 -1.65 -4.96
N GLU A 128 -5.06 -1.20 -6.16
CA GLU A 128 -5.83 -1.53 -7.35
C GLU A 128 -5.19 -2.68 -8.11
N GLU A 129 -6.00 -3.66 -8.50
CA GLU A 129 -5.47 -4.79 -9.26
C GLU A 129 -4.79 -4.32 -10.54
N ALA A 130 -3.76 -5.06 -10.96
CA ALA A 130 -3.04 -4.71 -12.17
C ALA A 130 -2.07 -5.82 -12.56
N LYS A 131 -1.62 -5.79 -13.81
CA LYS A 131 -0.67 -6.80 -14.29
C LYS A 131 0.76 -6.35 -14.02
N THR A 132 0.96 -5.64 -12.92
CA THR A 132 2.29 -5.16 -12.55
C THR A 132 2.36 -4.86 -11.06
N LYS A 133 3.54 -4.99 -10.49
CA LYS A 133 3.74 -4.71 -9.07
C LYS A 133 3.90 -3.21 -8.83
N LYS A 134 4.57 -2.55 -9.78
CA LYS A 134 4.82 -1.12 -9.66
C LYS A 134 3.51 -0.37 -9.42
N LEU A 135 2.53 -0.58 -10.30
CA LEU A 135 1.26 0.09 -10.17
C LEU A 135 0.53 -0.36 -8.90
N ALA A 136 0.61 -1.66 -8.61
CA ALA A 136 -0.05 -2.21 -7.44
C ALA A 136 0.39 -1.47 -6.18
N GLU A 137 1.70 -1.42 -5.94
CA GLU A 137 2.23 -0.75 -4.77
C GLU A 137 1.84 0.72 -4.76
N MET A 138 1.90 1.34 -5.94
CA MET A 138 1.57 2.75 -6.06
C MET A 138 0.11 3.00 -5.69
N SER A 139 -0.79 2.17 -6.21
CA SER A 139 -2.21 2.31 -5.92
C SER A 139 -2.49 2.14 -4.44
N ALA A 140 -1.79 1.20 -3.81
CA ALA A 140 -1.98 0.95 -2.39
C ALA A 140 -1.57 2.16 -1.57
N ALA A 141 -0.42 2.73 -1.90
CA ALA A 141 0.08 3.90 -1.19
C ALA A 141 -0.73 5.13 -1.56
N LYS A 142 -1.37 5.10 -2.72
CA LYS A 142 -2.19 6.22 -3.17
C LYS A 142 -3.46 6.35 -2.35
N VAL A 143 -4.16 5.23 -2.18
CA VAL A 143 -5.40 5.23 -1.41
C VAL A 143 -5.12 5.50 0.06
N ALA A 144 -4.01 4.98 0.56
CA ALA A 144 -3.64 5.15 1.95
C ALA A 144 -3.39 6.62 2.26
N PHE A 145 -2.66 7.29 1.37
CA PHE A 145 -2.34 8.70 1.55
C PHE A 145 -3.62 9.54 1.60
N MET A 146 -4.56 9.21 0.72
CA MET A 146 -5.81 9.94 0.66
C MET A 146 -6.60 9.77 1.96
N SER A 147 -6.59 8.55 2.50
CA SER A 147 -7.30 8.27 3.73
C SER A 147 -6.66 8.99 4.91
N ILE A 148 -5.33 8.95 4.97
CA ILE A 148 -4.60 9.60 6.05
C ILE A 148 -4.96 11.07 6.14
N LYS A 149 -5.27 11.68 5.00
CA LYS A 149 -5.64 13.08 4.97
C LYS A 149 -6.91 13.32 5.76
N ASN A 150 -7.85 12.39 5.66
CA ASN A 150 -9.11 12.51 6.38
C ASN A 150 -8.87 12.45 7.88
N GLY A 151 -7.96 11.58 8.31
CA GLY A 151 -7.65 11.44 9.72
C GLY A 151 -8.81 10.82 10.47
N VAL A 81 9.01 12.66 -3.09
CA VAL A 81 9.69 11.74 -4.06
C VAL A 81 9.16 10.33 -3.86
N ALA A 82 8.84 9.97 -2.62
CA ALA A 82 8.33 8.64 -2.32
C ALA A 82 7.46 8.69 -1.07
N TYR A 83 6.16 8.79 -1.27
CA TYR A 83 5.20 8.84 -0.17
C TYR A 83 5.52 7.73 0.83
N LYS A 84 6.32 6.78 0.38
CA LYS A 84 6.70 5.66 1.24
C LYS A 84 7.53 6.16 2.43
N ASN A 85 8.43 7.08 2.14
CA ASN A 85 9.30 7.64 3.18
C ASN A 85 8.47 8.42 4.20
N LEU A 86 7.58 9.26 3.70
CA LEU A 86 6.74 10.07 4.57
C LEU A 86 5.88 9.19 5.45
N LEU A 87 5.33 8.13 4.87
CA LEU A 87 4.46 7.22 5.61
C LEU A 87 5.21 6.67 6.81
N GLN A 88 6.49 6.41 6.63
CA GLN A 88 7.32 5.88 7.71
C GLN A 88 7.56 6.96 8.76
N GLU A 89 7.68 8.22 8.31
CA GLU A 89 7.94 9.32 9.24
C GLU A 89 6.78 9.50 10.23
N ILE A 90 5.57 9.49 9.71
CA ILE A 90 4.38 9.65 10.54
C ILE A 90 4.24 8.48 11.51
N ALA A 91 4.43 7.27 11.00
CA ALA A 91 4.31 6.08 11.82
C ALA A 91 5.41 6.02 12.86
N GLN A 92 6.64 6.25 12.43
CA GLN A 92 7.78 6.22 13.33
C GLN A 92 7.71 7.37 14.33
N LYS A 93 7.39 8.57 13.84
CA LYS A 93 7.30 9.73 14.69
C LYS A 93 6.19 9.56 15.72
N GLU A 94 5.03 9.11 15.26
CA GLU A 94 3.88 8.91 16.14
C GLU A 94 3.87 7.48 16.68
N SER A 95 4.89 6.70 16.31
CA SER A 95 5.00 5.33 16.76
C SER A 95 3.62 4.65 16.73
N SER A 96 3.19 4.25 15.55
CA SER A 96 1.89 3.61 15.39
C SER A 96 2.01 2.42 14.45
N LEU A 97 3.10 1.69 14.55
CA LEU A 97 3.32 0.52 13.71
C LEU A 97 3.76 0.92 12.31
N LEU A 98 5.07 0.94 12.10
CA LEU A 98 5.61 1.32 10.81
C LEU A 98 4.84 0.62 9.68
N PRO A 99 4.73 1.26 8.54
CA PRO A 99 4.00 0.68 7.37
C PRO A 99 4.73 -0.52 6.77
N PHE A 100 3.97 -1.57 6.41
CA PHE A 100 4.56 -2.76 5.83
C PHE A 100 3.87 -3.05 4.50
N TYR A 101 4.67 -3.20 3.47
CA TYR A 101 4.12 -3.46 2.14
C TYR A 101 4.06 -4.96 1.87
N ALA A 102 2.98 -5.41 1.21
CA ALA A 102 2.82 -6.83 0.89
C ALA A 102 2.33 -6.98 -0.52
N THR A 103 2.88 -7.95 -1.25
CA THR A 103 2.48 -8.20 -2.63
C THR A 103 1.95 -9.62 -2.79
N ALA A 104 0.74 -9.75 -3.35
CA ALA A 104 0.12 -11.06 -3.55
C ALA A 104 -0.31 -11.20 -5.01
N THR A 105 -0.38 -12.45 -5.48
CA THR A 105 -0.79 -12.73 -6.85
C THR A 105 -2.23 -13.22 -6.88
N SER A 106 -3.02 -12.66 -7.79
CA SER A 106 -4.41 -13.06 -7.90
C SER A 106 -4.97 -12.61 -9.24
N GLY A 107 -6.14 -13.15 -9.60
CA GLY A 107 -6.78 -12.78 -10.86
C GLY A 107 -6.99 -14.01 -11.74
N PRO A 108 -7.23 -13.80 -13.02
CA PRO A 108 -7.47 -14.92 -13.98
C PRO A 108 -6.20 -15.72 -14.26
N SER A 109 -6.37 -17.01 -14.50
CA SER A 109 -5.24 -17.88 -14.79
C SER A 109 -4.64 -17.51 -16.15
N HIS A 110 -5.41 -16.77 -16.95
CA HIS A 110 -4.95 -16.35 -18.28
C HIS A 110 -4.14 -15.07 -18.17
N ALA A 111 -4.62 -14.15 -17.34
CA ALA A 111 -3.93 -12.88 -17.12
C ALA A 111 -3.71 -12.64 -15.62
N PRO A 112 -2.73 -13.29 -15.05
CA PRO A 112 -2.42 -13.15 -13.60
C PRO A 112 -2.08 -11.71 -13.21
N THR A 113 -2.78 -11.18 -12.22
CA THR A 113 -2.56 -9.82 -11.75
C THR A 113 -1.98 -9.84 -10.36
N PHE A 114 -1.61 -8.66 -9.86
CA PHE A 114 -1.02 -8.54 -8.52
C PHE A 114 -1.69 -7.42 -7.74
N THR A 115 -1.80 -7.61 -6.43
CA THR A 115 -2.42 -6.60 -5.57
C THR A 115 -1.52 -6.30 -4.38
N SER A 116 -1.17 -5.03 -4.21
CA SER A 116 -0.30 -4.62 -3.12
C SER A 116 -1.13 -4.16 -1.92
N THR A 117 -0.92 -4.82 -0.78
CA THR A 117 -1.66 -4.48 0.44
C THR A 117 -0.71 -3.90 1.48
N VAL A 118 -1.06 -2.72 2.00
CA VAL A 118 -0.23 -2.05 3.01
C VAL A 118 -0.96 -2.02 4.33
N GLU A 119 -0.21 -2.14 5.42
CA GLU A 119 -0.78 -2.11 6.77
C GLU A 119 -0.10 -1.07 7.63
N PHE A 120 -0.91 -0.28 8.33
CA PHE A 120 -0.37 0.76 9.20
C PHE A 120 -1.45 1.30 10.12
N ALA A 121 -1.04 1.90 11.24
CA ALA A 121 -2.00 2.46 12.20
C ALA A 121 -3.04 1.42 12.59
N GLY A 122 -2.71 0.16 12.39
CA GLY A 122 -3.62 -0.93 12.72
C GLY A 122 -4.73 -1.08 11.68
N LYS A 123 -4.47 -0.56 10.48
CA LYS A 123 -5.44 -0.63 9.39
C LYS A 123 -4.77 -1.11 8.12
N VAL A 124 -5.55 -1.75 7.25
CA VAL A 124 -5.01 -2.27 5.98
C VAL A 124 -5.74 -1.66 4.80
N PHE A 125 -4.97 -1.10 3.86
CA PHE A 125 -5.55 -0.49 2.66
C PHE A 125 -5.18 -1.29 1.42
N SER A 126 -6.19 -1.78 0.73
CA SER A 126 -5.97 -2.57 -0.49
C SER A 126 -5.76 -1.64 -1.69
N GLY A 127 -4.81 -2.00 -2.54
CA GLY A 127 -4.51 -1.21 -3.72
C GLY A 127 -5.44 -1.59 -4.87
N GLU A 128 -5.13 -1.09 -6.06
CA GLU A 128 -5.95 -1.39 -7.24
C GLU A 128 -5.34 -2.55 -8.05
N GLU A 129 -6.17 -3.50 -8.43
CA GLU A 129 -5.68 -4.63 -9.22
C GLU A 129 -4.98 -4.13 -10.48
N ALA A 130 -3.95 -4.86 -10.90
CA ALA A 130 -3.19 -4.49 -12.09
C ALA A 130 -2.25 -5.62 -12.49
N LYS A 131 -1.81 -5.60 -13.74
CA LYS A 131 -0.89 -6.62 -14.24
C LYS A 131 0.55 -6.18 -14.05
N THR A 132 0.80 -5.42 -12.98
CA THR A 132 2.15 -4.93 -12.70
C THR A 132 2.33 -4.74 -11.20
N LYS A 133 3.52 -5.08 -10.72
CA LYS A 133 3.82 -4.94 -9.29
C LYS A 133 4.06 -3.47 -8.92
N LYS A 134 4.86 -2.80 -9.72
CA LYS A 134 5.17 -1.39 -9.47
C LYS A 134 3.90 -0.58 -9.33
N LEU A 135 2.96 -0.79 -10.24
CA LEU A 135 1.71 -0.06 -10.21
C LEU A 135 0.90 -0.43 -8.97
N ALA A 136 0.92 -1.71 -8.62
CA ALA A 136 0.18 -2.17 -7.46
C ALA A 136 0.61 -1.43 -6.20
N GLU A 137 1.91 -1.40 -5.95
CA GLU A 137 2.43 -0.72 -4.76
C GLU A 137 2.02 0.75 -4.76
N MET A 138 2.08 1.37 -5.93
CA MET A 138 1.72 2.78 -6.06
C MET A 138 0.24 2.98 -5.73
N SER A 139 -0.60 2.07 -6.21
CA SER A 139 -2.04 2.17 -5.96
C SER A 139 -2.34 2.04 -4.48
N ALA A 140 -1.62 1.14 -3.80
CA ALA A 140 -1.82 0.94 -2.37
C ALA A 140 -1.43 2.19 -1.58
N ALA A 141 -0.29 2.77 -1.94
CA ALA A 141 0.19 3.96 -1.24
C ALA A 141 -0.67 5.17 -1.63
N LYS A 142 -1.31 5.10 -2.79
CA LYS A 142 -2.16 6.18 -3.25
C LYS A 142 -3.45 6.26 -2.45
N VAL A 143 -4.10 5.12 -2.28
CA VAL A 143 -5.35 5.05 -1.54
C VAL A 143 -5.10 5.27 -0.05
N ALA A 144 -4.00 4.74 0.46
CA ALA A 144 -3.65 4.88 1.86
C ALA A 144 -3.41 6.34 2.21
N PHE A 145 -2.63 7.02 1.39
CA PHE A 145 -2.32 8.43 1.62
C PHE A 145 -3.59 9.26 1.61
N MET A 146 -4.46 8.99 0.65
CA MET A 146 -5.71 9.74 0.53
C MET A 146 -6.55 9.59 1.79
N SER A 147 -6.56 8.39 2.35
CA SER A 147 -7.33 8.14 3.57
C SER A 147 -6.69 8.81 4.79
N ILE A 148 -5.37 8.72 4.88
CA ILE A 148 -4.65 9.32 6.00
C ILE A 148 -4.97 10.79 6.12
N LYS A 149 -5.37 11.40 5.01
CA LYS A 149 -5.70 12.82 5.02
C LYS A 149 -6.84 13.10 6.00
N ASN A 150 -7.83 12.22 6.02
CA ASN A 150 -8.96 12.38 6.92
C ASN A 150 -8.50 12.31 8.37
N GLY A 151 -7.60 11.38 8.65
CA GLY A 151 -7.09 11.20 10.02
C GLY A 151 -5.76 10.45 10.01
N VAL A 81 9.74 10.64 -6.15
CA VAL A 81 9.52 10.52 -4.68
C VAL A 81 8.89 9.16 -4.37
N ALA A 82 8.58 8.92 -3.10
CA ALA A 82 7.98 7.66 -2.69
C ALA A 82 7.16 7.85 -1.42
N TYR A 83 5.87 8.05 -1.58
CA TYR A 83 4.97 8.24 -0.46
C TYR A 83 5.25 7.19 0.61
N LYS A 84 5.95 6.14 0.23
CA LYS A 84 6.30 5.07 1.17
C LYS A 84 7.20 5.60 2.27
N ASN A 85 8.16 6.44 1.88
CA ASN A 85 9.10 7.02 2.85
C ASN A 85 8.37 7.92 3.83
N LEU A 86 7.53 8.80 3.29
CA LEU A 86 6.79 9.72 4.13
C LEU A 86 5.91 8.98 5.13
N LEU A 87 5.24 7.94 4.65
CA LEU A 87 4.37 7.15 5.51
C LEU A 87 5.15 6.62 6.72
N GLN A 88 6.42 6.29 6.49
CA GLN A 88 7.25 5.78 7.56
C GLN A 88 7.59 6.90 8.55
N GLU A 89 7.76 8.12 8.03
CA GLU A 89 8.11 9.25 8.88
C GLU A 89 7.00 9.54 9.88
N ILE A 90 5.77 9.61 9.40
CA ILE A 90 4.63 9.88 10.26
C ILE A 90 4.41 8.73 11.23
N ALA A 91 4.67 7.51 10.78
CA ALA A 91 4.49 6.33 11.62
C ALA A 91 5.33 6.45 12.89
N GLN A 92 6.61 6.77 12.71
CA GLN A 92 7.51 6.90 13.86
C GLN A 92 7.09 8.07 14.74
N LYS A 93 6.76 9.20 14.11
CA LYS A 93 6.36 10.38 14.86
C LYS A 93 5.06 10.10 15.62
N GLU A 94 4.09 9.52 14.94
CA GLU A 94 2.80 9.21 15.55
C GLU A 94 2.92 7.98 16.45
N SER A 95 4.13 7.41 16.51
CA SER A 95 4.36 6.23 17.34
C SER A 95 3.58 5.04 16.80
N SER A 96 2.96 5.22 15.64
CA SER A 96 2.17 4.16 15.03
C SER A 96 3.08 3.11 14.42
N LEU A 97 2.56 1.90 14.25
CA LEU A 97 3.33 0.81 13.67
C LEU A 97 3.73 1.13 12.23
N LEU A 98 5.01 1.01 11.94
CA LEU A 98 5.50 1.30 10.61
C LEU A 98 4.68 0.54 9.57
N PRO A 99 4.54 1.10 8.39
CA PRO A 99 3.77 0.47 7.28
C PRO A 99 4.49 -0.73 6.70
N PHE A 100 3.73 -1.75 6.31
CA PHE A 100 4.32 -2.96 5.74
C PHE A 100 3.58 -3.33 4.47
N TYR A 101 4.33 -3.63 3.41
CA TYR A 101 3.74 -3.99 2.13
C TYR A 101 3.83 -5.50 1.90
N ALA A 102 2.87 -6.06 1.18
CA ALA A 102 2.86 -7.48 0.90
C ALA A 102 2.19 -7.78 -0.44
N THR A 103 3.01 -7.84 -1.49
CA THR A 103 2.49 -8.13 -2.83
C THR A 103 2.02 -9.56 -2.92
N ALA A 104 0.86 -9.77 -3.54
CA ALA A 104 0.31 -11.11 -3.70
C ALA A 104 -0.04 -11.38 -5.16
N THR A 105 -0.02 -12.66 -5.55
CA THR A 105 -0.34 -13.03 -6.92
C THR A 105 -1.74 -13.62 -7.01
N SER A 106 -2.50 -13.20 -8.02
CA SER A 106 -3.85 -13.70 -8.20
C SER A 106 -4.34 -13.40 -9.61
N GLY A 107 -5.37 -14.11 -10.04
CA GLY A 107 -5.95 -13.91 -11.37
C GLY A 107 -5.81 -15.17 -12.22
N PRO A 108 -6.18 -15.09 -13.46
CA PRO A 108 -6.10 -16.24 -14.40
C PRO A 108 -4.66 -16.69 -14.65
N SER A 109 -4.49 -17.96 -14.98
CA SER A 109 -3.17 -18.49 -15.26
C SER A 109 -2.62 -17.87 -16.55
N HIS A 110 -3.51 -17.32 -17.37
CA HIS A 110 -3.10 -16.69 -18.62
C HIS A 110 -2.73 -15.24 -18.40
N ALA A 111 -3.54 -14.53 -17.60
CA ALA A 111 -3.27 -13.13 -17.29
C ALA A 111 -3.22 -12.92 -15.78
N PRO A 112 -2.13 -13.28 -15.16
CA PRO A 112 -1.95 -13.16 -13.69
C PRO A 112 -1.61 -11.73 -13.28
N THR A 113 -2.36 -11.19 -12.32
CA THR A 113 -2.12 -9.84 -11.83
C THR A 113 -1.56 -9.88 -10.42
N PHE A 114 -1.18 -8.72 -9.90
CA PHE A 114 -0.62 -8.63 -8.56
C PHE A 114 -1.30 -7.52 -7.76
N THR A 115 -1.48 -7.76 -6.47
CA THR A 115 -2.12 -6.76 -5.60
C THR A 115 -1.25 -6.48 -4.38
N SER A 116 -0.94 -5.20 -4.18
CA SER A 116 -0.10 -4.81 -3.03
C SER A 116 -0.97 -4.34 -1.88
N THR A 117 -0.86 -5.03 -0.74
CA THR A 117 -1.65 -4.67 0.44
C THR A 117 -0.76 -3.99 1.47
N VAL A 118 -1.18 -2.81 1.92
CA VAL A 118 -0.42 -2.05 2.91
C VAL A 118 -1.15 -2.05 4.25
N GLU A 119 -0.39 -2.24 5.32
CA GLU A 119 -0.97 -2.26 6.67
C GLU A 119 -0.29 -1.23 7.56
N PHE A 120 -1.10 -0.41 8.24
CA PHE A 120 -0.55 0.59 9.15
C PHE A 120 -1.65 1.13 10.06
N ALA A 121 -1.24 1.69 11.19
CA ALA A 121 -2.21 2.24 12.14
C ALA A 121 -3.25 1.20 12.51
N GLY A 122 -2.91 -0.07 12.35
CA GLY A 122 -3.83 -1.16 12.67
C GLY A 122 -4.92 -1.26 11.61
N LYS A 123 -4.64 -0.75 10.42
CA LYS A 123 -5.61 -0.79 9.32
C LYS A 123 -4.95 -1.25 8.05
N VAL A 124 -5.74 -1.85 7.15
CA VAL A 124 -5.21 -2.35 5.88
C VAL A 124 -5.93 -1.69 4.71
N PHE A 125 -5.16 -1.15 3.77
CA PHE A 125 -5.74 -0.51 2.59
C PHE A 125 -5.39 -1.31 1.33
N SER A 126 -6.42 -1.74 0.61
CA SER A 126 -6.22 -2.51 -0.61
C SER A 126 -5.91 -1.59 -1.79
N GLY A 127 -4.93 -1.97 -2.59
CA GLY A 127 -4.55 -1.17 -3.75
C GLY A 127 -5.36 -1.56 -4.97
N GLU A 128 -4.97 -1.06 -6.14
CA GLU A 128 -5.66 -1.36 -7.37
C GLU A 128 -4.95 -2.50 -8.12
N GLU A 129 -5.73 -3.45 -8.59
CA GLU A 129 -5.17 -4.58 -9.33
C GLU A 129 -4.43 -4.09 -10.57
N ALA A 130 -3.40 -4.83 -10.98
CA ALA A 130 -2.62 -4.46 -12.14
C ALA A 130 -1.64 -5.56 -12.51
N LYS A 131 -1.16 -5.55 -13.75
CA LYS A 131 -0.21 -6.54 -14.21
C LYS A 131 1.22 -6.12 -13.87
N THR A 132 1.38 -5.44 -12.75
CA THR A 132 2.70 -4.98 -12.32
C THR A 132 2.72 -4.72 -10.82
N LYS A 133 3.88 -4.90 -10.20
CA LYS A 133 4.02 -4.66 -8.77
C LYS A 133 4.22 -3.18 -8.47
N LYS A 134 4.67 -2.44 -9.48
CA LYS A 134 4.92 -1.01 -9.31
C LYS A 134 3.61 -0.25 -9.13
N LEU A 135 2.70 -0.43 -10.08
CA LEU A 135 1.42 0.25 -10.02
C LEU A 135 0.62 -0.20 -8.80
N ALA A 136 0.64 -1.50 -8.54
CA ALA A 136 -0.10 -2.05 -7.41
C ALA A 136 0.31 -1.36 -6.11
N GLU A 137 1.60 -1.36 -5.82
CA GLU A 137 2.10 -0.72 -4.61
C GLU A 137 1.78 0.77 -4.63
N MET A 138 1.88 1.38 -5.79
CA MET A 138 1.60 2.80 -5.93
C MET A 138 0.15 3.10 -5.58
N SER A 139 -0.76 2.25 -6.06
CA SER A 139 -2.18 2.43 -5.80
C SER A 139 -2.48 2.27 -4.31
N ALA A 140 -1.81 1.32 -3.68
CA ALA A 140 -2.02 1.07 -2.26
C ALA A 140 -1.61 2.30 -1.43
N ALA A 141 -0.43 2.84 -1.74
CA ALA A 141 0.06 4.01 -1.02
C ALA A 141 -0.75 5.24 -1.39
N LYS A 142 -1.39 5.20 -2.55
CA LYS A 142 -2.20 6.33 -3.01
C LYS A 142 -3.49 6.44 -2.19
N VAL A 143 -4.19 5.32 -2.05
CA VAL A 143 -5.45 5.31 -1.31
C VAL A 143 -5.20 5.57 0.17
N ALA A 144 -4.11 4.99 0.69
CA ALA A 144 -3.78 5.16 2.10
C ALA A 144 -3.52 6.62 2.43
N PHE A 145 -2.77 7.29 1.57
CA PHE A 145 -2.45 8.70 1.77
C PHE A 145 -3.72 9.53 1.85
N MET A 146 -4.67 9.25 0.97
CA MET A 146 -5.92 9.98 0.96
C MET A 146 -6.69 9.77 2.25
N SER A 147 -6.68 8.55 2.75
CA SER A 147 -7.39 8.24 3.98
C SER A 147 -6.76 8.94 5.18
N ILE A 148 -5.43 8.88 5.26
CA ILE A 148 -4.72 9.50 6.36
C ILE A 148 -5.13 10.97 6.49
N LYS A 149 -5.38 11.63 5.37
CA LYS A 149 -5.76 13.02 5.39
C LYS A 149 -7.05 13.22 6.20
N ASN A 150 -8.00 12.32 5.99
CA ASN A 150 -9.27 12.41 6.72
C ASN A 150 -9.05 12.25 8.21
N GLY A 151 -8.15 11.33 8.57
CA GLY A 151 -7.84 11.11 9.98
C GLY A 151 -6.73 10.07 10.14
#